data_6B4U
# 
_entry.id   6B4U 
# 
_audit_conform.dict_name       mmcif_pdbx.dic 
_audit_conform.dict_version    5.387 
_audit_conform.dict_location   http://mmcif.pdb.org/dictionaries/ascii/mmcif_pdbx.dic 
# 
loop_
_database_2.database_id 
_database_2.database_code 
_database_2.pdbx_database_accession 
_database_2.pdbx_DOI 
PDB   6B4U         pdb_00006b4u 10.2210/pdb6b4u/pdb 
WWPDB D_1000230261 ?            ?                   
# 
loop_
_pdbx_audit_revision_history.ordinal 
_pdbx_audit_revision_history.data_content_type 
_pdbx_audit_revision_history.major_revision 
_pdbx_audit_revision_history.minor_revision 
_pdbx_audit_revision_history.revision_date 
1 'Structure model' 1 0 2017-10-04 
2 'Structure model' 1 1 2024-03-13 
# 
_pdbx_audit_revision_details.ordinal             1 
_pdbx_audit_revision_details.revision_ordinal    1 
_pdbx_audit_revision_details.data_content_type   'Structure model' 
_pdbx_audit_revision_details.provider            repository 
_pdbx_audit_revision_details.type                'Initial release' 
_pdbx_audit_revision_details.description         ? 
_pdbx_audit_revision_details.details             ? 
# 
loop_
_pdbx_audit_revision_group.ordinal 
_pdbx_audit_revision_group.revision_ordinal 
_pdbx_audit_revision_group.data_content_type 
_pdbx_audit_revision_group.group 
1 2 'Structure model' 'Data collection'     
2 2 'Structure model' 'Database references' 
# 
loop_
_pdbx_audit_revision_category.ordinal 
_pdbx_audit_revision_category.revision_ordinal 
_pdbx_audit_revision_category.data_content_type 
_pdbx_audit_revision_category.category 
1 2 'Structure model' chem_comp_atom 
2 2 'Structure model' chem_comp_bond 
3 2 'Structure model' database_2     
# 
loop_
_pdbx_audit_revision_item.ordinal 
_pdbx_audit_revision_item.revision_ordinal 
_pdbx_audit_revision_item.data_content_type 
_pdbx_audit_revision_item.item 
1 2 'Structure model' '_database_2.pdbx_DOI'                
2 2 'Structure model' '_database_2.pdbx_database_accession' 
# 
_pdbx_database_status.status_code                     REL 
_pdbx_database_status.status_code_sf                  REL 
_pdbx_database_status.status_code_mr                  ? 
_pdbx_database_status.entry_id                        6B4U 
_pdbx_database_status.recvd_initial_deposition_date   2017-09-27 
_pdbx_database_status.SG_entry                        N 
_pdbx_database_status.deposit_site                    RCSB 
_pdbx_database_status.process_site                    RCSB 
_pdbx_database_status.status_code_cs                  ? 
_pdbx_database_status.methods_development_category    ? 
_pdbx_database_status.pdb_format_compatible           Y 
_pdbx_database_status.status_code_nmr_data            ? 
# 
loop_
_pdbx_database_related.db_name 
_pdbx_database_related.details 
_pdbx_database_related.db_id 
_pdbx_database_related.content_type 
PDB 'Same protein different ligand' 5VKC unspecified 
PDB 'Same protein different ligand' 6B4L unspecified 
# 
loop_
_audit_author.name 
_audit_author.pdbx_ordinal 
_audit_author.identifier_ORCID 
'Judge, R.A.'  1 ? 
'Souers, A.J.' 2 ? 
# 
_citation.abstract                  ? 
_citation.abstract_id_CAS           ? 
_citation.book_id_ISBN              ? 
_citation.book_publisher            ? 
_citation.book_publisher_city       ? 
_citation.book_title                ? 
_citation.coordinate_linkage        ? 
_citation.country                   US 
_citation.database_id_Medline       ? 
_citation.details                   ? 
_citation.id                        primary 
_citation.journal_abbrev            'J. Med. Chem.' 
_citation.journal_id_ASTM           JMCMAR 
_citation.journal_id_CSD            0151 
_citation.journal_id_ISSN           1520-4804 
_citation.journal_full              ? 
_citation.journal_issue             ? 
_citation.journal_volume            58 
_citation.language                  ? 
_citation.page_first                2180 
_citation.page_last                 2194 
_citation.title                     'Structure-guided design of a series of MCL-1 inhibitors with high affinity and selectivity.' 
_citation.year                      2015 
_citation.database_id_CSD           ? 
_citation.pdbx_database_id_DOI      10.1021/jm501258m 
_citation.pdbx_database_id_PubMed   25679114 
_citation.unpublished_flag          ? 
# 
loop_
_citation_author.citation_id 
_citation_author.name 
_citation_author.ordinal 
_citation_author.identifier_ORCID 
primary 'Bruncko, M.'     1  ? 
primary 'Wang, L.'        2  ? 
primary 'Sheppard, G.S.'  3  ? 
primary 'Phillips, D.C.'  4  ? 
primary 'Tahir, S.K.'     5  ? 
primary 'Xue, J.'         6  ? 
primary 'Erickson, S.'    7  ? 
primary 'Fidanze, S.'     8  ? 
primary 'Fry, E.'         9  ? 
primary 'Hasvold, L.'     10 ? 
primary 'Jenkins, G.J.'   11 ? 
primary 'Jin, S.'         12 ? 
primary 'Judge, R.A.'     13 ? 
primary 'Kovar, P.J.'     14 ? 
primary 'Madar, D.'       15 ? 
primary 'Nimmer, P.'      16 ? 
primary 'Park, C.'        17 ? 
primary 'Petros, A.M.'    18 ? 
primary 'Rosenberg, S.H.' 19 ? 
primary 'Smith, M.L.'     20 ? 
primary 'Song, X.'        21 ? 
primary 'Sun, C.'         22 ? 
primary 'Tao, Z.F.'       23 ? 
primary 'Wang, X.'        24 ? 
primary 'Xiao, Y.'        25 ? 
primary 'Zhang, H.'       26 ? 
primary 'Tse, C.'         27 ? 
primary 'Leverson, J.D.'  28 ? 
primary 'Elmore, S.W.'    29 ? 
primary 'Souers, A.J.'    30 ? 
# 
loop_
_entity.id 
_entity.type 
_entity.src_method 
_entity.pdbx_description 
_entity.formula_weight 
_entity.pdbx_number_of_molecules 
_entity.pdbx_ec 
_entity.pdbx_mutation 
_entity.pdbx_fragment 
_entity.details 
1 polymer     man 'Induced myeloid leukemia cell differentiation protein Mcl-1'                                                   
17882.391 1   ? ? ? ? 
2 non-polymer syn '7-(2-methylphenyl)-1-[2-(morpholin-4-yl)ethyl]-3-{3-[(naphthalen-1-yl)oxy]propyl}-1H-indole-2-carboxylic acid' 
548.671   1   ? ? ? ? 
3 water       nat water                                                                                                           
18.015    108 ? ? ? ? 
# 
_entity_name_com.entity_id   1 
_entity_name_com.name        'Bcl-2-like protein 3,Bcl2-L-3,Bcl-2-related protein EAT/mcl1,mcl1/EAT' 
# 
_entity_poly.entity_id                      1 
_entity_poly.type                           'polypeptide(L)' 
_entity_poly.nstd_linkage                   no 
_entity_poly.nstd_monomer                   no 
_entity_poly.pdbx_seq_one_letter_code       
;GSMDLYRQSLEIISRYLREQATGAKDTKPMGRSGATSRKALETLRRVGDGVQRNHETAFQGMLRKLDIKNEDDVKSLSRV
MIHVFSDGVTNWGRIVTLISFGAFVAKHLKTINQESCIEPLAESITDVLVRTKRDWLVKQRGWDGFVEFFHVEDLEG
;
_entity_poly.pdbx_seq_one_letter_code_can   
;GSMDLYRQSLEIISRYLREQATGAKDTKPMGRSGATSRKALETLRRVGDGVQRNHETAFQGMLRKLDIKNEDDVKSLSRV
MIHVFSDGVTNWGRIVTLISFGAFVAKHLKTINQESCIEPLAESITDVLVRTKRDWLVKQRGWDGFVEFFHVEDLEG
;
_entity_poly.pdbx_strand_id                 A 
_entity_poly.pdbx_target_identifier         ? 
# 
loop_
_pdbx_entity_nonpoly.entity_id 
_pdbx_entity_nonpoly.name 
_pdbx_entity_nonpoly.comp_id 
2 '7-(2-methylphenyl)-1-[2-(morpholin-4-yl)ethyl]-3-{3-[(naphthalen-1-yl)oxy]propyl}-1H-indole-2-carboxylic acid' CN7 
3 water                                                                                                           HOH 
# 
loop_
_entity_poly_seq.entity_id 
_entity_poly_seq.num 
_entity_poly_seq.mon_id 
_entity_poly_seq.hetero 
1 1   GLY n 
1 2   SER n 
1 3   MET n 
1 4   ASP n 
1 5   LEU n 
1 6   TYR n 
1 7   ARG n 
1 8   GLN n 
1 9   SER n 
1 10  LEU n 
1 11  GLU n 
1 12  ILE n 
1 13  ILE n 
1 14  SER n 
1 15  ARG n 
1 16  TYR n 
1 17  LEU n 
1 18  ARG n 
1 19  GLU n 
1 20  GLN n 
1 21  ALA n 
1 22  THR n 
1 23  GLY n 
1 24  ALA n 
1 25  LYS n 
1 26  ASP n 
1 27  THR n 
1 28  LYS n 
1 29  PRO n 
1 30  MET n 
1 31  GLY n 
1 32  ARG n 
1 33  SER n 
1 34  GLY n 
1 35  ALA n 
1 36  THR n 
1 37  SER n 
1 38  ARG n 
1 39  LYS n 
1 40  ALA n 
1 41  LEU n 
1 42  GLU n 
1 43  THR n 
1 44  LEU n 
1 45  ARG n 
1 46  ARG n 
1 47  VAL n 
1 48  GLY n 
1 49  ASP n 
1 50  GLY n 
1 51  VAL n 
1 52  GLN n 
1 53  ARG n 
1 54  ASN n 
1 55  HIS n 
1 56  GLU n 
1 57  THR n 
1 58  ALA n 
1 59  PHE n 
1 60  GLN n 
1 61  GLY n 
1 62  MET n 
1 63  LEU n 
1 64  ARG n 
1 65  LYS n 
1 66  LEU n 
1 67  ASP n 
1 68  ILE n 
1 69  LYS n 
1 70  ASN n 
1 71  GLU n 
1 72  ASP n 
1 73  ASP n 
1 74  VAL n 
1 75  LYS n 
1 76  SER n 
1 77  LEU n 
1 78  SER n 
1 79  ARG n 
1 80  VAL n 
1 81  MET n 
1 82  ILE n 
1 83  HIS n 
1 84  VAL n 
1 85  PHE n 
1 86  SER n 
1 87  ASP n 
1 88  GLY n 
1 89  VAL n 
1 90  THR n 
1 91  ASN n 
1 92  TRP n 
1 93  GLY n 
1 94  ARG n 
1 95  ILE n 
1 96  VAL n 
1 97  THR n 
1 98  LEU n 
1 99  ILE n 
1 100 SER n 
1 101 PHE n 
1 102 GLY n 
1 103 ALA n 
1 104 PHE n 
1 105 VAL n 
1 106 ALA n 
1 107 LYS n 
1 108 HIS n 
1 109 LEU n 
1 110 LYS n 
1 111 THR n 
1 112 ILE n 
1 113 ASN n 
1 114 GLN n 
1 115 GLU n 
1 116 SER n 
1 117 CYS n 
1 118 ILE n 
1 119 GLU n 
1 120 PRO n 
1 121 LEU n 
1 122 ALA n 
1 123 GLU n 
1 124 SER n 
1 125 ILE n 
1 126 THR n 
1 127 ASP n 
1 128 VAL n 
1 129 LEU n 
1 130 VAL n 
1 131 ARG n 
1 132 THR n 
1 133 LYS n 
1 134 ARG n 
1 135 ASP n 
1 136 TRP n 
1 137 LEU n 
1 138 VAL n 
1 139 LYS n 
1 140 GLN n 
1 141 ARG n 
1 142 GLY n 
1 143 TRP n 
1 144 ASP n 
1 145 GLY n 
1 146 PHE n 
1 147 VAL n 
1 148 GLU n 
1 149 PHE n 
1 150 PHE n 
1 151 HIS n 
1 152 VAL n 
1 153 GLU n 
1 154 ASP n 
1 155 LEU n 
1 156 GLU n 
1 157 GLY n 
# 
_entity_src_gen.entity_id                          1 
_entity_src_gen.pdbx_src_id                        1 
_entity_src_gen.pdbx_alt_source_flag               sample 
_entity_src_gen.pdbx_seq_type                      'Biological sequence' 
_entity_src_gen.pdbx_beg_seq_num                   1 
_entity_src_gen.pdbx_end_seq_num                   157 
_entity_src_gen.gene_src_common_name               Human 
_entity_src_gen.gene_src_genus                     ? 
_entity_src_gen.pdbx_gene_src_gene                 'MCL1, BCL2L3' 
_entity_src_gen.gene_src_species                   ? 
_entity_src_gen.gene_src_strain                    ? 
_entity_src_gen.gene_src_tissue                    ? 
_entity_src_gen.gene_src_tissue_fraction           ? 
_entity_src_gen.gene_src_details                   ? 
_entity_src_gen.pdbx_gene_src_fragment             ? 
_entity_src_gen.pdbx_gene_src_scientific_name      'Homo sapiens' 
_entity_src_gen.pdbx_gene_src_ncbi_taxonomy_id     9606 
_entity_src_gen.pdbx_gene_src_variant              ? 
_entity_src_gen.pdbx_gene_src_cell_line            ? 
_entity_src_gen.pdbx_gene_src_atcc                 ? 
_entity_src_gen.pdbx_gene_src_organ                ? 
_entity_src_gen.pdbx_gene_src_organelle            ? 
_entity_src_gen.pdbx_gene_src_cell                 ? 
_entity_src_gen.pdbx_gene_src_cellular_location    ? 
_entity_src_gen.host_org_common_name               ? 
_entity_src_gen.pdbx_host_org_scientific_name      'Escherichia coli' 
_entity_src_gen.pdbx_host_org_ncbi_taxonomy_id     562 
_entity_src_gen.host_org_genus                     ? 
_entity_src_gen.pdbx_host_org_gene                 ? 
_entity_src_gen.pdbx_host_org_organ                ? 
_entity_src_gen.host_org_species                   ? 
_entity_src_gen.pdbx_host_org_tissue               ? 
_entity_src_gen.pdbx_host_org_tissue_fraction      ? 
_entity_src_gen.pdbx_host_org_strain               ? 
_entity_src_gen.pdbx_host_org_variant              ? 
_entity_src_gen.pdbx_host_org_cell_line            ? 
_entity_src_gen.pdbx_host_org_atcc                 ? 
_entity_src_gen.pdbx_host_org_culture_collection   ? 
_entity_src_gen.pdbx_host_org_cell                 ? 
_entity_src_gen.pdbx_host_org_organelle            ? 
_entity_src_gen.pdbx_host_org_cellular_location    ? 
_entity_src_gen.pdbx_host_org_vector_type          ? 
_entity_src_gen.pdbx_host_org_vector               ? 
_entity_src_gen.host_org_details                   ? 
_entity_src_gen.expression_system_id               ? 
_entity_src_gen.plasmid_name                       ? 
_entity_src_gen.plasmid_details                    ? 
_entity_src_gen.pdbx_description                   ? 
# 
loop_
_chem_comp.id 
_chem_comp.type 
_chem_comp.mon_nstd_flag 
_chem_comp.name 
_chem_comp.pdbx_synonyms 
_chem_comp.formula 
_chem_comp.formula_weight 
ALA 'L-peptide linking' y ALANINE ? 'C3 H7 N O2'     89.093  
ARG 'L-peptide linking' y ARGININE ? 'C6 H15 N4 O2 1' 175.209 
ASN 'L-peptide linking' y ASPARAGINE ? 'C4 H8 N2 O3'    132.118 
ASP 'L-peptide linking' y 'ASPARTIC ACID' ? 'C4 H7 N O4'     133.103 
CN7 non-polymer         . 
'7-(2-methylphenyl)-1-[2-(morpholin-4-yl)ethyl]-3-{3-[(naphthalen-1-yl)oxy]propyl}-1H-indole-2-carboxylic acid' ? 'C35 H36 N2 O4'  
548.671 
CYS 'L-peptide linking' y CYSTEINE ? 'C3 H7 N O2 S'   121.158 
GLN 'L-peptide linking' y GLUTAMINE ? 'C5 H10 N2 O3'   146.144 
GLU 'L-peptide linking' y 'GLUTAMIC ACID' ? 'C5 H9 N O4'     147.129 
GLY 'peptide linking'   y GLYCINE ? 'C2 H5 N O2'     75.067  
HIS 'L-peptide linking' y HISTIDINE ? 'C6 H10 N3 O2 1' 156.162 
HOH non-polymer         . WATER ? 'H2 O'           18.015  
ILE 'L-peptide linking' y ISOLEUCINE ? 'C6 H13 N O2'    131.173 
LEU 'L-peptide linking' y LEUCINE ? 'C6 H13 N O2'    131.173 
LYS 'L-peptide linking' y LYSINE ? 'C6 H15 N2 O2 1' 147.195 
MET 'L-peptide linking' y METHIONINE ? 'C5 H11 N O2 S'  149.211 
PHE 'L-peptide linking' y PHENYLALANINE ? 'C9 H11 N O2'    165.189 
PRO 'L-peptide linking' y PROLINE ? 'C5 H9 N O2'     115.130 
SER 'L-peptide linking' y SERINE ? 'C3 H7 N O3'     105.093 
THR 'L-peptide linking' y THREONINE ? 'C4 H9 N O3'     119.119 
TRP 'L-peptide linking' y TRYPTOPHAN ? 'C11 H12 N2 O2'  204.225 
TYR 'L-peptide linking' y TYROSINE ? 'C9 H11 N O3'    181.189 
VAL 'L-peptide linking' y VALINE ? 'C5 H11 N O2'    117.146 
# 
loop_
_pdbx_poly_seq_scheme.asym_id 
_pdbx_poly_seq_scheme.entity_id 
_pdbx_poly_seq_scheme.seq_id 
_pdbx_poly_seq_scheme.mon_id 
_pdbx_poly_seq_scheme.ndb_seq_num 
_pdbx_poly_seq_scheme.pdb_seq_num 
_pdbx_poly_seq_scheme.auth_seq_num 
_pdbx_poly_seq_scheme.pdb_mon_id 
_pdbx_poly_seq_scheme.auth_mon_id 
_pdbx_poly_seq_scheme.pdb_strand_id 
_pdbx_poly_seq_scheme.pdb_ins_code 
_pdbx_poly_seq_scheme.hetero 
A 1 1   GLY 1   170 ?   ?   ?   A . n 
A 1 2   SER 2   171 171 SER SER A . n 
A 1 3   MET 3   172 172 MET MET A . n 
A 1 4   ASP 4   173 173 ASP ASP A . n 
A 1 5   LEU 5   174 174 LEU LEU A . n 
A 1 6   TYR 6   175 175 TYR TYR A . n 
A 1 7   ARG 7   176 176 ARG ARG A . n 
A 1 8   GLN 8   177 177 GLN GLN A . n 
A 1 9   SER 9   178 178 SER SER A . n 
A 1 10  LEU 10  179 179 LEU LEU A . n 
A 1 11  GLU 11  180 180 GLU GLU A . n 
A 1 12  ILE 12  181 181 ILE ILE A . n 
A 1 13  ILE 13  182 182 ILE ILE A . n 
A 1 14  SER 14  183 183 SER SER A . n 
A 1 15  ARG 15  184 184 ARG ARG A . n 
A 1 16  TYR 16  185 185 TYR TYR A . n 
A 1 17  LEU 17  186 186 LEU LEU A . n 
A 1 18  ARG 18  187 187 ARG ARG A . n 
A 1 19  GLU 19  188 188 GLU GLU A . n 
A 1 20  GLN 20  189 189 GLN GLN A . n 
A 1 21  ALA 21  190 190 ALA ALA A . n 
A 1 22  THR 22  191 191 THR THR A . n 
A 1 23  GLY 23  192 192 GLY GLY A . n 
A 1 24  ALA 24  193 193 ALA ALA A . n 
A 1 25  LYS 25  194 194 LYS LYS A . n 
A 1 26  ASP 26  195 195 ASP ASP A . n 
A 1 27  THR 27  196 196 THR THR A . n 
A 1 28  LYS 28  197 197 LYS LYS A . n 
A 1 29  PRO 29  198 198 PRO PRO A . n 
A 1 30  MET 30  199 199 MET MET A . n 
A 1 31  GLY 31  200 200 GLY GLY A . n 
A 1 32  ARG 32  201 201 ARG ARG A . n 
A 1 33  SER 33  202 202 SER SER A . n 
A 1 34  GLY 34  203 203 GLY GLY A . n 
A 1 35  ALA 35  204 204 ALA ALA A . n 
A 1 36  THR 36  205 205 THR THR A . n 
A 1 37  SER 37  206 206 SER SER A . n 
A 1 38  ARG 38  207 207 ARG ARG A . n 
A 1 39  LYS 39  208 208 LYS LYS A . n 
A 1 40  ALA 40  209 209 ALA ALA A . n 
A 1 41  LEU 41  210 210 LEU LEU A . n 
A 1 42  GLU 42  211 211 GLU GLU A . n 
A 1 43  THR 43  212 212 THR THR A . n 
A 1 44  LEU 44  213 213 LEU LEU A . n 
A 1 45  ARG 45  214 214 ARG ARG A . n 
A 1 46  ARG 46  215 215 ARG ARG A . n 
A 1 47  VAL 47  216 216 VAL VAL A . n 
A 1 48  GLY 48  217 217 GLY GLY A . n 
A 1 49  ASP 49  218 218 ASP ASP A . n 
A 1 50  GLY 50  219 219 GLY GLY A . n 
A 1 51  VAL 51  220 220 VAL VAL A . n 
A 1 52  GLN 52  221 221 GLN GLN A . n 
A 1 53  ARG 53  222 222 ARG ARG A . n 
A 1 54  ASN 54  223 223 ASN ASN A . n 
A 1 55  HIS 55  224 224 HIS HIS A . n 
A 1 56  GLU 56  225 225 GLU GLU A . n 
A 1 57  THR 57  226 226 THR THR A . n 
A 1 58  ALA 58  227 227 ALA ALA A . n 
A 1 59  PHE 59  228 228 PHE PHE A . n 
A 1 60  GLN 60  229 229 GLN GLN A . n 
A 1 61  GLY 61  230 230 GLY GLY A . n 
A 1 62  MET 62  231 231 MET MET A . n 
A 1 63  LEU 63  232 232 LEU LEU A . n 
A 1 64  ARG 64  233 233 ARG ARG A . n 
A 1 65  LYS 65  234 234 LYS LYS A . n 
A 1 66  LEU 66  235 235 LEU LEU A . n 
A 1 67  ASP 67  236 236 ASP ASP A . n 
A 1 68  ILE 68  237 237 ILE ILE A . n 
A 1 69  LYS 69  238 238 LYS LYS A . n 
A 1 70  ASN 70  239 239 ASN ASN A . n 
A 1 71  GLU 71  240 240 GLU GLU A . n 
A 1 72  ASP 72  241 241 ASP ASP A . n 
A 1 73  ASP 73  242 242 ASP ASP A . n 
A 1 74  VAL 74  243 243 VAL VAL A . n 
A 1 75  LYS 75  244 244 LYS LYS A . n 
A 1 76  SER 76  245 245 SER SER A . n 
A 1 77  LEU 77  246 246 LEU LEU A . n 
A 1 78  SER 78  247 247 SER SER A . n 
A 1 79  ARG 79  248 248 ARG ARG A . n 
A 1 80  VAL 80  249 249 VAL VAL A . n 
A 1 81  MET 81  250 250 MET MET A . n 
A 1 82  ILE 82  251 251 ILE ILE A . n 
A 1 83  HIS 83  252 252 HIS HIS A . n 
A 1 84  VAL 84  253 253 VAL VAL A . n 
A 1 85  PHE 85  254 254 PHE PHE A . n 
A 1 86  SER 86  255 255 SER SER A . n 
A 1 87  ASP 87  256 256 ASP ASP A . n 
A 1 88  GLY 88  257 257 GLY GLY A . n 
A 1 89  VAL 89  258 258 VAL VAL A . n 
A 1 90  THR 90  259 259 THR THR A . n 
A 1 91  ASN 91  260 260 ASN ASN A . n 
A 1 92  TRP 92  261 261 TRP TRP A . n 
A 1 93  GLY 93  262 262 GLY GLY A . n 
A 1 94  ARG 94  263 263 ARG ARG A . n 
A 1 95  ILE 95  264 264 ILE ILE A . n 
A 1 96  VAL 96  265 265 VAL VAL A . n 
A 1 97  THR 97  266 266 THR THR A . n 
A 1 98  LEU 98  267 267 LEU LEU A . n 
A 1 99  ILE 99  268 268 ILE ILE A . n 
A 1 100 SER 100 269 269 SER SER A . n 
A 1 101 PHE 101 270 270 PHE PHE A . n 
A 1 102 GLY 102 271 271 GLY GLY A . n 
A 1 103 ALA 103 272 272 ALA ALA A . n 
A 1 104 PHE 104 273 273 PHE PHE A . n 
A 1 105 VAL 105 274 274 VAL VAL A . n 
A 1 106 ALA 106 275 275 ALA ALA A . n 
A 1 107 LYS 107 276 276 LYS LYS A . n 
A 1 108 HIS 108 277 277 HIS HIS A . n 
A 1 109 LEU 109 278 278 LEU LEU A . n 
A 1 110 LYS 110 279 279 LYS LYS A . n 
A 1 111 THR 111 280 280 THR THR A . n 
A 1 112 ILE 112 281 281 ILE ILE A . n 
A 1 113 ASN 113 282 282 ASN ASN A . n 
A 1 114 GLN 114 283 283 GLN GLN A . n 
A 1 115 GLU 115 284 284 GLU GLU A . n 
A 1 116 SER 116 285 285 SER SER A . n 
A 1 117 CYS 117 286 286 CYS CYS A . n 
A 1 118 ILE 118 287 287 ILE ILE A . n 
A 1 119 GLU 119 288 288 GLU GLU A . n 
A 1 120 PRO 120 289 289 PRO PRO A . n 
A 1 121 LEU 121 290 290 LEU LEU A . n 
A 1 122 ALA 122 291 291 ALA ALA A . n 
A 1 123 GLU 123 292 292 GLU GLU A . n 
A 1 124 SER 124 293 293 SER SER A . n 
A 1 125 ILE 125 294 294 ILE ILE A . n 
A 1 126 THR 126 295 295 THR THR A . n 
A 1 127 ASP 127 296 296 ASP ASP A . n 
A 1 128 VAL 128 297 297 VAL VAL A . n 
A 1 129 LEU 129 298 298 LEU LEU A . n 
A 1 130 VAL 130 299 299 VAL VAL A . n 
A 1 131 ARG 131 300 300 ARG ARG A . n 
A 1 132 THR 132 301 301 THR THR A . n 
A 1 133 LYS 133 302 302 LYS LYS A . n 
A 1 134 ARG 134 303 303 ARG ARG A . n 
A 1 135 ASP 135 304 304 ASP ASP A . n 
A 1 136 TRP 136 305 305 TRP TRP A . n 
A 1 137 LEU 137 306 306 LEU LEU A . n 
A 1 138 VAL 138 307 307 VAL VAL A . n 
A 1 139 LYS 139 308 308 LYS LYS A . n 
A 1 140 GLN 140 309 309 GLN GLN A . n 
A 1 141 ARG 141 310 310 ARG ARG A . n 
A 1 142 GLY 142 311 311 GLY GLY A . n 
A 1 143 TRP 143 312 312 TRP TRP A . n 
A 1 144 ASP 144 313 313 ASP ASP A . n 
A 1 145 GLY 145 314 314 GLY GLY A . n 
A 1 146 PHE 146 315 315 PHE PHE A . n 
A 1 147 VAL 147 316 316 VAL VAL A . n 
A 1 148 GLU 148 317 317 GLU GLU A . n 
A 1 149 PHE 149 318 318 PHE PHE A . n 
A 1 150 PHE 150 319 319 PHE PHE A . n 
A 1 151 HIS 151 320 320 HIS HIS A . n 
A 1 152 VAL 152 321 321 VAL VAL A . n 
A 1 153 GLU 153 322 322 GLU GLU A . n 
A 1 154 ASP 154 323 323 ASP ASP A . n 
A 1 155 LEU 155 324 324 LEU LEU A . n 
A 1 156 GLU 156 325 325 GLU GLU A . n 
A 1 157 GLY 157 326 ?   ?   ?   A . n 
# 
loop_
_pdbx_nonpoly_scheme.asym_id 
_pdbx_nonpoly_scheme.entity_id 
_pdbx_nonpoly_scheme.mon_id 
_pdbx_nonpoly_scheme.ndb_seq_num 
_pdbx_nonpoly_scheme.pdb_seq_num 
_pdbx_nonpoly_scheme.auth_seq_num 
_pdbx_nonpoly_scheme.pdb_mon_id 
_pdbx_nonpoly_scheme.auth_mon_id 
_pdbx_nonpoly_scheme.pdb_strand_id 
_pdbx_nonpoly_scheme.pdb_ins_code 
B 2 CN7 1   401 1   CN7 LIG A . 
C 3 HOH 1   501 28  HOH HOH A . 
C 3 HOH 2   502 3   HOH HOH A . 
C 3 HOH 3   503 46  HOH HOH A . 
C 3 HOH 4   504 5   HOH HOH A . 
C 3 HOH 5   505 40  HOH HOH A . 
C 3 HOH 6   506 80  HOH HOH A . 
C 3 HOH 7   507 32  HOH HOH A . 
C 3 HOH 8   508 93  HOH HOH A . 
C 3 HOH 9   509 17  HOH HOH A . 
C 3 HOH 10  510 45  HOH HOH A . 
C 3 HOH 11  511 73  HOH HOH A . 
C 3 HOH 12  512 43  HOH HOH A . 
C 3 HOH 13  513 11  HOH HOH A . 
C 3 HOH 14  514 39  HOH HOH A . 
C 3 HOH 15  515 75  HOH HOH A . 
C 3 HOH 16  516 56  HOH HOH A . 
C 3 HOH 17  517 7   HOH HOH A . 
C 3 HOH 18  518 103 HOH HOH A . 
C 3 HOH 19  519 88  HOH HOH A . 
C 3 HOH 20  520 82  HOH HOH A . 
C 3 HOH 21  521 57  HOH HOH A . 
C 3 HOH 22  522 14  HOH HOH A . 
C 3 HOH 23  523 70  HOH HOH A . 
C 3 HOH 24  524 10  HOH HOH A . 
C 3 HOH 25  525 9   HOH HOH A . 
C 3 HOH 26  526 92  HOH HOH A . 
C 3 HOH 27  527 42  HOH HOH A . 
C 3 HOH 28  528 99  HOH HOH A . 
C 3 HOH 29  529 29  HOH HOH A . 
C 3 HOH 30  530 108 HOH HOH A . 
C 3 HOH 31  531 2   HOH HOH A . 
C 3 HOH 32  532 89  HOH HOH A . 
C 3 HOH 33  533 37  HOH HOH A . 
C 3 HOH 34  534 44  HOH HOH A . 
C 3 HOH 35  535 15  HOH HOH A . 
C 3 HOH 36  536 8   HOH HOH A . 
C 3 HOH 37  537 13  HOH HOH A . 
C 3 HOH 38  538 34  HOH HOH A . 
C 3 HOH 39  539 76  HOH HOH A . 
C 3 HOH 40  540 25  HOH HOH A . 
C 3 HOH 41  541 38  HOH HOH A . 
C 3 HOH 42  542 63  HOH HOH A . 
C 3 HOH 43  543 22  HOH HOH A . 
C 3 HOH 44  544 20  HOH HOH A . 
C 3 HOH 45  545 52  HOH HOH A . 
C 3 HOH 46  546 77  HOH HOH A . 
C 3 HOH 47  547 19  HOH HOH A . 
C 3 HOH 48  548 26  HOH HOH A . 
C 3 HOH 49  549 23  HOH HOH A . 
C 3 HOH 50  550 36  HOH HOH A . 
C 3 HOH 51  551 6   HOH HOH A . 
C 3 HOH 52  552 55  HOH HOH A . 
C 3 HOH 53  553 53  HOH HOH A . 
C 3 HOH 54  554 104 HOH HOH A . 
C 3 HOH 55  555 60  HOH HOH A . 
C 3 HOH 56  556 49  HOH HOH A . 
C 3 HOH 57  557 71  HOH HOH A . 
C 3 HOH 58  558 31  HOH HOH A . 
C 3 HOH 59  559 105 HOH HOH A . 
C 3 HOH 60  560 68  HOH HOH A . 
C 3 HOH 61  561 16  HOH HOH A . 
C 3 HOH 62  562 21  HOH HOH A . 
C 3 HOH 63  563 35  HOH HOH A . 
C 3 HOH 64  564 48  HOH HOH A . 
C 3 HOH 65  565 58  HOH HOH A . 
C 3 HOH 66  566 78  HOH HOH A . 
C 3 HOH 67  567 33  HOH HOH A . 
C 3 HOH 68  568 69  HOH HOH A . 
C 3 HOH 69  569 66  HOH HOH A . 
C 3 HOH 70  570 18  HOH HOH A . 
C 3 HOH 71  571 72  HOH HOH A . 
C 3 HOH 72  572 67  HOH HOH A . 
C 3 HOH 73  573 94  HOH HOH A . 
C 3 HOH 74  574 74  HOH HOH A . 
C 3 HOH 75  575 50  HOH HOH A . 
C 3 HOH 76  576 96  HOH HOH A . 
C 3 HOH 77  577 30  HOH HOH A . 
C 3 HOH 78  578 81  HOH HOH A . 
C 3 HOH 79  579 65  HOH HOH A . 
C 3 HOH 80  580 51  HOH HOH A . 
C 3 HOH 81  581 83  HOH HOH A . 
C 3 HOH 82  582 12  HOH HOH A . 
C 3 HOH 83  583 101 HOH HOH A . 
C 3 HOH 84  584 86  HOH HOH A . 
C 3 HOH 85  585 54  HOH HOH A . 
C 3 HOH 86  586 91  HOH HOH A . 
C 3 HOH 87  587 97  HOH HOH A . 
C 3 HOH 88  588 87  HOH HOH A . 
C 3 HOH 89  589 59  HOH HOH A . 
C 3 HOH 90  590 79  HOH HOH A . 
C 3 HOH 91  591 41  HOH HOH A . 
C 3 HOH 92  592 1   HOH HOH A . 
C 3 HOH 93  593 107 HOH HOH A . 
C 3 HOH 94  594 100 HOH HOH A . 
C 3 HOH 95  595 24  HOH HOH A . 
C 3 HOH 96  596 98  HOH HOH A . 
C 3 HOH 97  597 62  HOH HOH A . 
C 3 HOH 98  598 85  HOH HOH A . 
C 3 HOH 99  599 27  HOH HOH A . 
C 3 HOH 100 600 90  HOH HOH A . 
C 3 HOH 101 601 61  HOH HOH A . 
C 3 HOH 102 602 84  HOH HOH A . 
C 3 HOH 103 603 106 HOH HOH A . 
C 3 HOH 104 604 47  HOH HOH A . 
C 3 HOH 105 605 95  HOH HOH A . 
C 3 HOH 106 606 64  HOH HOH A . 
C 3 HOH 107 607 102 HOH HOH A . 
C 3 HOH 108 608 4   HOH HOH A . 
# 
loop_
_software.citation_id 
_software.classification 
_software.compiler_name 
_software.compiler_version 
_software.contact_author 
_software.contact_author_email 
_software.date 
_software.description 
_software.dependencies 
_software.hardware 
_software.language 
_software.location 
_software.mods 
_software.name 
_software.os 
_software.os_version 
_software.type 
_software.version 
_software.pdbx_ordinal 
? 'data scaling'    ? ? ? ? ? ? ? ? ? ? ? SCALEPACK   ? ? ? .      1 
? refinement        ? ? ? ? ? ? ? ? ? ? ? BUSTER      ? ? ? 2.11.7 2 
? 'data extraction' ? ? ? ? ? ? ? ? ? ? ? PDB_EXTRACT ? ? ? 3.22   3 
? 'data reduction'  ? ? ? ? ? ? ? ? ? ? ? DENZO       ? ? ? .      4 
? phasing           ? ? ? ? ? ? ? ? ? ? ? MOLREP      ? ? ? .      5 
# 
_cell.angle_alpha                  90.000 
_cell.angle_alpha_esd              ? 
_cell.angle_beta                   90.000 
_cell.angle_beta_esd               ? 
_cell.angle_gamma                  90.000 
_cell.angle_gamma_esd              ? 
_cell.entry_id                     6B4U 
_cell.details                      ? 
_cell.formula_units_Z              ? 
_cell.length_a                     48.355 
_cell.length_a_esd                 ? 
_cell.length_b                     80.597 
_cell.length_b_esd                 ? 
_cell.length_c                     89.358 
_cell.length_c_esd                 ? 
_cell.volume                       ? 
_cell.volume_esd                   ? 
_cell.Z_PDB                        8 
_cell.reciprocal_angle_alpha       ? 
_cell.reciprocal_angle_beta        ? 
_cell.reciprocal_angle_gamma       ? 
_cell.reciprocal_angle_alpha_esd   ? 
_cell.reciprocal_angle_beta_esd    ? 
_cell.reciprocal_angle_gamma_esd   ? 
_cell.reciprocal_length_a          ? 
_cell.reciprocal_length_b          ? 
_cell.reciprocal_length_c          ? 
_cell.reciprocal_length_a_esd      ? 
_cell.reciprocal_length_b_esd      ? 
_cell.reciprocal_length_c_esd      ? 
_cell.pdbx_unique_axis             ? 
# 
_symmetry.entry_id                         6B4U 
_symmetry.cell_setting                     ? 
_symmetry.Int_Tables_number                20 
_symmetry.space_group_name_Hall            ? 
_symmetry.space_group_name_H-M             'C 2 2 21' 
_symmetry.pdbx_full_space_group_name_H-M   ? 
# 
_exptl.absorpt_coefficient_mu     ? 
_exptl.absorpt_correction_T_max   ? 
_exptl.absorpt_correction_T_min   ? 
_exptl.absorpt_correction_type    ? 
_exptl.absorpt_process_details    ? 
_exptl.entry_id                   6B4U 
_exptl.crystals_number            1 
_exptl.details                    ? 
_exptl.method                     'X-RAY DIFFRACTION' 
_exptl.method_details             ? 
# 
_exptl_crystal.colour                      ? 
_exptl_crystal.density_diffrn              ? 
_exptl_crystal.density_Matthews            2.45 
_exptl_crystal.density_method              ? 
_exptl_crystal.density_percent_sol         49.80 
_exptl_crystal.description                 ? 
_exptl_crystal.F_000                       ? 
_exptl_crystal.id                          1 
_exptl_crystal.preparation                 ? 
_exptl_crystal.size_max                    ? 
_exptl_crystal.size_mid                    ? 
_exptl_crystal.size_min                    ? 
_exptl_crystal.size_rad                    ? 
_exptl_crystal.colour_lustre               ? 
_exptl_crystal.colour_modifier             ? 
_exptl_crystal.colour_primary              ? 
_exptl_crystal.density_meas                ? 
_exptl_crystal.density_meas_esd            ? 
_exptl_crystal.density_meas_gt             ? 
_exptl_crystal.density_meas_lt             ? 
_exptl_crystal.density_meas_temp           ? 
_exptl_crystal.density_meas_temp_esd       ? 
_exptl_crystal.density_meas_temp_gt        ? 
_exptl_crystal.density_meas_temp_lt        ? 
_exptl_crystal.pdbx_crystal_image_url      ? 
_exptl_crystal.pdbx_crystal_image_format   ? 
_exptl_crystal.pdbx_mosaicity              ? 
_exptl_crystal.pdbx_mosaicity_esd          ? 
# 
_exptl_crystal_grow.apparatus       ? 
_exptl_crystal_grow.atmosphere      ? 
_exptl_crystal_grow.crystal_id      1 
_exptl_crystal_grow.details         ? 
_exptl_crystal_grow.method          'VAPOR DIFFUSION, HANGING DROP' 
_exptl_crystal_grow.method_ref      ? 
_exptl_crystal_grow.pH              9.5 
_exptl_crystal_grow.pressure        ? 
_exptl_crystal_grow.pressure_esd    ? 
_exptl_crystal_grow.seeding         ? 
_exptl_crystal_grow.seeding_ref     ? 
_exptl_crystal_grow.temp            277 
_exptl_crystal_grow.temp_details    ? 
_exptl_crystal_grow.temp_esd        ? 
_exptl_crystal_grow.time            ? 
_exptl_crystal_grow.pdbx_details    '18%(w/v)PEG 8000, 0.1M CHES pH 9.5, 4%(v/v)1,1,1,3,3,3 hexafluor-2-propanol' 
_exptl_crystal_grow.pdbx_pH_range   '7.5 - 9.5' 
# 
_diffrn.ambient_environment    ? 
_diffrn.ambient_temp           100 
_diffrn.ambient_temp_details   ? 
_diffrn.ambient_temp_esd       ? 
_diffrn.crystal_id             1 
_diffrn.crystal_support        ? 
_diffrn.crystal_treatment      ? 
_diffrn.details                ? 
_diffrn.id                     1 
_diffrn.ambient_pressure       ? 
_diffrn.ambient_pressure_esd   ? 
_diffrn.ambient_pressure_gt    ? 
_diffrn.ambient_pressure_lt    ? 
_diffrn.ambient_temp_gt        ? 
_diffrn.ambient_temp_lt        ? 
# 
_diffrn_detector.details                      ? 
_diffrn_detector.detector                     CCD 
_diffrn_detector.diffrn_id                    1 
_diffrn_detector.type                         MARRESEARCH 
_diffrn_detector.area_resol_mean              ? 
_diffrn_detector.dtime                        ? 
_diffrn_detector.pdbx_frames_total            ? 
_diffrn_detector.pdbx_collection_time_total   ? 
_diffrn_detector.pdbx_collection_date         2007-05-14 
# 
_diffrn_radiation.collimation                      ? 
_diffrn_radiation.diffrn_id                        1 
_diffrn_radiation.filter_edge                      ? 
_diffrn_radiation.inhomogeneity                    ? 
_diffrn_radiation.monochromator                    ? 
_diffrn_radiation.polarisn_norm                    ? 
_diffrn_radiation.polarisn_ratio                   ? 
_diffrn_radiation.probe                            ? 
_diffrn_radiation.type                             ? 
_diffrn_radiation.xray_symbol                      ? 
_diffrn_radiation.wavelength_id                    1 
_diffrn_radiation.pdbx_monochromatic_or_laue_m_l   M 
_diffrn_radiation.pdbx_wavelength_list             ? 
_diffrn_radiation.pdbx_wavelength                  ? 
_diffrn_radiation.pdbx_diffrn_protocol             'SINGLE WAVELENGTH' 
_diffrn_radiation.pdbx_analyzer                    ? 
_diffrn_radiation.pdbx_scattering_type             x-ray 
# 
_diffrn_radiation_wavelength.id           1 
_diffrn_radiation_wavelength.wavelength   1.000 
_diffrn_radiation_wavelength.wt           1.0 
# 
_diffrn_source.current                     ? 
_diffrn_source.details                     ? 
_diffrn_source.diffrn_id                   1 
_diffrn_source.power                       ? 
_diffrn_source.size                        ? 
_diffrn_source.source                      SYNCHROTRON 
_diffrn_source.target                      ? 
_diffrn_source.type                        'ALS BEAMLINE 5.0.1' 
_diffrn_source.voltage                     ? 
_diffrn_source.take-off_angle              ? 
_diffrn_source.pdbx_wavelength_list        1.000 
_diffrn_source.pdbx_wavelength             ? 
_diffrn_source.pdbx_synchrotron_beamline   5.0.1 
_diffrn_source.pdbx_synchrotron_site       ALS 
# 
_reflns.B_iso_Wilson_estimate            33.910 
_reflns.entry_id                         6B4U 
_reflns.data_reduction_details           ? 
_reflns.data_reduction_method            ? 
_reflns.d_resolution_high                1.950 
_reflns.d_resolution_low                 50.000 
_reflns.details                          ? 
_reflns.limit_h_max                      ? 
_reflns.limit_h_min                      ? 
_reflns.limit_k_max                      ? 
_reflns.limit_k_min                      ? 
_reflns.limit_l_max                      ? 
_reflns.limit_l_min                      ? 
_reflns.number_all                       ? 
_reflns.number_obs                       12142 
_reflns.observed_criterion               ? 
_reflns.observed_criterion_F_max         ? 
_reflns.observed_criterion_F_min         ? 
_reflns.observed_criterion_I_max         ? 
_reflns.observed_criterion_I_min         ? 
_reflns.observed_criterion_sigma_F       ? 
_reflns.observed_criterion_sigma_I       ? 
_reflns.percent_possible_obs             92.900 
_reflns.R_free_details                   ? 
_reflns.Rmerge_F_all                     ? 
_reflns.Rmerge_F_obs                     ? 
_reflns.Friedel_coverage                 ? 
_reflns.number_gt                        ? 
_reflns.threshold_expression             ? 
_reflns.pdbx_redundancy                  6.300 
_reflns.pdbx_Rmerge_I_obs                0.041 
_reflns.pdbx_Rmerge_I_all                ? 
_reflns.pdbx_Rsym_value                  ? 
_reflns.pdbx_netI_over_av_sigmaI         ? 
_reflns.pdbx_netI_over_sigmaI            18.300 
_reflns.pdbx_res_netI_over_av_sigmaI_2   ? 
_reflns.pdbx_res_netI_over_sigmaI_2      ? 
_reflns.pdbx_chi_squared                 1.101 
_reflns.pdbx_scaling_rejects             ? 
_reflns.pdbx_d_res_high_opt              ? 
_reflns.pdbx_d_res_low_opt               ? 
_reflns.pdbx_d_res_opt_method            ? 
_reflns.phase_calculation_details        ? 
_reflns.pdbx_Rrim_I_all                  ? 
_reflns.pdbx_Rpim_I_all                  ? 
_reflns.pdbx_d_opt                       ? 
_reflns.pdbx_number_measured_all         ? 
_reflns.pdbx_diffrn_id                   1 
_reflns.pdbx_ordinal                     1 
_reflns.pdbx_CC_half                     ? 
_reflns.pdbx_R_split                     ? 
# 
loop_
_reflns_shell.d_res_high 
_reflns_shell.d_res_low 
_reflns_shell.meanI_over_sigI_all 
_reflns_shell.meanI_over_sigI_obs 
_reflns_shell.number_measured_all 
_reflns_shell.number_measured_obs 
_reflns_shell.number_possible 
_reflns_shell.number_unique_all 
_reflns_shell.number_unique_obs 
_reflns_shell.percent_possible_all 
_reflns_shell.percent_possible_obs 
_reflns_shell.Rmerge_F_all 
_reflns_shell.Rmerge_F_obs 
_reflns_shell.Rmerge_I_all 
_reflns_shell.Rmerge_I_obs 
_reflns_shell.meanI_over_sigI_gt 
_reflns_shell.meanI_over_uI_all 
_reflns_shell.meanI_over_uI_gt 
_reflns_shell.number_measured_gt 
_reflns_shell.number_unique_gt 
_reflns_shell.percent_possible_gt 
_reflns_shell.Rmerge_F_gt 
_reflns_shell.Rmerge_I_gt 
_reflns_shell.pdbx_redundancy 
_reflns_shell.pdbx_Rsym_value 
_reflns_shell.pdbx_chi_squared 
_reflns_shell.pdbx_netI_over_sigmaI_all 
_reflns_shell.pdbx_netI_over_sigmaI_obs 
_reflns_shell.pdbx_Rrim_I_all 
_reflns_shell.pdbx_Rpim_I_all 
_reflns_shell.pdbx_rejects 
_reflns_shell.pdbx_ordinal 
_reflns_shell.pdbx_diffrn_id 
_reflns_shell.pdbx_CC_half 
_reflns_shell.pdbx_R_split 
1.950 2.020  ? ? ? ? ? ? 683  53.100  ? ? ? ? 0.300 ? ? ? ? ? ? ? ? 2.500 ? 1.150 ? ? ? ? ? 1  1 ? ? 
2.020 2.100  ? ? ? ? ? ? 1022 80.300  ? ? ? ? 0.273 ? ? ? ? ? ? ? ? 3.700 ? 1.166 ? ? ? ? ? 2  1 ? ? 
2.100 2.200  ? ? ? ? ? ? 1231 95.700  ? ? ? ? 0.201 ? ? ? ? ? ? ? ? 5.100 ? 1.144 ? ? ? ? ? 3  1 ? ? 
2.200 2.310  ? ? ? ? ? ? 1284 99.900  ? ? ? ? 0.163 ? ? ? ? ? ? ? ? 6.600 ? 1.142 ? ? ? ? ? 4  1 ? ? 
2.310 2.460  ? ? ? ? ? ? 1298 100.000 ? ? ? ? 0.122 ? ? ? ? ? ? ? ? 7.100 ? 1.113 ? ? ? ? ? 5  1 ? ? 
2.460 2.650  ? ? ? ? ? ? 1292 100.000 ? ? ? ? 0.088 ? ? ? ? ? ? ? ? 7.200 ? 1.070 ? ? ? ? ? 6  1 ? ? 
2.650 2.910  ? ? ? ? ? ? 1296 100.000 ? ? ? ? 0.063 ? ? ? ? ? ? ? ? 7.300 ? 1.071 ? ? ? ? ? 7  1 ? ? 
2.910 3.330  ? ? ? ? ? ? 1313 99.900  ? ? ? ? 0.042 ? ? ? ? ? ? ? ? 7.200 ? 1.116 ? ? ? ? ? 8  1 ? ? 
3.330 4.200  ? ? ? ? ? ? 1329 99.900  ? ? ? ? 0.028 ? ? ? ? ? ? ? ? 7.200 ? 1.018 ? ? ? ? ? 9  1 ? ? 
4.200 50.000 ? ? ? ? ? ? 1394 99.300  ? ? ? ? 0.028 ? ? ? ? ? ? ? ? 6.700 ? 1.125 ? ? ? ? ? 10 1 ? ? 
# 
_refine.aniso_B[1][1]                            3.0173 
_refine.aniso_B[1][2]                            0.0000 
_refine.aniso_B[1][3]                            0.0000 
_refine.aniso_B[2][2]                            -7.7706 
_refine.aniso_B[2][3]                            0.0000 
_refine.aniso_B[3][3]                            4.7532 
_refine.B_iso_max                                120.110 
_refine.B_iso_mean                               40.2400 
_refine.B_iso_min                                18.930 
_refine.correlation_coeff_Fo_to_Fc               0.9340 
_refine.correlation_coeff_Fo_to_Fc_free          0.9120 
_refine.details                                  ? 
_refine.diff_density_max                         ? 
_refine.diff_density_max_esd                     ? 
_refine.diff_density_min                         ? 
_refine.diff_density_min_esd                     ? 
_refine.diff_density_rms                         ? 
_refine.diff_density_rms_esd                     ? 
_refine.entry_id                                 6B4U 
_refine.pdbx_refine_id                           'X-RAY DIFFRACTION' 
_refine.ls_abs_structure_details                 ? 
_refine.ls_abs_structure_Flack                   ? 
_refine.ls_abs_structure_Flack_esd               ? 
_refine.ls_abs_structure_Rogers                  ? 
_refine.ls_abs_structure_Rogers_esd              ? 
_refine.ls_d_res_high                            1.9500 
_refine.ls_d_res_low                             41.4700 
_refine.ls_extinction_coef                       ? 
_refine.ls_extinction_coef_esd                   ? 
_refine.ls_extinction_expression                 ? 
_refine.ls_extinction_method                     ? 
_refine.ls_goodness_of_fit_all                   ? 
_refine.ls_goodness_of_fit_all_esd               ? 
_refine.ls_goodness_of_fit_obs                   ? 
_refine.ls_goodness_of_fit_obs_esd               ? 
_refine.ls_hydrogen_treatment                    ? 
_refine.ls_matrix_type                           ? 
_refine.ls_number_constraints                    ? 
_refine.ls_number_parameters                     ? 
_refine.ls_number_reflns_all                     ? 
_refine.ls_number_reflns_obs                     12123 
_refine.ls_number_reflns_R_free                  590 
_refine.ls_number_reflns_R_work                  ? 
_refine.ls_number_restraints                     ? 
_refine.ls_percent_reflns_obs                    92.9000 
_refine.ls_percent_reflns_R_free                 4.8700 
_refine.ls_R_factor_all                          ? 
_refine.ls_R_factor_obs                          0.2190 
_refine.ls_R_factor_R_free                       0.2540 
_refine.ls_R_factor_R_free_error                 ? 
_refine.ls_R_factor_R_free_error_details         ? 
_refine.ls_R_factor_R_work                       0.2170 
_refine.ls_R_Fsqd_factor_obs                     ? 
_refine.ls_R_I_factor_obs                        ? 
_refine.ls_redundancy_reflns_all                 ? 
_refine.ls_redundancy_reflns_obs                 ? 
_refine.ls_restrained_S_all                      ? 
_refine.ls_restrained_S_obs                      ? 
_refine.ls_shift_over_esd_max                    ? 
_refine.ls_shift_over_esd_mean                   ? 
_refine.ls_structure_factor_coef                 ? 
_refine.ls_weighting_details                     ? 
_refine.ls_weighting_scheme                      ? 
_refine.ls_wR_factor_all                         ? 
_refine.ls_wR_factor_obs                         ? 
_refine.ls_wR_factor_R_free                      ? 
_refine.ls_wR_factor_R_work                      ? 
_refine.occupancy_max                            ? 
_refine.occupancy_min                            ? 
_refine.solvent_model_details                    ? 
_refine.solvent_model_param_bsol                 ? 
_refine.solvent_model_param_ksol                 ? 
_refine.ls_R_factor_gt                           ? 
_refine.ls_goodness_of_fit_gt                    ? 
_refine.ls_goodness_of_fit_ref                   ? 
_refine.ls_shift_over_su_max                     ? 
_refine.ls_shift_over_su_max_lt                  ? 
_refine.ls_shift_over_su_mean                    ? 
_refine.ls_shift_over_su_mean_lt                 ? 
_refine.pdbx_ls_sigma_I                          ? 
_refine.pdbx_ls_sigma_F                          0.000 
_refine.pdbx_ls_sigma_Fsqd                       ? 
_refine.pdbx_data_cutoff_high_absF               ? 
_refine.pdbx_data_cutoff_high_rms_absF           ? 
_refine.pdbx_data_cutoff_low_absF                ? 
_refine.pdbx_isotropic_thermal_model             ? 
_refine.pdbx_ls_cross_valid_method               THROUGHOUT 
_refine.pdbx_method_to_determine_struct          'MOLECULAR REPLACEMENT' 
_refine.pdbx_starting_model                      ? 
_refine.pdbx_stereochemistry_target_values       ? 
_refine.pdbx_R_Free_selection_details            RANDOM 
_refine.pdbx_stereochem_target_val_spec_case     ? 
_refine.pdbx_overall_ESU_R                       ? 
_refine.pdbx_overall_ESU_R_Free                  ? 
_refine.pdbx_solvent_vdw_probe_radii             ? 
_refine.pdbx_solvent_ion_probe_radii             ? 
_refine.pdbx_solvent_shrinkage_radii             ? 
_refine.pdbx_real_space_R                        ? 
_refine.pdbx_density_correlation                 ? 
_refine.pdbx_pd_number_of_powder_patterns        ? 
_refine.pdbx_pd_number_of_points                 ? 
_refine.pdbx_pd_meas_number_of_points            ? 
_refine.pdbx_pd_proc_ls_prof_R_factor            ? 
_refine.pdbx_pd_proc_ls_prof_wR_factor           ? 
_refine.pdbx_pd_Marquardt_correlation_coeff      ? 
_refine.pdbx_pd_Fsqrd_R_factor                   ? 
_refine.pdbx_pd_ls_matrix_band_width             ? 
_refine.pdbx_overall_phase_error                 ? 
_refine.pdbx_overall_SU_R_free_Cruickshank_DPI   0.1720 
_refine.pdbx_overall_SU_R_free_Blow_DPI          0.1760 
_refine.pdbx_overall_SU_R_Blow_DPI               0.2130 
_refine.pdbx_TLS_residual_ADP_flag               ? 
_refine.pdbx_diffrn_id                           1 
_refine.overall_SU_B                             ? 
_refine.overall_SU_ML                            ? 
_refine.overall_SU_R_Cruickshank_DPI             0.2010 
_refine.overall_SU_R_free                        ? 
_refine.overall_FOM_free_R_set                   ? 
_refine.overall_FOM_work_R_set                   ? 
_refine.pdbx_average_fsc_overall                 ? 
_refine.pdbx_average_fsc_work                    ? 
_refine.pdbx_average_fsc_free                    ? 
# 
_refine_analyze.entry_id                        6B4U 
_refine_analyze.pdbx_refine_id                  'X-RAY DIFFRACTION' 
_refine_analyze.Luzzati_coordinate_error_free   ? 
_refine_analyze.Luzzati_coordinate_error_obs    0.300 
_refine_analyze.Luzzati_d_res_low_free          ? 
_refine_analyze.Luzzati_d_res_low_obs           ? 
_refine_analyze.Luzzati_sigma_a_free            ? 
_refine_analyze.Luzzati_sigma_a_free_details    ? 
_refine_analyze.Luzzati_sigma_a_obs             ? 
_refine_analyze.Luzzati_sigma_a_obs_details     ? 
_refine_analyze.number_disordered_residues      ? 
_refine_analyze.occupancy_sum_hydrogen          ? 
_refine_analyze.occupancy_sum_non_hydrogen      ? 
_refine_analyze.RG_d_res_high                   ? 
_refine_analyze.RG_d_res_low                    ? 
_refine_analyze.RG_free                         ? 
_refine_analyze.RG_work                         ? 
_refine_analyze.RG_free_work_ratio              ? 
_refine_analyze.pdbx_Luzzati_d_res_high_obs     ? 
# 
_refine_hist.cycle_id                         final 
_refine_hist.pdbx_refine_id                   'X-RAY DIFFRACTION' 
_refine_hist.d_res_high                       1.9500 
_refine_hist.d_res_low                        41.4700 
_refine_hist.pdbx_number_atoms_ligand         41 
_refine_hist.number_atoms_solvent             108 
_refine_hist.number_atoms_total               1396 
_refine_hist.pdbx_number_residues_total       155 
_refine_hist.pdbx_B_iso_mean_ligand           35.67 
_refine_hist.pdbx_B_iso_mean_solvent          49.60 
_refine_hist.pdbx_number_atoms_protein        1247 
_refine_hist.pdbx_number_atoms_nucleic_acid   0 
# 
loop_
_refine_ls_restr.pdbx_refine_id 
_refine_ls_restr.criterion 
_refine_ls_restr.dev_ideal 
_refine_ls_restr.dev_ideal_target 
_refine_ls_restr.number 
_refine_ls_restr.rejects 
_refine_ls_restr.type 
_refine_ls_restr.weight 
_refine_ls_restr.pdbx_restraint_function 
'X-RAY DIFFRACTION' ? ?      ? 480  ? t_dihedral_angle_d        2.000  SINUSOIDAL   
'X-RAY DIFFRACTION' ? ?      ? ?    ? t_trig_c_planes           ?      ?            
'X-RAY DIFFRACTION' ? ?      ? 242  ? t_gen_planes              5.000  HARMONIC     
'X-RAY DIFFRACTION' ? ?      ? 1329 ? t_it                      20.000 HARMONIC     
'X-RAY DIFFRACTION' ? ?      ? ?    ? t_nbd                     ?      ?            
'X-RAY DIFFRACTION' ? ?      ? ?    ? t_improper_torsion        ?      ?            
'X-RAY DIFFRACTION' ? ?      ? ?    ? t_pseud_angle             ?      ?            
'X-RAY DIFFRACTION' ? ?      ? 163  ? t_chiral_improper_torsion 5.000  SEMIHARMONIC 
'X-RAY DIFFRACTION' ? ?      ? ?    ? t_sum_occupancies         ?      ?            
'X-RAY DIFFRACTION' ? ?      ? ?    ? t_utility_distance        ?      ?            
'X-RAY DIFFRACTION' ? ?      ? ?    ? t_utility_angle           ?      ?            
'X-RAY DIFFRACTION' ? ?      ? ?    ? t_utility_torsion         ?      ?            
'X-RAY DIFFRACTION' ? ?      ? 1587 ? t_ideal_dist_contact      4.000  SEMIHARMONIC 
'X-RAY DIFFRACTION' ? 0.010  ? 1329 ? t_bond_d                  2.000  HARMONIC     
'X-RAY DIFFRACTION' ? 0.940  ? 1799 ? t_angle_deg               2.000  HARMONIC     
'X-RAY DIFFRACTION' ? 2.250  ? ?    ? t_omega_torsion           ?      ?            
'X-RAY DIFFRACTION' ? 18.090 ? ?    ? t_other_torsion           ?      ?            
# 
_refine_ls_shell.pdbx_refine_id                   'X-RAY DIFFRACTION' 
_refine_ls_shell.d_res_high                       1.9500 
_refine_ls_shell.d_res_low                        2.1400 
_refine_ls_shell.number_reflns_all                2170 
_refine_ls_shell.number_reflns_obs                ? 
_refine_ls_shell.number_reflns_R_free             102 
_refine_ls_shell.number_reflns_R_work             2068 
_refine_ls_shell.percent_reflns_obs               70.5100 
_refine_ls_shell.percent_reflns_R_free            4.7000 
_refine_ls_shell.R_factor_all                     0.2313 
_refine_ls_shell.R_factor_obs                     ? 
_refine_ls_shell.R_factor_R_free                  0.2597 
_refine_ls_shell.R_factor_R_free_error            0.0000 
_refine_ls_shell.R_factor_R_work                  0.2299 
_refine_ls_shell.redundancy_reflns_all            ? 
_refine_ls_shell.redundancy_reflns_obs            ? 
_refine_ls_shell.wR_factor_all                    ? 
_refine_ls_shell.wR_factor_obs                    ? 
_refine_ls_shell.wR_factor_R_free                 ? 
_refine_ls_shell.wR_factor_R_work                 ? 
_refine_ls_shell.pdbx_total_number_of_bins_used   6 
_refine_ls_shell.pdbx_phase_error                 ? 
_refine_ls_shell.pdbx_fsc_work                    ? 
_refine_ls_shell.pdbx_fsc_free                    ? 
# 
_struct.entry_id                     6B4U 
_struct.title                        'Crystal structure of MCL-1 in complex with a BIM competitive inhibitor' 
_struct.pdbx_model_details           ? 
_struct.pdbx_formula_weight          ? 
_struct.pdbx_formula_weight_method   ? 
_struct.pdbx_model_type_details      ? 
_struct.pdbx_CASP_flag               N 
# 
_struct_keywords.entry_id        6B4U 
_struct_keywords.text            'MCL-1, signaling protein-inhibitor complex, SIGNALING PROTEIN' 
_struct_keywords.pdbx_keywords   'signaling protein/inhibitor' 
# 
loop_
_struct_asym.id 
_struct_asym.pdbx_blank_PDB_chainid_flag 
_struct_asym.pdbx_modified 
_struct_asym.entity_id 
_struct_asym.details 
A N N 1 ? 
B N N 2 ? 
C N N 3 ? 
# 
_struct_ref.id                         1 
_struct_ref.db_name                    UNP 
_struct_ref.db_code                    MCL1_HUMAN 
_struct_ref.pdbx_db_accession          Q07820 
_struct_ref.pdbx_db_isoform            ? 
_struct_ref.entity_id                  1 
_struct_ref.pdbx_seq_one_letter_code   
;LYRQSLEIISRYLREQATGAKDTKPMGRSGATSRKALETLRRVGDGVQRNHETAFQGMLRKLDIKNEDDVKSLSRVMIHV
FSDGVTNWGRIVTLISFGAFVAKHLKTINQESCIEPLAESITDVLVRTKRDWLVKQRGWDGFVEFFHVEDLEG
;
_struct_ref.pdbx_align_begin           174 
# 
_struct_ref_seq.align_id                      1 
_struct_ref_seq.ref_id                        1 
_struct_ref_seq.pdbx_PDB_id_code              6B4U 
_struct_ref_seq.pdbx_strand_id                A 
_struct_ref_seq.seq_align_beg                 5 
_struct_ref_seq.pdbx_seq_align_beg_ins_code   ? 
_struct_ref_seq.seq_align_end                 157 
_struct_ref_seq.pdbx_seq_align_end_ins_code   ? 
_struct_ref_seq.pdbx_db_accession             Q07820 
_struct_ref_seq.db_align_beg                  174 
_struct_ref_seq.pdbx_db_align_beg_ins_code    ? 
_struct_ref_seq.db_align_end                  326 
_struct_ref_seq.pdbx_db_align_end_ins_code    ? 
_struct_ref_seq.pdbx_auth_seq_align_beg       174 
_struct_ref_seq.pdbx_auth_seq_align_end       326 
# 
loop_
_struct_ref_seq_dif.align_id 
_struct_ref_seq_dif.pdbx_pdb_id_code 
_struct_ref_seq_dif.mon_id 
_struct_ref_seq_dif.pdbx_pdb_strand_id 
_struct_ref_seq_dif.seq_num 
_struct_ref_seq_dif.pdbx_pdb_ins_code 
_struct_ref_seq_dif.pdbx_seq_db_name 
_struct_ref_seq_dif.pdbx_seq_db_accession_code 
_struct_ref_seq_dif.db_mon_id 
_struct_ref_seq_dif.pdbx_seq_db_seq_num 
_struct_ref_seq_dif.details 
_struct_ref_seq_dif.pdbx_auth_seq_num 
_struct_ref_seq_dif.pdbx_ordinal 
1 6B4U GLY A 1 ? UNP Q07820 ? ? 'expression tag' 170 1 
1 6B4U SER A 2 ? UNP Q07820 ? ? 'expression tag' 171 2 
1 6B4U MET A 3 ? UNP Q07820 ? ? 'expression tag' 172 3 
1 6B4U ASP A 4 ? UNP Q07820 ? ? 'expression tag' 173 4 
# 
_pdbx_struct_assembly.id                   1 
_pdbx_struct_assembly.details              author_and_software_defined_assembly 
_pdbx_struct_assembly.method_details       PISA 
_pdbx_struct_assembly.oligomeric_details   monomeric 
_pdbx_struct_assembly.oligomeric_count     1 
# 
_pdbx_struct_assembly_gen.assembly_id       1 
_pdbx_struct_assembly_gen.oper_expression   1 
_pdbx_struct_assembly_gen.asym_id_list      A,B,C 
# 
_pdbx_struct_assembly_auth_evidence.id                     1 
_pdbx_struct_assembly_auth_evidence.assembly_id            1 
_pdbx_struct_assembly_auth_evidence.experimental_support   none 
_pdbx_struct_assembly_auth_evidence.details                ? 
# 
_pdbx_struct_oper_list.id                   1 
_pdbx_struct_oper_list.type                 'identity operation' 
_pdbx_struct_oper_list.name                 1_555 
_pdbx_struct_oper_list.symmetry_operation   x,y,z 
_pdbx_struct_oper_list.matrix[1][1]         1.0000000000 
_pdbx_struct_oper_list.matrix[1][2]         0.0000000000 
_pdbx_struct_oper_list.matrix[1][3]         0.0000000000 
_pdbx_struct_oper_list.vector[1]            0.0000000000 
_pdbx_struct_oper_list.matrix[2][1]         0.0000000000 
_pdbx_struct_oper_list.matrix[2][2]         1.0000000000 
_pdbx_struct_oper_list.matrix[2][3]         0.0000000000 
_pdbx_struct_oper_list.vector[2]            0.0000000000 
_pdbx_struct_oper_list.matrix[3][1]         0.0000000000 
_pdbx_struct_oper_list.matrix[3][2]         0.0000000000 
_pdbx_struct_oper_list.matrix[3][3]         1.0000000000 
_pdbx_struct_oper_list.vector[3]            0.0000000000 
# 
loop_
_struct_conf.conf_type_id 
_struct_conf.id 
_struct_conf.pdbx_PDB_helix_id 
_struct_conf.beg_label_comp_id 
_struct_conf.beg_label_asym_id 
_struct_conf.beg_label_seq_id 
_struct_conf.pdbx_beg_PDB_ins_code 
_struct_conf.end_label_comp_id 
_struct_conf.end_label_asym_id 
_struct_conf.end_label_seq_id 
_struct_conf.pdbx_end_PDB_ins_code 
_struct_conf.beg_auth_comp_id 
_struct_conf.beg_auth_asym_id 
_struct_conf.beg_auth_seq_id 
_struct_conf.end_auth_comp_id 
_struct_conf.end_auth_asym_id 
_struct_conf.end_auth_seq_id 
_struct_conf.pdbx_PDB_helix_class 
_struct_conf.details 
_struct_conf.pdbx_PDB_helix_length 
HELX_P HELX_P1 AA1 SER A 2   ? GLY A 23  ? SER A 171 GLY A 192 1 ? 22 
HELX_P HELX_P2 AA2 SER A 33  ? HIS A 55  ? SER A 202 HIS A 224 1 ? 23 
HELX_P HELX_P3 AA3 HIS A 55  ? ASP A 67  ? HIS A 224 ASP A 236 1 ? 13 
HELX_P HELX_P4 AA4 ASN A 70  ? SER A 86  ? ASN A 239 SER A 255 1 ? 17 
HELX_P HELX_P5 AA5 ASN A 91  ? ILE A 112 ? ASN A 260 ILE A 281 1 ? 22 
HELX_P HELX_P6 AA6 GLN A 114 ? SER A 116 ? GLN A 283 SER A 285 5 ? 3  
HELX_P HELX_P7 AA7 CYS A 117 ? GLN A 140 ? CYS A 286 GLN A 309 1 ? 24 
HELX_P HELX_P8 AA8 ARG A 141 ? PHE A 150 ? ARG A 310 PHE A 319 1 ? 10 
# 
_struct_conf_type.id          HELX_P 
_struct_conf_type.criteria    ? 
_struct_conf_type.reference   ? 
# 
_struct_site.id                   AC1 
_struct_site.pdbx_evidence_code   Software 
_struct_site.pdbx_auth_asym_id    A 
_struct_site.pdbx_auth_comp_id    CN7 
_struct_site.pdbx_auth_seq_id     401 
_struct_site.pdbx_auth_ins_code   ? 
_struct_site.pdbx_num_residues    12 
_struct_site.details              'binding site for residue CN7 A 401' 
# 
loop_
_struct_site_gen.id 
_struct_site_gen.site_id 
_struct_site_gen.pdbx_num_res 
_struct_site_gen.label_comp_id 
_struct_site_gen.label_asym_id 
_struct_site_gen.label_seq_id 
_struct_site_gen.pdbx_auth_ins_code 
_struct_site_gen.auth_comp_id 
_struct_site_gen.auth_asym_id 
_struct_site_gen.auth_seq_id 
_struct_site_gen.label_atom_id 
_struct_site_gen.label_alt_id 
_struct_site_gen.symmetry 
_struct_site_gen.details 
1  AC1 12 ALA A 58  ? ALA A 227 . ? 1_555 ? 
2  AC1 12 ARG A 79  ? ARG A 248 . ? 8_455 ? 
3  AC1 12 MET A 81  ? MET A 250 . ? 1_555 ? 
4  AC1 12 VAL A 84  ? VAL A 253 . ? 1_555 ? 
5  AC1 12 ARG A 94  ? ARG A 263 . ? 1_555 ? 
6  AC1 12 THR A 97  ? THR A 266 . ? 1_555 ? 
7  AC1 12 LEU A 98  ? LEU A 267 . ? 1_555 ? 
8  AC1 12 PHE A 101 ? PHE A 270 . ? 1_555 ? 
9  AC1 12 GLY A 102 ? GLY A 271 . ? 1_555 ? 
10 AC1 12 VAL A 152 ? VAL A 321 . ? 8_555 ? 
11 AC1 12 HOH C .   ? HOH A 532 . ? 1_555 ? 
12 AC1 12 HOH C .   ? HOH A 566 . ? 1_555 ? 
# 
loop_
_pdbx_unobs_or_zero_occ_residues.id 
_pdbx_unobs_or_zero_occ_residues.PDB_model_num 
_pdbx_unobs_or_zero_occ_residues.polymer_flag 
_pdbx_unobs_or_zero_occ_residues.occupancy_flag 
_pdbx_unobs_or_zero_occ_residues.auth_asym_id 
_pdbx_unobs_or_zero_occ_residues.auth_comp_id 
_pdbx_unobs_or_zero_occ_residues.auth_seq_id 
_pdbx_unobs_or_zero_occ_residues.PDB_ins_code 
_pdbx_unobs_or_zero_occ_residues.label_asym_id 
_pdbx_unobs_or_zero_occ_residues.label_comp_id 
_pdbx_unobs_or_zero_occ_residues.label_seq_id 
1 1 Y 1 A GLY 170 ? A GLY 1   
2 1 Y 1 A GLY 326 ? A GLY 157 
# 
loop_
_chem_comp_atom.comp_id 
_chem_comp_atom.atom_id 
_chem_comp_atom.type_symbol 
_chem_comp_atom.pdbx_aromatic_flag 
_chem_comp_atom.pdbx_stereo_config 
_chem_comp_atom.pdbx_ordinal 
ALA N    N N N 1   
ALA CA   C N S 2   
ALA C    C N N 3   
ALA O    O N N 4   
ALA CB   C N N 5   
ALA OXT  O N N 6   
ALA H    H N N 7   
ALA H2   H N N 8   
ALA HA   H N N 9   
ALA HB1  H N N 10  
ALA HB2  H N N 11  
ALA HB3  H N N 12  
ALA HXT  H N N 13  
ARG N    N N N 14  
ARG CA   C N S 15  
ARG C    C N N 16  
ARG O    O N N 17  
ARG CB   C N N 18  
ARG CG   C N N 19  
ARG CD   C N N 20  
ARG NE   N N N 21  
ARG CZ   C N N 22  
ARG NH1  N N N 23  
ARG NH2  N N N 24  
ARG OXT  O N N 25  
ARG H    H N N 26  
ARG H2   H N N 27  
ARG HA   H N N 28  
ARG HB2  H N N 29  
ARG HB3  H N N 30  
ARG HG2  H N N 31  
ARG HG3  H N N 32  
ARG HD2  H N N 33  
ARG HD3  H N N 34  
ARG HE   H N N 35  
ARG HH11 H N N 36  
ARG HH12 H N N 37  
ARG HH21 H N N 38  
ARG HH22 H N N 39  
ARG HXT  H N N 40  
ASN N    N N N 41  
ASN CA   C N S 42  
ASN C    C N N 43  
ASN O    O N N 44  
ASN CB   C N N 45  
ASN CG   C N N 46  
ASN OD1  O N N 47  
ASN ND2  N N N 48  
ASN OXT  O N N 49  
ASN H    H N N 50  
ASN H2   H N N 51  
ASN HA   H N N 52  
ASN HB2  H N N 53  
ASN HB3  H N N 54  
ASN HD21 H N N 55  
ASN HD22 H N N 56  
ASN HXT  H N N 57  
ASP N    N N N 58  
ASP CA   C N S 59  
ASP C    C N N 60  
ASP O    O N N 61  
ASP CB   C N N 62  
ASP CG   C N N 63  
ASP OD1  O N N 64  
ASP OD2  O N N 65  
ASP OXT  O N N 66  
ASP H    H N N 67  
ASP H2   H N N 68  
ASP HA   H N N 69  
ASP HB2  H N N 70  
ASP HB3  H N N 71  
ASP HD2  H N N 72  
ASP HXT  H N N 73  
CN7 C4   C Y N 74  
CN7 C5   C Y N 75  
CN7 C6   C Y N 76  
CN7 C7   C Y N 77  
CN7 C8   C Y N 78  
CN7 C10  C Y N 79  
CN7 C13  C Y N 80  
CN7 C15  C Y N 81  
CN7 C17  C Y N 82  
CN7 C20  C Y N 83  
CN7 C21  C Y N 84  
CN7 C22  C Y N 85  
CN7 C24  C Y N 86  
CN7 C26  C N N 87  
CN7 C28  C N N 88  
CN7 C1   C Y N 89  
CN7 C2   C Y N 90  
CN7 C3   C Y N 91  
CN7 C9   C Y N 92  
CN7 C11  C Y N 93  
CN7 C12  C Y N 94  
CN7 C14  C Y N 95  
CN7 C16  C Y N 96  
CN7 C18  C Y N 97  
CN7 C19  C Y N 98  
CN7 C23  C Y N 99  
CN7 C25  C N N 100 
CN7 C27  C N N 101 
CN7 C29  C N N 102 
CN7 C30  C N N 103 
CN7 C31  C N N 104 
CN7 C32  C N N 105 
CN7 C33  C N N 106 
CN7 C34  C N N 107 
CN7 C35  C N N 108 
CN7 N36  N Y N 109 
CN7 N37  N N N 110 
CN7 O38  O N N 111 
CN7 O39  O N N 112 
CN7 O40  O N N 113 
CN7 O41  O N N 114 
CN7 H1   H N N 115 
CN7 H2   H N N 116 
CN7 H3   H N N 117 
CN7 H4   H N N 118 
CN7 H5   H N N 119 
CN7 H6   H N N 120 
CN7 H7   H N N 121 
CN7 H8   H N N 122 
CN7 H9   H N N 123 
CN7 H10  H N N 124 
CN7 H11  H N N 125 
CN7 H12  H N N 126 
CN7 H13  H N N 127 
CN7 H14  H N N 128 
CN7 H15  H N N 129 
CN7 H16  H N N 130 
CN7 H17  H N N 131 
CN7 H18  H N N 132 
CN7 H19  H N N 133 
CN7 H20  H N N 134 
CN7 H21  H N N 135 
CN7 H22  H N N 136 
CN7 H23  H N N 137 
CN7 H24  H N N 138 
CN7 H25  H N N 139 
CN7 H26  H N N 140 
CN7 H27  H N N 141 
CN7 H28  H N N 142 
CN7 H29  H N N 143 
CN7 H30  H N N 144 
CN7 H31  H N N 145 
CN7 H32  H N N 146 
CN7 H33  H N N 147 
CN7 H34  H N N 148 
CN7 H35  H N N 149 
CN7 H37  H N N 150 
CYS N    N N N 151 
CYS CA   C N R 152 
CYS C    C N N 153 
CYS O    O N N 154 
CYS CB   C N N 155 
CYS SG   S N N 156 
CYS OXT  O N N 157 
CYS H    H N N 158 
CYS H2   H N N 159 
CYS HA   H N N 160 
CYS HB2  H N N 161 
CYS HB3  H N N 162 
CYS HG   H N N 163 
CYS HXT  H N N 164 
GLN N    N N N 165 
GLN CA   C N S 166 
GLN C    C N N 167 
GLN O    O N N 168 
GLN CB   C N N 169 
GLN CG   C N N 170 
GLN CD   C N N 171 
GLN OE1  O N N 172 
GLN NE2  N N N 173 
GLN OXT  O N N 174 
GLN H    H N N 175 
GLN H2   H N N 176 
GLN HA   H N N 177 
GLN HB2  H N N 178 
GLN HB3  H N N 179 
GLN HG2  H N N 180 
GLN HG3  H N N 181 
GLN HE21 H N N 182 
GLN HE22 H N N 183 
GLN HXT  H N N 184 
GLU N    N N N 185 
GLU CA   C N S 186 
GLU C    C N N 187 
GLU O    O N N 188 
GLU CB   C N N 189 
GLU CG   C N N 190 
GLU CD   C N N 191 
GLU OE1  O N N 192 
GLU OE2  O N N 193 
GLU OXT  O N N 194 
GLU H    H N N 195 
GLU H2   H N N 196 
GLU HA   H N N 197 
GLU HB2  H N N 198 
GLU HB3  H N N 199 
GLU HG2  H N N 200 
GLU HG3  H N N 201 
GLU HE2  H N N 202 
GLU HXT  H N N 203 
GLY N    N N N 204 
GLY CA   C N N 205 
GLY C    C N N 206 
GLY O    O N N 207 
GLY OXT  O N N 208 
GLY H    H N N 209 
GLY H2   H N N 210 
GLY HA2  H N N 211 
GLY HA3  H N N 212 
GLY HXT  H N N 213 
HIS N    N N N 214 
HIS CA   C N S 215 
HIS C    C N N 216 
HIS O    O N N 217 
HIS CB   C N N 218 
HIS CG   C Y N 219 
HIS ND1  N Y N 220 
HIS CD2  C Y N 221 
HIS CE1  C Y N 222 
HIS NE2  N Y N 223 
HIS OXT  O N N 224 
HIS H    H N N 225 
HIS H2   H N N 226 
HIS HA   H N N 227 
HIS HB2  H N N 228 
HIS HB3  H N N 229 
HIS HD1  H N N 230 
HIS HD2  H N N 231 
HIS HE1  H N N 232 
HIS HE2  H N N 233 
HIS HXT  H N N 234 
HOH O    O N N 235 
HOH H1   H N N 236 
HOH H2   H N N 237 
ILE N    N N N 238 
ILE CA   C N S 239 
ILE C    C N N 240 
ILE O    O N N 241 
ILE CB   C N S 242 
ILE CG1  C N N 243 
ILE CG2  C N N 244 
ILE CD1  C N N 245 
ILE OXT  O N N 246 
ILE H    H N N 247 
ILE H2   H N N 248 
ILE HA   H N N 249 
ILE HB   H N N 250 
ILE HG12 H N N 251 
ILE HG13 H N N 252 
ILE HG21 H N N 253 
ILE HG22 H N N 254 
ILE HG23 H N N 255 
ILE HD11 H N N 256 
ILE HD12 H N N 257 
ILE HD13 H N N 258 
ILE HXT  H N N 259 
LEU N    N N N 260 
LEU CA   C N S 261 
LEU C    C N N 262 
LEU O    O N N 263 
LEU CB   C N N 264 
LEU CG   C N N 265 
LEU CD1  C N N 266 
LEU CD2  C N N 267 
LEU OXT  O N N 268 
LEU H    H N N 269 
LEU H2   H N N 270 
LEU HA   H N N 271 
LEU HB2  H N N 272 
LEU HB3  H N N 273 
LEU HG   H N N 274 
LEU HD11 H N N 275 
LEU HD12 H N N 276 
LEU HD13 H N N 277 
LEU HD21 H N N 278 
LEU HD22 H N N 279 
LEU HD23 H N N 280 
LEU HXT  H N N 281 
LYS N    N N N 282 
LYS CA   C N S 283 
LYS C    C N N 284 
LYS O    O N N 285 
LYS CB   C N N 286 
LYS CG   C N N 287 
LYS CD   C N N 288 
LYS CE   C N N 289 
LYS NZ   N N N 290 
LYS OXT  O N N 291 
LYS H    H N N 292 
LYS H2   H N N 293 
LYS HA   H N N 294 
LYS HB2  H N N 295 
LYS HB3  H N N 296 
LYS HG2  H N N 297 
LYS HG3  H N N 298 
LYS HD2  H N N 299 
LYS HD3  H N N 300 
LYS HE2  H N N 301 
LYS HE3  H N N 302 
LYS HZ1  H N N 303 
LYS HZ2  H N N 304 
LYS HZ3  H N N 305 
LYS HXT  H N N 306 
MET N    N N N 307 
MET CA   C N S 308 
MET C    C N N 309 
MET O    O N N 310 
MET CB   C N N 311 
MET CG   C N N 312 
MET SD   S N N 313 
MET CE   C N N 314 
MET OXT  O N N 315 
MET H    H N N 316 
MET H2   H N N 317 
MET HA   H N N 318 
MET HB2  H N N 319 
MET HB3  H N N 320 
MET HG2  H N N 321 
MET HG3  H N N 322 
MET HE1  H N N 323 
MET HE2  H N N 324 
MET HE3  H N N 325 
MET HXT  H N N 326 
PHE N    N N N 327 
PHE CA   C N S 328 
PHE C    C N N 329 
PHE O    O N N 330 
PHE CB   C N N 331 
PHE CG   C Y N 332 
PHE CD1  C Y N 333 
PHE CD2  C Y N 334 
PHE CE1  C Y N 335 
PHE CE2  C Y N 336 
PHE CZ   C Y N 337 
PHE OXT  O N N 338 
PHE H    H N N 339 
PHE H2   H N N 340 
PHE HA   H N N 341 
PHE HB2  H N N 342 
PHE HB3  H N N 343 
PHE HD1  H N N 344 
PHE HD2  H N N 345 
PHE HE1  H N N 346 
PHE HE2  H N N 347 
PHE HZ   H N N 348 
PHE HXT  H N N 349 
PRO N    N N N 350 
PRO CA   C N S 351 
PRO C    C N N 352 
PRO O    O N N 353 
PRO CB   C N N 354 
PRO CG   C N N 355 
PRO CD   C N N 356 
PRO OXT  O N N 357 
PRO H    H N N 358 
PRO HA   H N N 359 
PRO HB2  H N N 360 
PRO HB3  H N N 361 
PRO HG2  H N N 362 
PRO HG3  H N N 363 
PRO HD2  H N N 364 
PRO HD3  H N N 365 
PRO HXT  H N N 366 
SER N    N N N 367 
SER CA   C N S 368 
SER C    C N N 369 
SER O    O N N 370 
SER CB   C N N 371 
SER OG   O N N 372 
SER OXT  O N N 373 
SER H    H N N 374 
SER H2   H N N 375 
SER HA   H N N 376 
SER HB2  H N N 377 
SER HB3  H N N 378 
SER HG   H N N 379 
SER HXT  H N N 380 
THR N    N N N 381 
THR CA   C N S 382 
THR C    C N N 383 
THR O    O N N 384 
THR CB   C N R 385 
THR OG1  O N N 386 
THR CG2  C N N 387 
THR OXT  O N N 388 
THR H    H N N 389 
THR H2   H N N 390 
THR HA   H N N 391 
THR HB   H N N 392 
THR HG1  H N N 393 
THR HG21 H N N 394 
THR HG22 H N N 395 
THR HG23 H N N 396 
THR HXT  H N N 397 
TRP N    N N N 398 
TRP CA   C N S 399 
TRP C    C N N 400 
TRP O    O N N 401 
TRP CB   C N N 402 
TRP CG   C Y N 403 
TRP CD1  C Y N 404 
TRP CD2  C Y N 405 
TRP NE1  N Y N 406 
TRP CE2  C Y N 407 
TRP CE3  C Y N 408 
TRP CZ2  C Y N 409 
TRP CZ3  C Y N 410 
TRP CH2  C Y N 411 
TRP OXT  O N N 412 
TRP H    H N N 413 
TRP H2   H N N 414 
TRP HA   H N N 415 
TRP HB2  H N N 416 
TRP HB3  H N N 417 
TRP HD1  H N N 418 
TRP HE1  H N N 419 
TRP HE3  H N N 420 
TRP HZ2  H N N 421 
TRP HZ3  H N N 422 
TRP HH2  H N N 423 
TRP HXT  H N N 424 
TYR N    N N N 425 
TYR CA   C N S 426 
TYR C    C N N 427 
TYR O    O N N 428 
TYR CB   C N N 429 
TYR CG   C Y N 430 
TYR CD1  C Y N 431 
TYR CD2  C Y N 432 
TYR CE1  C Y N 433 
TYR CE2  C Y N 434 
TYR CZ   C Y N 435 
TYR OH   O N N 436 
TYR OXT  O N N 437 
TYR H    H N N 438 
TYR H2   H N N 439 
TYR HA   H N N 440 
TYR HB2  H N N 441 
TYR HB3  H N N 442 
TYR HD1  H N N 443 
TYR HD2  H N N 444 
TYR HE1  H N N 445 
TYR HE2  H N N 446 
TYR HH   H N N 447 
TYR HXT  H N N 448 
VAL N    N N N 449 
VAL CA   C N S 450 
VAL C    C N N 451 
VAL O    O N N 452 
VAL CB   C N N 453 
VAL CG1  C N N 454 
VAL CG2  C N N 455 
VAL OXT  O N N 456 
VAL H    H N N 457 
VAL H2   H N N 458 
VAL HA   H N N 459 
VAL HB   H N N 460 
VAL HG11 H N N 461 
VAL HG12 H N N 462 
VAL HG13 H N N 463 
VAL HG21 H N N 464 
VAL HG22 H N N 465 
VAL HG23 H N N 466 
VAL HXT  H N N 467 
# 
loop_
_chem_comp_bond.comp_id 
_chem_comp_bond.atom_id_1 
_chem_comp_bond.atom_id_2 
_chem_comp_bond.value_order 
_chem_comp_bond.pdbx_aromatic_flag 
_chem_comp_bond.pdbx_stereo_config 
_chem_comp_bond.pdbx_ordinal 
ALA N   CA   sing N N 1   
ALA N   H    sing N N 2   
ALA N   H2   sing N N 3   
ALA CA  C    sing N N 4   
ALA CA  CB   sing N N 5   
ALA CA  HA   sing N N 6   
ALA C   O    doub N N 7   
ALA C   OXT  sing N N 8   
ALA CB  HB1  sing N N 9   
ALA CB  HB2  sing N N 10  
ALA CB  HB3  sing N N 11  
ALA OXT HXT  sing N N 12  
ARG N   CA   sing N N 13  
ARG N   H    sing N N 14  
ARG N   H2   sing N N 15  
ARG CA  C    sing N N 16  
ARG CA  CB   sing N N 17  
ARG CA  HA   sing N N 18  
ARG C   O    doub N N 19  
ARG C   OXT  sing N N 20  
ARG CB  CG   sing N N 21  
ARG CB  HB2  sing N N 22  
ARG CB  HB3  sing N N 23  
ARG CG  CD   sing N N 24  
ARG CG  HG2  sing N N 25  
ARG CG  HG3  sing N N 26  
ARG CD  NE   sing N N 27  
ARG CD  HD2  sing N N 28  
ARG CD  HD3  sing N N 29  
ARG NE  CZ   sing N N 30  
ARG NE  HE   sing N N 31  
ARG CZ  NH1  sing N N 32  
ARG CZ  NH2  doub N N 33  
ARG NH1 HH11 sing N N 34  
ARG NH1 HH12 sing N N 35  
ARG NH2 HH21 sing N N 36  
ARG NH2 HH22 sing N N 37  
ARG OXT HXT  sing N N 38  
ASN N   CA   sing N N 39  
ASN N   H    sing N N 40  
ASN N   H2   sing N N 41  
ASN CA  C    sing N N 42  
ASN CA  CB   sing N N 43  
ASN CA  HA   sing N N 44  
ASN C   O    doub N N 45  
ASN C   OXT  sing N N 46  
ASN CB  CG   sing N N 47  
ASN CB  HB2  sing N N 48  
ASN CB  HB3  sing N N 49  
ASN CG  OD1  doub N N 50  
ASN CG  ND2  sing N N 51  
ASN ND2 HD21 sing N N 52  
ASN ND2 HD22 sing N N 53  
ASN OXT HXT  sing N N 54  
ASP N   CA   sing N N 55  
ASP N   H    sing N N 56  
ASP N   H2   sing N N 57  
ASP CA  C    sing N N 58  
ASP CA  CB   sing N N 59  
ASP CA  HA   sing N N 60  
ASP C   O    doub N N 61  
ASP C   OXT  sing N N 62  
ASP CB  CG   sing N N 63  
ASP CB  HB2  sing N N 64  
ASP CB  HB3  sing N N 65  
ASP CG  OD1  doub N N 66  
ASP CG  OD2  sing N N 67  
ASP OD2 HD2  sing N N 68  
ASP OXT HXT  sing N N 69  
CN7 O39 C28  sing N N 70  
CN7 O39 C29  sing N N 71  
CN7 C28 C26  sing N N 72  
CN7 C4  C3   doub Y N 73  
CN7 C4  C13  sing Y N 74  
CN7 C3  C11  sing Y N 75  
CN7 C29 C27  sing N N 76  
CN7 C26 N37  sing N N 77  
CN7 C13 C20  doub Y N 78  
CN7 C11 C18  doub Y N 79  
CN7 C27 N37  sing N N 80  
CN7 N37 C34  sing N N 81  
CN7 C20 C18  sing Y N 82  
CN7 C20 C30  sing N N 83  
CN7 C18 C19  sing N N 84  
CN7 C34 C33  sing N N 85  
CN7 C33 N36  sing N N 86  
CN7 C19 C12  doub Y N 87  
CN7 C19 C22  sing Y N 88  
CN7 C12 C5   sing Y N 89  
CN7 N36 C22  sing Y N 90  
CN7 N36 C24  sing Y N 91  
CN7 C22 C17  doub Y N 92  
CN7 C5  C9   doub Y N 93  
CN7 C24 C25  sing N N 94  
CN7 C24 C21  doub Y N 95  
CN7 C17 C9   sing Y N 96  
CN7 C17 C21  sing Y N 97  
CN7 O38 C25  doub N N 98  
CN7 C25 O40  sing N N 99  
CN7 C21 C31  sing N N 100 
CN7 C6  C14  doub Y N 101 
CN7 C6  C10  sing Y N 102 
CN7 C14 C23  sing Y N 103 
CN7 C35 C32  sing N N 104 
CN7 C35 O41  sing N N 105 
CN7 C31 C32  sing N N 106 
CN7 C10 C15  doub Y N 107 
CN7 C23 O41  sing N N 108 
CN7 C23 C16  doub Y N 109 
CN7 C15 C16  sing Y N 110 
CN7 C15 C7   sing Y N 111 
CN7 C16 C8   sing Y N 112 
CN7 C7  C1   doub Y N 113 
CN7 C8  C2   doub Y N 114 
CN7 C1  C2   sing Y N 115 
CN7 C4  H1   sing N N 116 
CN7 C5  H2   sing N N 117 
CN7 C6  H3   sing N N 118 
CN7 C7  H4   sing N N 119 
CN7 C8  H5   sing N N 120 
CN7 C10 H6   sing N N 121 
CN7 C13 H7   sing N N 122 
CN7 C26 H8   sing N N 123 
CN7 C26 H9   sing N N 124 
CN7 C28 H10  sing N N 125 
CN7 C28 H11  sing N N 126 
CN7 C1  H12  sing N N 127 
CN7 C2  H13  sing N N 128 
CN7 C3  H14  sing N N 129 
CN7 C9  H15  sing N N 130 
CN7 C11 H16  sing N N 131 
CN7 C12 H17  sing N N 132 
CN7 C14 H18  sing N N 133 
CN7 C27 H19  sing N N 134 
CN7 C27 H20  sing N N 135 
CN7 C29 H21  sing N N 136 
CN7 C29 H22  sing N N 137 
CN7 C30 H23  sing N N 138 
CN7 C30 H24  sing N N 139 
CN7 C30 H25  sing N N 140 
CN7 C31 H26  sing N N 141 
CN7 C31 H27  sing N N 142 
CN7 C32 H28  sing N N 143 
CN7 C32 H29  sing N N 144 
CN7 C33 H30  sing N N 145 
CN7 C33 H31  sing N N 146 
CN7 C34 H32  sing N N 147 
CN7 C34 H33  sing N N 148 
CN7 C35 H34  sing N N 149 
CN7 C35 H35  sing N N 150 
CN7 O40 H37  sing N N 151 
CYS N   CA   sing N N 152 
CYS N   H    sing N N 153 
CYS N   H2   sing N N 154 
CYS CA  C    sing N N 155 
CYS CA  CB   sing N N 156 
CYS CA  HA   sing N N 157 
CYS C   O    doub N N 158 
CYS C   OXT  sing N N 159 
CYS CB  SG   sing N N 160 
CYS CB  HB2  sing N N 161 
CYS CB  HB3  sing N N 162 
CYS SG  HG   sing N N 163 
CYS OXT HXT  sing N N 164 
GLN N   CA   sing N N 165 
GLN N   H    sing N N 166 
GLN N   H2   sing N N 167 
GLN CA  C    sing N N 168 
GLN CA  CB   sing N N 169 
GLN CA  HA   sing N N 170 
GLN C   O    doub N N 171 
GLN C   OXT  sing N N 172 
GLN CB  CG   sing N N 173 
GLN CB  HB2  sing N N 174 
GLN CB  HB3  sing N N 175 
GLN CG  CD   sing N N 176 
GLN CG  HG2  sing N N 177 
GLN CG  HG3  sing N N 178 
GLN CD  OE1  doub N N 179 
GLN CD  NE2  sing N N 180 
GLN NE2 HE21 sing N N 181 
GLN NE2 HE22 sing N N 182 
GLN OXT HXT  sing N N 183 
GLU N   CA   sing N N 184 
GLU N   H    sing N N 185 
GLU N   H2   sing N N 186 
GLU CA  C    sing N N 187 
GLU CA  CB   sing N N 188 
GLU CA  HA   sing N N 189 
GLU C   O    doub N N 190 
GLU C   OXT  sing N N 191 
GLU CB  CG   sing N N 192 
GLU CB  HB2  sing N N 193 
GLU CB  HB3  sing N N 194 
GLU CG  CD   sing N N 195 
GLU CG  HG2  sing N N 196 
GLU CG  HG3  sing N N 197 
GLU CD  OE1  doub N N 198 
GLU CD  OE2  sing N N 199 
GLU OE2 HE2  sing N N 200 
GLU OXT HXT  sing N N 201 
GLY N   CA   sing N N 202 
GLY N   H    sing N N 203 
GLY N   H2   sing N N 204 
GLY CA  C    sing N N 205 
GLY CA  HA2  sing N N 206 
GLY CA  HA3  sing N N 207 
GLY C   O    doub N N 208 
GLY C   OXT  sing N N 209 
GLY OXT HXT  sing N N 210 
HIS N   CA   sing N N 211 
HIS N   H    sing N N 212 
HIS N   H2   sing N N 213 
HIS CA  C    sing N N 214 
HIS CA  CB   sing N N 215 
HIS CA  HA   sing N N 216 
HIS C   O    doub N N 217 
HIS C   OXT  sing N N 218 
HIS CB  CG   sing N N 219 
HIS CB  HB2  sing N N 220 
HIS CB  HB3  sing N N 221 
HIS CG  ND1  sing Y N 222 
HIS CG  CD2  doub Y N 223 
HIS ND1 CE1  doub Y N 224 
HIS ND1 HD1  sing N N 225 
HIS CD2 NE2  sing Y N 226 
HIS CD2 HD2  sing N N 227 
HIS CE1 NE2  sing Y N 228 
HIS CE1 HE1  sing N N 229 
HIS NE2 HE2  sing N N 230 
HIS OXT HXT  sing N N 231 
HOH O   H1   sing N N 232 
HOH O   H2   sing N N 233 
ILE N   CA   sing N N 234 
ILE N   H    sing N N 235 
ILE N   H2   sing N N 236 
ILE CA  C    sing N N 237 
ILE CA  CB   sing N N 238 
ILE CA  HA   sing N N 239 
ILE C   O    doub N N 240 
ILE C   OXT  sing N N 241 
ILE CB  CG1  sing N N 242 
ILE CB  CG2  sing N N 243 
ILE CB  HB   sing N N 244 
ILE CG1 CD1  sing N N 245 
ILE CG1 HG12 sing N N 246 
ILE CG1 HG13 sing N N 247 
ILE CG2 HG21 sing N N 248 
ILE CG2 HG22 sing N N 249 
ILE CG2 HG23 sing N N 250 
ILE CD1 HD11 sing N N 251 
ILE CD1 HD12 sing N N 252 
ILE CD1 HD13 sing N N 253 
ILE OXT HXT  sing N N 254 
LEU N   CA   sing N N 255 
LEU N   H    sing N N 256 
LEU N   H2   sing N N 257 
LEU CA  C    sing N N 258 
LEU CA  CB   sing N N 259 
LEU CA  HA   sing N N 260 
LEU C   O    doub N N 261 
LEU C   OXT  sing N N 262 
LEU CB  CG   sing N N 263 
LEU CB  HB2  sing N N 264 
LEU CB  HB3  sing N N 265 
LEU CG  CD1  sing N N 266 
LEU CG  CD2  sing N N 267 
LEU CG  HG   sing N N 268 
LEU CD1 HD11 sing N N 269 
LEU CD1 HD12 sing N N 270 
LEU CD1 HD13 sing N N 271 
LEU CD2 HD21 sing N N 272 
LEU CD2 HD22 sing N N 273 
LEU CD2 HD23 sing N N 274 
LEU OXT HXT  sing N N 275 
LYS N   CA   sing N N 276 
LYS N   H    sing N N 277 
LYS N   H2   sing N N 278 
LYS CA  C    sing N N 279 
LYS CA  CB   sing N N 280 
LYS CA  HA   sing N N 281 
LYS C   O    doub N N 282 
LYS C   OXT  sing N N 283 
LYS CB  CG   sing N N 284 
LYS CB  HB2  sing N N 285 
LYS CB  HB3  sing N N 286 
LYS CG  CD   sing N N 287 
LYS CG  HG2  sing N N 288 
LYS CG  HG3  sing N N 289 
LYS CD  CE   sing N N 290 
LYS CD  HD2  sing N N 291 
LYS CD  HD3  sing N N 292 
LYS CE  NZ   sing N N 293 
LYS CE  HE2  sing N N 294 
LYS CE  HE3  sing N N 295 
LYS NZ  HZ1  sing N N 296 
LYS NZ  HZ2  sing N N 297 
LYS NZ  HZ3  sing N N 298 
LYS OXT HXT  sing N N 299 
MET N   CA   sing N N 300 
MET N   H    sing N N 301 
MET N   H2   sing N N 302 
MET CA  C    sing N N 303 
MET CA  CB   sing N N 304 
MET CA  HA   sing N N 305 
MET C   O    doub N N 306 
MET C   OXT  sing N N 307 
MET CB  CG   sing N N 308 
MET CB  HB2  sing N N 309 
MET CB  HB3  sing N N 310 
MET CG  SD   sing N N 311 
MET CG  HG2  sing N N 312 
MET CG  HG3  sing N N 313 
MET SD  CE   sing N N 314 
MET CE  HE1  sing N N 315 
MET CE  HE2  sing N N 316 
MET CE  HE3  sing N N 317 
MET OXT HXT  sing N N 318 
PHE N   CA   sing N N 319 
PHE N   H    sing N N 320 
PHE N   H2   sing N N 321 
PHE CA  C    sing N N 322 
PHE CA  CB   sing N N 323 
PHE CA  HA   sing N N 324 
PHE C   O    doub N N 325 
PHE C   OXT  sing N N 326 
PHE CB  CG   sing N N 327 
PHE CB  HB2  sing N N 328 
PHE CB  HB3  sing N N 329 
PHE CG  CD1  doub Y N 330 
PHE CG  CD2  sing Y N 331 
PHE CD1 CE1  sing Y N 332 
PHE CD1 HD1  sing N N 333 
PHE CD2 CE2  doub Y N 334 
PHE CD2 HD2  sing N N 335 
PHE CE1 CZ   doub Y N 336 
PHE CE1 HE1  sing N N 337 
PHE CE2 CZ   sing Y N 338 
PHE CE2 HE2  sing N N 339 
PHE CZ  HZ   sing N N 340 
PHE OXT HXT  sing N N 341 
PRO N   CA   sing N N 342 
PRO N   CD   sing N N 343 
PRO N   H    sing N N 344 
PRO CA  C    sing N N 345 
PRO CA  CB   sing N N 346 
PRO CA  HA   sing N N 347 
PRO C   O    doub N N 348 
PRO C   OXT  sing N N 349 
PRO CB  CG   sing N N 350 
PRO CB  HB2  sing N N 351 
PRO CB  HB3  sing N N 352 
PRO CG  CD   sing N N 353 
PRO CG  HG2  sing N N 354 
PRO CG  HG3  sing N N 355 
PRO CD  HD2  sing N N 356 
PRO CD  HD3  sing N N 357 
PRO OXT HXT  sing N N 358 
SER N   CA   sing N N 359 
SER N   H    sing N N 360 
SER N   H2   sing N N 361 
SER CA  C    sing N N 362 
SER CA  CB   sing N N 363 
SER CA  HA   sing N N 364 
SER C   O    doub N N 365 
SER C   OXT  sing N N 366 
SER CB  OG   sing N N 367 
SER CB  HB2  sing N N 368 
SER CB  HB3  sing N N 369 
SER OG  HG   sing N N 370 
SER OXT HXT  sing N N 371 
THR N   CA   sing N N 372 
THR N   H    sing N N 373 
THR N   H2   sing N N 374 
THR CA  C    sing N N 375 
THR CA  CB   sing N N 376 
THR CA  HA   sing N N 377 
THR C   O    doub N N 378 
THR C   OXT  sing N N 379 
THR CB  OG1  sing N N 380 
THR CB  CG2  sing N N 381 
THR CB  HB   sing N N 382 
THR OG1 HG1  sing N N 383 
THR CG2 HG21 sing N N 384 
THR CG2 HG22 sing N N 385 
THR CG2 HG23 sing N N 386 
THR OXT HXT  sing N N 387 
TRP N   CA   sing N N 388 
TRP N   H    sing N N 389 
TRP N   H2   sing N N 390 
TRP CA  C    sing N N 391 
TRP CA  CB   sing N N 392 
TRP CA  HA   sing N N 393 
TRP C   O    doub N N 394 
TRP C   OXT  sing N N 395 
TRP CB  CG   sing N N 396 
TRP CB  HB2  sing N N 397 
TRP CB  HB3  sing N N 398 
TRP CG  CD1  doub Y N 399 
TRP CG  CD2  sing Y N 400 
TRP CD1 NE1  sing Y N 401 
TRP CD1 HD1  sing N N 402 
TRP CD2 CE2  doub Y N 403 
TRP CD2 CE3  sing Y N 404 
TRP NE1 CE2  sing Y N 405 
TRP NE1 HE1  sing N N 406 
TRP CE2 CZ2  sing Y N 407 
TRP CE3 CZ3  doub Y N 408 
TRP CE3 HE3  sing N N 409 
TRP CZ2 CH2  doub Y N 410 
TRP CZ2 HZ2  sing N N 411 
TRP CZ3 CH2  sing Y N 412 
TRP CZ3 HZ3  sing N N 413 
TRP CH2 HH2  sing N N 414 
TRP OXT HXT  sing N N 415 
TYR N   CA   sing N N 416 
TYR N   H    sing N N 417 
TYR N   H2   sing N N 418 
TYR CA  C    sing N N 419 
TYR CA  CB   sing N N 420 
TYR CA  HA   sing N N 421 
TYR C   O    doub N N 422 
TYR C   OXT  sing N N 423 
TYR CB  CG   sing N N 424 
TYR CB  HB2  sing N N 425 
TYR CB  HB3  sing N N 426 
TYR CG  CD1  doub Y N 427 
TYR CG  CD2  sing Y N 428 
TYR CD1 CE1  sing Y N 429 
TYR CD1 HD1  sing N N 430 
TYR CD2 CE2  doub Y N 431 
TYR CD2 HD2  sing N N 432 
TYR CE1 CZ   doub Y N 433 
TYR CE1 HE1  sing N N 434 
TYR CE2 CZ   sing Y N 435 
TYR CE2 HE2  sing N N 436 
TYR CZ  OH   sing N N 437 
TYR OH  HH   sing N N 438 
TYR OXT HXT  sing N N 439 
VAL N   CA   sing N N 440 
VAL N   H    sing N N 441 
VAL N   H2   sing N N 442 
VAL CA  C    sing N N 443 
VAL CA  CB   sing N N 444 
VAL CA  HA   sing N N 445 
VAL C   O    doub N N 446 
VAL C   OXT  sing N N 447 
VAL CB  CG1  sing N N 448 
VAL CB  CG2  sing N N 449 
VAL CB  HB   sing N N 450 
VAL CG1 HG11 sing N N 451 
VAL CG1 HG12 sing N N 452 
VAL CG1 HG13 sing N N 453 
VAL CG2 HG21 sing N N 454 
VAL CG2 HG22 sing N N 455 
VAL CG2 HG23 sing N N 456 
VAL OXT HXT  sing N N 457 
# 
_pdbx_entity_instance_feature.ordinal        1 
_pdbx_entity_instance_feature.comp_id        CN7 
_pdbx_entity_instance_feature.asym_id        ? 
_pdbx_entity_instance_feature.seq_num        ? 
_pdbx_entity_instance_feature.auth_comp_id   CN7 
_pdbx_entity_instance_feature.auth_asym_id   ? 
_pdbx_entity_instance_feature.auth_seq_num   ? 
_pdbx_entity_instance_feature.feature_type   'SUBJECT OF INVESTIGATION' 
_pdbx_entity_instance_feature.details        ? 
# 
_atom_sites.entry_id                    6B4U 
_atom_sites.fract_transf_matrix[1][1]   0.00127009 
_atom_sites.fract_transf_matrix[1][2]   -0.00162427 
_atom_sites.fract_transf_matrix[1][3]   0.02057695 
_atom_sites.fract_transf_matrix[2][1]   -0.01135689 
_atom_sites.fract_transf_matrix[2][2]   0.00487602 
_atom_sites.fract_transf_matrix[2][3]   0.00108589 
_atom_sites.fract_transf_matrix[3][1]   -0.00445314 
_atom_sites.fract_transf_matrix[3][2]   -0.01025292 
_atom_sites.fract_transf_matrix[3][3]   -0.00053446 
_atom_sites.fract_transf_vector[1]      -0.176990 
_atom_sites.fract_transf_vector[2]      0.194744 
_atom_sites.fract_transf_vector[3]      0.113575 
# 
loop_
_atom_type.symbol 
C 
N 
O 
S 
# 
loop_
_atom_site.group_PDB 
_atom_site.id 
_atom_site.type_symbol 
_atom_site.label_atom_id 
_atom_site.label_alt_id 
_atom_site.label_comp_id 
_atom_site.label_asym_id 
_atom_site.label_entity_id 
_atom_site.label_seq_id 
_atom_site.pdbx_PDB_ins_code 
_atom_site.Cartn_x 
_atom_site.Cartn_y 
_atom_site.Cartn_z 
_atom_site.occupancy 
_atom_site.B_iso_or_equiv 
_atom_site.pdbx_formal_charge 
_atom_site.auth_seq_id 
_atom_site.auth_comp_id 
_atom_site.auth_asym_id 
_atom_site.auth_atom_id 
_atom_site.pdbx_PDB_model_num 
ATOM   1    N N   . SER A 1 2   ? -15.134 -4.268  7.517   1.00 41.28  ? 171 SER A N   1 
ATOM   2    C CA  . SER A 1 2   ? -15.518 -5.452  6.747   1.00 40.33  ? 171 SER A CA  1 
ATOM   3    C C   . SER A 1 2   ? -14.371 -6.470  6.736   1.00 39.57  ? 171 SER A C   1 
ATOM   4    O O   . SER A 1 2   ? -13.234 -6.110  6.418   1.00 38.39  ? 171 SER A O   1 
ATOM   5    C CB  . SER A 1 2   ? -15.906 -5.060  5.319   1.00 45.64  ? 171 SER A CB  1 
ATOM   6    O OG  . SER A 1 2   ? -15.867 -6.149  4.407   1.00 53.57  ? 171 SER A OG  1 
ATOM   7    N N   . MET A 1 3   ? -14.679 -7.743  7.090   1.00 31.76  ? 172 MET A N   1 
ATOM   8    C CA  . MET A 1 3   ? -13.710 -8.837  7.097   1.00 29.16  ? 172 MET A CA  1 
ATOM   9    C C   . MET A 1 3   ? -13.188 -9.100  5.672   1.00 33.51  ? 172 MET A C   1 
ATOM   10   O O   . MET A 1 3   ? -11.970 -9.197  5.473   1.00 33.44  ? 172 MET A O   1 
ATOM   11   C CB  . MET A 1 3   ? -14.346 -10.114 7.693   1.00 30.01  ? 172 MET A CB  1 
ATOM   12   C CG  . MET A 1 3   ? -13.562 -11.392 7.425   1.00 30.50  ? 172 MET A CG  1 
ATOM   13   S SD  . MET A 1 3   ? -14.437 -12.884 8.065   1.00 29.76  ? 172 MET A SD  1 
ATOM   14   C CE  . MET A 1 3   ? -13.607 -13.979 7.443   1.00 24.86  ? 172 MET A CE  1 
ATOM   15   N N   . ASP A 1 4   ? -14.101 -9.243  4.695   1.00 30.50  ? 173 ASP A N   1 
ATOM   16   C CA  . ASP A 1 4   ? -13.713 -9.534  3.316   1.00 31.37  ? 173 ASP A CA  1 
ATOM   17   C C   . ASP A 1 4   ? -12.901 -8.399  2.669   1.00 34.72  ? 173 ASP A C   1 
ATOM   18   O O   . ASP A 1 4   ? -11.969 -8.694  1.925   1.00 34.86  ? 173 ASP A O   1 
ATOM   19   C CB  . ASP A 1 4   ? -14.922 -9.932  2.459   1.00 34.05  ? 173 ASP A CB  1 
ATOM   20   C CG  . ASP A 1 4   ? -15.546 -11.276 2.834   1.00 49.00  ? 173 ASP A CG  1 
ATOM   21   O OD1 . ASP A 1 4   ? -14.828 -12.134 3.410   1.00 49.99  ? 173 ASP A OD1 1 
ATOM   22   O OD2 . ASP A 1 4   ? -16.743 -11.475 2.536   1.00 56.19  ? 173 ASP A OD2 1 
ATOM   23   N N   . LEU A 1 5   ? -13.211 -7.135  2.996   1.00 31.90  ? 174 LEU A N   1 
ATOM   24   C CA  . LEU A 1 5   ? -12.488 -5.962  2.458   1.00 31.77  ? 174 LEU A CA  1 
ATOM   25   C C   . LEU A 1 5   ? -11.082 -5.903  3.044   1.00 33.62  ? 174 LEU A C   1 
ATOM   26   O O   . LEU A 1 5   ? -10.131 -5.779  2.275   1.00 31.34  ? 174 LEU A O   1 
ATOM   27   C CB  . LEU A 1 5   ? -13.254 -4.639  2.658   1.00 31.86  ? 174 LEU A CB  1 
ATOM   28   C CG  . LEU A 1 5   ? -12.646 -3.379  1.984   1.00 37.49  ? 174 LEU A CG  1 
ATOM   29   C CD1 . LEU A 1 5   ? -12.628 -3.511  0.456   1.00 38.36  ? 174 LEU A CD1 1 
ATOM   30   C CD2 . LEU A 1 5   ? -13.419 -2.133  2.365   1.00 40.73  ? 174 LEU A CD2 1 
ATOM   31   N N   . TYR A 1 6   ? -10.945 -6.109  4.385   1.00 30.32  ? 175 TYR A N   1 
ATOM   32   C CA  . TYR A 1 6   ? -9.644  -6.190  5.063   1.00 29.11  ? 175 TYR A CA  1 
ATOM   33   C C   . TYR A 1 6   ? -8.781  -7.313  4.484   1.00 31.62  ? 175 TYR A C   1 
ATOM   34   O O   . TYR A 1 6   ? -7.597  -7.089  4.220   1.00 31.01  ? 175 TYR A O   1 
ATOM   35   C CB  . TYR A 1 6   ? -9.804  -6.402  6.575   1.00 29.66  ? 175 TYR A CB  1 
ATOM   36   C CG  . TYR A 1 6   ? -8.493  -6.698  7.276   1.00 30.70  ? 175 TYR A CG  1 
ATOM   37   C CD1 . TYR A 1 6   ? -7.584  -5.683  7.552   1.00 32.78  ? 175 TYR A CD1 1 
ATOM   38   C CD2 . TYR A 1 6   ? -8.146  -7.999  7.633   1.00 31.94  ? 175 TYR A CD2 1 
ATOM   39   C CE1 . TYR A 1 6   ? -6.368  -5.950  8.180   1.00 33.88  ? 175 TYR A CE1 1 
ATOM   40   C CE2 . TYR A 1 6   ? -6.922  -8.281  8.239   1.00 32.60  ? 175 TYR A CE2 1 
ATOM   41   C CZ  . TYR A 1 6   ? -6.042  -7.251  8.520   1.00 38.32  ? 175 TYR A CZ  1 
ATOM   42   O OH  . TYR A 1 6   ? -4.850  -7.513  9.133   1.00 41.41  ? 175 TYR A OH  1 
ATOM   43   N N   . ARG A 1 7   ? -9.344  -8.532  4.360   1.00 27.77  ? 176 ARG A N   1 
ATOM   44   C CA  . ARG A 1 7   ? -8.632  -9.706  3.835   1.00 27.65  ? 176 ARG A CA  1 
ATOM   45   C C   . ARG A 1 7   ? -8.040  -9.476  2.452   1.00 29.99  ? 176 ARG A C   1 
ATOM   46   O O   . ARG A 1 7   ? -6.850  -9.747  2.245   1.00 28.06  ? 176 ARG A O   1 
ATOM   47   C CB  . ARG A 1 7   ? -9.535  -10.947 3.851   1.00 30.19  ? 176 ARG A CB  1 
ATOM   48   C CG  . ARG A 1 7   ? -8.965  -12.175 3.131   1.00 51.56  ? 176 ARG A CG  1 
ATOM   49   C CD  . ARG A 1 7   ? -8.327  -13.148 4.108   1.00 68.28  ? 176 ARG A CD  1 
ATOM   50   N NE  . ARG A 1 7   ? -8.810  -14.520 3.928   1.00 79.49  ? 176 ARG A NE  1 
ATOM   51   C CZ  . ARG A 1 7   ? -9.946  -14.998 4.429   1.00 88.27  ? 176 ARG A CZ  1 
ATOM   52   N NH1 . ARG A 1 7   ? -10.753 -14.210 5.132   1.00 73.67  ? 176 ARG A NH1 1 
ATOM   53   N NH2 . ARG A 1 7   ? -10.296 -16.257 4.214   1.00 70.38  ? 176 ARG A NH2 1 
ATOM   54   N N   . GLN A 1 8   ? -8.879  -9.018  1.502   1.00 28.00  ? 177 GLN A N   1 
ATOM   55   C CA  . GLN A 1 8   ? -8.492  -8.735  0.114   1.00 26.97  ? 177 GLN A CA  1 
ATOM   56   C C   . GLN A 1 8   ? -7.456  -7.599  0.051   1.00 29.36  ? 177 GLN A C   1 
ATOM   57   O O   . GLN A 1 8   ? -6.463  -7.730  -0.667  1.00 29.02  ? 177 GLN A O   1 
ATOM   58   C CB  . GLN A 1 8   ? -9.737  -8.389  -0.727  1.00 28.37  ? 177 GLN A CB  1 
ATOM   59   C CG  . GLN A 1 8   ? -9.425  -7.989  -2.179  1.00 28.49  ? 177 GLN A CG  1 
ATOM   60   C CD  . GLN A 1 8   ? -10.651 -7.681  -2.983  1.00 34.59  ? 177 GLN A CD  1 
ATOM   61   O OE1 . GLN A 1 8   ? -11.568 -7.041  -2.504  1.00 30.37  ? 177 GLN A OE1 1 
ATOM   62   N NE2 . GLN A 1 8   ? -10.688 -8.113  -4.240  1.00 30.09  ? 177 GLN A NE2 1 
ATOM   63   N N   . SER A 1 9   ? -7.687  -6.492  0.790   1.00 26.82  ? 178 SER A N   1 
ATOM   64   C CA  . SER A 1 9   ? -6.761  -5.350  0.837   1.00 25.42  ? 178 SER A CA  1 
ATOM   65   C C   . SER A 1 9   ? -5.387  -5.788  1.395   1.00 28.98  ? 178 SER A C   1 
ATOM   66   O O   . SER A 1 9   ? -4.349  -5.396  0.852   1.00 26.44  ? 178 SER A O   1 
ATOM   67   C CB  . SER A 1 9   ? -7.335  -4.210  1.672   1.00 26.27  ? 178 SER A CB  1 
ATOM   68   O OG  . SER A 1 9   ? -8.556  -3.734  1.133   1.00 28.24  ? 178 SER A OG  1 
ATOM   69   N N   . LEU A 1 10  ? -5.386  -6.639  2.445   1.00 24.95  ? 179 LEU A N   1 
ATOM   70   C CA  . LEU A 1 10  ? -4.137  -7.116  3.040   1.00 25.97  ? 179 LEU A CA  1 
ATOM   71   C C   . LEU A 1 10  ? -3.365  -7.987  2.054   1.00 28.05  ? 179 LEU A C   1 
ATOM   72   O O   . LEU A 1 10  ? -2.154  -7.857  1.974   1.00 27.00  ? 179 LEU A O   1 
ATOM   73   C CB  . LEU A 1 10  ? -4.359  -7.865  4.379   1.00 26.58  ? 179 LEU A CB  1 
ATOM   74   C CG  . LEU A 1 10  ? -3.080  -8.403  5.059   1.00 31.59  ? 179 LEU A CG  1 
ATOM   75   C CD1 . LEU A 1 10  ? -2.173  -7.284  5.446   1.00 32.20  ? 179 LEU A CD1 1 
ATOM   76   C CD2 . LEU A 1 10  ? -3.414  -9.270  6.286   1.00 35.85  ? 179 LEU A CD2 1 
ATOM   77   N N   . GLU A 1 11  ? -4.056  -8.880  1.338   1.00 25.39  ? 180 GLU A N   1 
ATOM   78   C CA  . GLU A 1 11  ? -3.440  -9.758  0.354   1.00 25.69  ? 180 GLU A CA  1 
ATOM   79   C C   . GLU A 1 11  ? -2.728  -8.929  -0.741  1.00 29.81  ? 180 GLU A C   1 
ATOM   80   O O   . GLU A 1 11  ? -1.581  -9.206  -1.062  1.00 30.53  ? 180 GLU A O   1 
ATOM   81   C CB  . GLU A 1 11  ? -4.503  -10.674 -0.266  1.00 27.67  ? 180 GLU A CB  1 
ATOM   82   C CG  . GLU A 1 11  ? -3.904  -11.836 -1.034  1.00 44.43  ? 180 GLU A CG  1 
ATOM   83   C CD  . GLU A 1 11  ? -4.756  -13.086 -1.170  1.00 70.90  ? 180 GLU A CD  1 
ATOM   84   O OE1 . GLU A 1 11  ? -6.002  -12.968 -1.246  1.00 58.83  ? 180 GLU A OE1 1 
ATOM   85   O OE2 . GLU A 1 11  ? -4.165  -14.188 -1.219  1.00 69.57  ? 180 GLU A OE2 1 
ATOM   86   N N   . ILE A 1 12  ? -3.407  -7.916  -1.291  1.00 26.20  ? 181 ILE A N   1 
ATOM   87   C CA  . ILE A 1 12  ? -2.870  -7.039  -2.345  1.00 25.19  ? 181 ILE A CA  1 
ATOM   88   C C   . ILE A 1 12  ? -1.674  -6.249  -1.811  1.00 27.34  ? 181 ILE A C   1 
ATOM   89   O O   . ILE A 1 12  ? -0.581  -6.298  -2.398  1.00 28.11  ? 181 ILE A O   1 
ATOM   90   C CB  . ILE A 1 12  ? -4.001  -6.110  -2.911  1.00 28.21  ? 181 ILE A CB  1 
ATOM   91   C CG1 . ILE A 1 12  ? -5.079  -6.923  -3.675  1.00 28.53  ? 181 ILE A CG1 1 
ATOM   92   C CG2 . ILE A 1 12  ? -3.422  -4.987  -3.811  1.00 28.66  ? 181 ILE A CG2 1 
ATOM   93   C CD1 . ILE A 1 12  ? -6.433  -6.291  -3.705  1.00 30.85  ? 181 ILE A CD1 1 
ATOM   94   N N   . ILE A 1 13  ? -1.870  -5.544  -0.685  1.00 23.63  ? 182 ILE A N   1 
ATOM   95   C CA  . ILE A 1 13  ? -0.844  -4.687  -0.073  1.00 23.17  ? 182 ILE A CA  1 
ATOM   96   C C   . ILE A 1 13  ? 0.379   -5.494  0.405   1.00 27.91  ? 182 ILE A C   1 
ATOM   97   O O   . ILE A 1 13  ? 1.495   -5.091  0.088   1.00 25.95  ? 182 ILE A O   1 
ATOM   98   C CB  . ILE A 1 13  ? -1.437  -3.761  1.033   1.00 25.85  ? 182 ILE A CB  1 
ATOM   99   C CG1 . ILE A 1 13  ? -2.464  -2.782  0.407   1.00 26.13  ? 182 ILE A CG1 1 
ATOM   100  C CG2 . ILE A 1 13  ? -0.340  -2.990  1.801   1.00 26.24  ? 182 ILE A CG2 1 
ATOM   101  C CD1 . ILE A 1 13  ? -3.456  -2.094  1.427   1.00 27.92  ? 182 ILE A CD1 1 
ATOM   102  N N   . SER A 1 14  ? 0.188   -6.625  1.150   1.00 24.96  ? 183 SER A N   1 
ATOM   103  C CA  . SER A 1 14  ? 1.351   -7.403  1.587   1.00 25.45  ? 183 SER A CA  1 
ATOM   104  C C   . SER A 1 14  ? 2.113   -8.005  0.406   1.00 27.58  ? 183 SER A C   1 
ATOM   105  O O   . SER A 1 14  ? 3.335   -8.025  0.462   1.00 27.28  ? 183 SER A O   1 
ATOM   106  C CB  . SER A 1 14  ? 0.985   -8.486  2.604   1.00 32.53  ? 183 SER A CB  1 
ATOM   107  O OG  . SER A 1 14  ? 0.119   -9.448  2.028   1.00 46.05  ? 183 SER A OG  1 
ATOM   108  N N   . ARG A 1 15  ? 1.420   -8.461  -0.661  1.00 25.17  ? 184 ARG A N   1 
ATOM   109  C CA  . ARG A 1 15  ? 2.111   -8.993  -1.850  1.00 25.12  ? 184 ARG A CA  1 
ATOM   110  C C   . ARG A 1 15  ? 2.986   -7.924  -2.513  1.00 29.38  ? 184 ARG A C   1 
ATOM   111  O O   . ARG A 1 15  ? 4.128   -8.199  -2.867  1.00 29.23  ? 184 ARG A O   1 
ATOM   112  C CB  . ARG A 1 15  ? 1.126   -9.561  -2.869  1.00 25.83  ? 184 ARG A CB  1 
ATOM   113  C CG  . ARG A 1 15  ? 0.788   -11.017 -2.583  1.00 34.59  ? 184 ARG A CG  1 
ATOM   114  C CD  . ARG A 1 15  ? -0.301  -11.545 -3.476  1.00 43.47  ? 184 ARG A CD  1 
ATOM   115  N NE  . ARG A 1 15  ? -0.886  -12.762 -2.905  1.00 55.91  ? 184 ARG A NE  1 
ATOM   116  C CZ  . ARG A 1 15  ? -0.696  -13.989 -3.378  1.00 65.13  ? 184 ARG A CZ  1 
ATOM   117  N NH1 . ARG A 1 15  ? 0.043   -14.185 -4.466  1.00 44.56  ? 184 ARG A NH1 1 
ATOM   118  N NH2 . ARG A 1 15  ? -1.263  -15.030 -2.782  1.00 48.66  ? 184 ARG A NH2 1 
ATOM   119  N N   . TYR A 1 16  ? 2.461   -6.692  -2.665  1.00 25.60  ? 185 TYR A N   1 
ATOM   120  C CA  . TYR A 1 16  ? 3.256   -5.614  -3.276  1.00 23.85  ? 185 TYR A CA  1 
ATOM   121  C C   . TYR A 1 16  ? 4.500   -5.248  -2.440  1.00 27.10  ? 185 TYR A C   1 
ATOM   122  O O   . TYR A 1 16  ? 5.585   -5.153  -3.008  1.00 26.73  ? 185 TYR A O   1 
ATOM   123  C CB  . TYR A 1 16  ? 2.376   -4.378  -3.551  1.00 23.85  ? 185 TYR A CB  1 
ATOM   124  C CG  . TYR A 1 16  ? 3.087   -3.272  -4.318  1.00 25.27  ? 185 TYR A CG  1 
ATOM   125  C CD1 . TYR A 1 16  ? 3.618   -3.503  -5.586  1.00 27.37  ? 185 TYR A CD1 1 
ATOM   126  C CD2 . TYR A 1 16  ? 3.188   -1.987  -3.792  1.00 25.95  ? 185 TYR A CD2 1 
ATOM   127  C CE1 . TYR A 1 16  ? 4.288   -2.498  -6.286  1.00 27.96  ? 185 TYR A CE1 1 
ATOM   128  C CE2 . TYR A 1 16  ? 3.845   -0.967  -4.489  1.00 27.56  ? 185 TYR A CE2 1 
ATOM   129  C CZ  . TYR A 1 16  ? 4.392   -1.229  -5.737  1.00 31.08  ? 185 TYR A CZ  1 
ATOM   130  O OH  . TYR A 1 16  ? 5.029   -0.229  -6.433  1.00 30.71  ? 185 TYR A OH  1 
ATOM   131  N N   . LEU A 1 17  ? 4.353   -5.045  -1.114  1.00 23.37  ? 186 LEU A N   1 
ATOM   132  C CA  . LEU A 1 17  ? 5.457   -4.677  -0.224  1.00 23.52  ? 186 LEU A CA  1 
ATOM   133  C C   . LEU A 1 17  ? 6.548   -5.768  -0.165  1.00 30.64  ? 186 LEU A C   1 
ATOM   134  O O   . LEU A 1 17  ? 7.740   -5.454  -0.221  1.00 28.53  ? 186 LEU A O   1 
ATOM   135  C CB  . LEU A 1 17  ? 4.946   -4.339  1.208   1.00 22.99  ? 186 LEU A CB  1 
ATOM   136  C CG  . LEU A 1 17  ? 4.608   -2.863  1.486   1.00 27.13  ? 186 LEU A CG  1 
ATOM   137  C CD1 . LEU A 1 17  ? 3.514   -2.314  0.520   1.00 26.62  ? 186 LEU A CD1 1 
ATOM   138  C CD2 . LEU A 1 17  ? 4.166   -2.654  2.943   1.00 26.97  ? 186 LEU A CD2 1 
ATOM   139  N N   . ARG A 1 18  ? 6.123   -7.038  -0.073  1.00 29.83  ? 187 ARG A N   1 
ATOM   140  C CA  . ARG A 1 18  ? 7.023   -8.191  -0.003  1.00 30.63  ? 187 ARG A CA  1 
ATOM   141  C C   . ARG A 1 18  ? 7.845   -8.343  -1.297  1.00 33.86  ? 187 ARG A C   1 
ATOM   142  O O   . ARG A 1 18  ? 9.063   -8.460  -1.205  1.00 33.04  ? 187 ARG A O   1 
ATOM   143  C CB  . ARG A 1 18  ? 6.242   -9.485  0.313   1.00 29.90  ? 187 ARG A CB  1 
ATOM   144  C CG  . ARG A 1 18  ? 5.814   -9.596  1.785   1.00 45.42  ? 187 ARG A CG  1 
ATOM   145  C CD  . ARG A 1 18  ? 5.106   -10.902 2.145   1.00 50.58  ? 187 ARG A CD  1 
ATOM   146  N NE  . ARG A 1 18  ? 4.521   -11.565 0.977   1.00 64.36  ? 187 ARG A NE  1 
ATOM   147  C CZ  . ARG A 1 18  ? 3.234   -11.862 0.835   1.00 81.31  ? 187 ARG A CZ  1 
ATOM   148  N NH1 . ARG A 1 18  ? 2.371   -11.590 1.807   1.00 71.78  ? 187 ARG A NH1 1 
ATOM   149  N NH2 . ARG A 1 18  ? 2.803   -12.450 -0.269  1.00 67.20  ? 187 ARG A NH2 1 
ATOM   150  N N   . GLU A 1 19  ? 7.194   -8.301  -2.484  1.00 29.46  ? 188 GLU A N   1 
ATOM   151  C CA  . GLU A 1 19  ? 7.906   -8.434  -3.760  1.00 30.33  ? 188 GLU A CA  1 
ATOM   152  C C   . GLU A 1 19  ? 8.787   -7.213  -4.066  1.00 34.48  ? 188 GLU A C   1 
ATOM   153  O O   . GLU A 1 19  ? 9.808   -7.366  -4.728  1.00 34.17  ? 188 GLU A O   1 
ATOM   154  C CB  . GLU A 1 19  ? 6.955   -8.786  -4.929  1.00 31.91  ? 188 GLU A CB  1 
ATOM   155  C CG  . GLU A 1 19  ? 6.126   -7.630  -5.469  1.00 39.64  ? 188 GLU A CG  1 
ATOM   156  C CD  . GLU A 1 19  ? 5.140   -7.942  -6.578  1.00 53.34  ? 188 GLU A CD  1 
ATOM   157  O OE1 . GLU A 1 19  ? 4.768   -6.990  -7.299  1.00 55.46  ? 188 GLU A OE1 1 
ATOM   158  O OE2 . GLU A 1 19  ? 4.723   -9.114  -6.723  1.00 41.43  ? 188 GLU A OE2 1 
ATOM   159  N N   . GLN A 1 20  ? 8.438   -6.019  -3.539  1.00 30.57  ? 189 GLN A N   1 
ATOM   160  C CA  . GLN A 1 20  ? 9.254   -4.810  -3.738  1.00 29.70  ? 189 GLN A CA  1 
ATOM   161  C C   . GLN A 1 20  ? 10.531  -4.916  -2.933  1.00 33.30  ? 189 GLN A C   1 
ATOM   162  O O   . GLN A 1 20  ? 11.583  -4.486  -3.398  1.00 31.45  ? 189 GLN A O   1 
ATOM   163  C CB  . GLN A 1 20  ? 8.482   -3.538  -3.346  1.00 30.06  ? 189 GLN A CB  1 
ATOM   164  C CG  . GLN A 1 20  ? 7.429   -3.143  -4.375  1.00 23.55  ? 189 GLN A CG  1 
ATOM   165  C CD  . GLN A 1 20  ? 8.017   -2.347  -5.513  1.00 36.45  ? 189 GLN A CD  1 
ATOM   166  O OE1 . GLN A 1 20  ? 8.603   -1.290  -5.311  1.00 33.94  ? 189 GLN A OE1 1 
ATOM   167  N NE2 . GLN A 1 20  ? 7.875   -2.840  -6.733  1.00 28.88  ? 189 GLN A NE2 1 
ATOM   168  N N   . ALA A 1 21  ? 10.446  -5.495  -1.730  1.00 30.69  ? 190 ALA A N   1 
ATOM   169  C CA  . ALA A 1 21  ? 11.612  -5.655  -0.873  1.00 32.44  ? 190 ALA A CA  1 
ATOM   170  C C   . ALA A 1 21  ? 12.489  -6.824  -1.337  1.00 39.42  ? 190 ALA A C   1 
ATOM   171  O O   . ALA A 1 21  ? 13.702  -6.663  -1.404  1.00 39.95  ? 190 ALA A O   1 
ATOM   172  C CB  . ALA A 1 21  ? 11.183  -5.854  0.574   1.00 33.33  ? 190 ALA A CB  1 
ATOM   173  N N   . THR A 1 22  ? 11.884  -7.979  -1.681  1.00 38.16  ? 191 THR A N   1 
ATOM   174  C CA  . THR A 1 22  ? 12.638  -9.179  -2.098  1.00 39.01  ? 191 THR A CA  1 
ATOM   175  C C   . THR A 1 22  ? 13.096  -9.186  -3.567  1.00 45.41  ? 191 THR A C   1 
ATOM   176  O O   . THR A 1 22  ? 14.105  -9.818  -3.883  1.00 45.88  ? 191 THR A O   1 
ATOM   177  C CB  . THR A 1 22  ? 11.844  -10.463 -1.809  1.00 42.99  ? 191 THR A CB  1 
ATOM   178  O OG1 . THR A 1 22  ? 10.688  -10.495 -2.642  1.00 43.82  ? 191 THR A OG1 1 
ATOM   179  C CG2 . THR A 1 22  ? 11.460  -10.611 -0.343  1.00 43.02  ? 191 THR A CG2 1 
ATOM   180  N N   . GLY A 1 23  ? 12.320  -8.547  -4.443  1.00 42.34  ? 192 GLY A N   1 
ATOM   181  C CA  . GLY A 1 23  ? 12.563  -8.529  -5.883  1.00 42.57  ? 192 GLY A CA  1 
ATOM   182  C C   . GLY A 1 23  ? 11.986  -9.762  -6.561  1.00 47.44  ? 192 GLY A C   1 
ATOM   183  O O   . GLY A 1 23  ? 12.294  -10.029 -7.726  1.00 45.90  ? 192 GLY A O   1 
ATOM   184  N N   . ALA A 1 24  ? 11.132  -10.523 -5.837  1.00 45.51  ? 193 ALA A N   1 
ATOM   185  C CA  . ALA A 1 24  ? 10.514  -11.750 -6.345  1.00 46.31  ? 193 ALA A CA  1 
ATOM   186  C C   . ALA A 1 24  ? 9.025   -11.850 -6.019  1.00 52.10  ? 193 ALA A C   1 
ATOM   187  O O   . ALA A 1 24  ? 8.631   -11.691 -4.860  1.00 51.00  ? 193 ALA A O   1 
ATOM   188  C CB  . ALA A 1 24  ? 11.252  -12.967 -5.802  1.00 47.09  ? 193 ALA A CB  1 
ATOM   189  N N   . LYS A 1 25  ? 8.207   -12.140 -7.047  1.00 50.84  ? 194 LYS A N   1 
ATOM   190  C CA  . LYS A 1 25  ? 6.754   -12.303 -6.945  1.00 51.71  ? 194 LYS A CA  1 
ATOM   191  C C   . LYS A 1 25  ? 6.383   -13.594 -6.192  1.00 58.88  ? 194 LYS A C   1 
ATOM   192  O O   . LYS A 1 25  ? 7.153   -14.560 -6.208  1.00 59.19  ? 194 LYS A O   1 
ATOM   193  C CB  . LYS A 1 25  ? 6.118   -12.306 -8.345  1.00 53.70  ? 194 LYS A CB  1 
ATOM   194  C CG  . LYS A 1 25  ? 6.253   -10.982 -9.089  1.00 63.26  ? 194 LYS A CG  1 
ATOM   195  C CD  . LYS A 1 25  ? 5.892   -11.114 -10.556 1.00 72.31  ? 194 LYS A CD  1 
ATOM   196  C CE  . LYS A 1 25  ? 6.273   -9.877  -11.330 1.00 84.50  ? 194 LYS A CE  1 
ATOM   197  N NZ  . LYS A 1 25  ? 6.095   -10.065 -12.794 1.00 94.08  ? 194 LYS A NZ  1 
ATOM   198  N N   . ASP A 1 26  ? 5.209   -13.602 -5.526  1.00 56.40  ? 195 ASP A N   1 
ATOM   199  C CA  . ASP A 1 26  ? 4.687   -14.749 -4.774  1.00 56.54  ? 195 ASP A CA  1 
ATOM   200  C C   . ASP A 1 26  ? 3.772   -15.564 -5.684  1.00 61.37  ? 195 ASP A C   1 
ATOM   201  O O   . ASP A 1 26  ? 2.793   -15.036 -6.212  1.00 60.65  ? 195 ASP A O   1 
ATOM   202  C CB  . ASP A 1 26  ? 3.931   -14.276 -3.512  1.00 58.57  ? 195 ASP A CB  1 
ATOM   203  C CG  . ASP A 1 26  ? 3.599   -15.338 -2.469  1.00 68.61  ? 195 ASP A CG  1 
ATOM   204  O OD1 . ASP A 1 26  ? 3.836   -16.535 -2.734  1.00 69.59  ? 195 ASP A OD1 1 
ATOM   205  O OD2 . ASP A 1 26  ? 3.105   -14.969 -1.387  1.00 73.77  ? 195 ASP A OD2 1 
ATOM   206  N N   . THR A 1 27  ? 4.110   -16.851 -5.884  1.00 59.51  ? 196 THR A N   1 
ATOM   207  C CA  . THR A 1 27  ? 3.356   -17.762 -6.754  1.00 59.68  ? 196 THR A CA  1 
ATOM   208  C C   . THR A 1 27  ? 2.124   -18.353 -6.072  1.00 63.57  ? 196 THR A C   1 
ATOM   209  O O   . THR A 1 27  ? 1.270   -18.921 -6.757  1.00 63.59  ? 196 THR A O   1 
ATOM   210  C CB  . THR A 1 27  ? 4.269   -18.851 -7.339  1.00 69.83  ? 196 THR A CB  1 
ATOM   211  O OG1 . THR A 1 27  ? 4.993   -19.481 -6.280  1.00 69.83  ? 196 THR A OG1 1 
ATOM   212  C CG2 . THR A 1 27  ? 5.218   -18.314 -8.408  1.00 68.02  ? 196 THR A CG2 1 
ATOM   213  N N   . LYS A 1 28  ? 2.028   -18.214 -4.732  1.00 60.09  ? 197 LYS A N   1 
ATOM   214  C CA  . LYS A 1 28  ? 0.909   -18.713 -3.928  1.00 59.59  ? 197 LYS A CA  1 
ATOM   215  C C   . LYS A 1 28  ? -0.419  -18.144 -4.432  1.00 62.05  ? 197 LYS A C   1 
ATOM   216  O O   . LYS A 1 28  ? -0.496  -16.942 -4.710  1.00 61.83  ? 197 LYS A O   1 
ATOM   217  C CB  . LYS A 1 28  ? 1.121   -18.430 -2.432  1.00 62.43  ? 197 LYS A CB  1 
ATOM   218  C CG  . LYS A 1 28  ? 2.139   -19.376 -1.802  1.00 84.80  ? 197 LYS A CG  1 
ATOM   219  C CD  . LYS A 1 28  ? 2.552   -18.953 -0.404  1.00 98.05  ? 197 LYS A CD  1 
ATOM   220  C CE  . LYS A 1 28  ? 3.666   -19.825 0.125   1.00 110.74 ? 197 LYS A CE  1 
ATOM   221  N NZ  . LYS A 1 28  ? 4.158   -19.359 1.449   1.00 120.11 ? 197 LYS A NZ  1 
ATOM   222  N N   . PRO A 1 29  ? -1.442  -19.002 -4.654  1.00 56.65  ? 198 PRO A N   1 
ATOM   223  C CA  . PRO A 1 29  ? -2.712  -18.498 -5.205  1.00 55.08  ? 198 PRO A CA  1 
ATOM   224  C C   . PRO A 1 29  ? -3.426  -17.481 -4.321  1.00 54.58  ? 198 PRO A C   1 
ATOM   225  O O   . PRO A 1 29  ? -3.270  -17.488 -3.093  1.00 53.65  ? 198 PRO A O   1 
ATOM   226  C CB  . PRO A 1 29  ? -3.549  -19.771 -5.392  1.00 56.98  ? 198 PRO A CB  1 
ATOM   227  C CG  . PRO A 1 29  ? -2.972  -20.749 -4.436  1.00 61.81  ? 198 PRO A CG  1 
ATOM   228  C CD  . PRO A 1 29  ? -1.501  -20.462 -4.428  1.00 57.78  ? 198 PRO A CD  1 
ATOM   229  N N   . MET A 1 30  ? -4.197  -16.594 -4.968  1.00 47.48  ? 199 MET A N   1 
ATOM   230  C CA  . MET A 1 30  ? -4.988  -15.574 -4.298  1.00 45.81  ? 199 MET A CA  1 
ATOM   231  C C   . MET A 1 30  ? -6.225  -16.246 -3.702  1.00 49.52  ? 199 MET A C   1 
ATOM   232  O O   . MET A 1 30  ? -6.753  -17.194 -4.295  1.00 50.19  ? 199 MET A O   1 
ATOM   233  C CB  . MET A 1 30  ? -5.435  -14.503 -5.301  1.00 47.22  ? 199 MET A CB  1 
ATOM   234  C CG  . MET A 1 30  ? -4.325  -13.600 -5.771  1.00 49.35  ? 199 MET A CG  1 
ATOM   235  S SD  . MET A 1 30  ? -3.937  -12.280 -4.606  1.00 51.13  ? 199 MET A SD  1 
ATOM   236  C CE  . MET A 1 30  ? -3.158  -11.147 -5.735  1.00 47.65  ? 199 MET A CE  1 
ATOM   237  N N   . GLY A 1 31  ? -6.699  -15.721 -2.573  1.00 44.13  ? 200 GLY A N   1 
ATOM   238  C CA  . GLY A 1 31  ? -7.902  -16.213 -1.905  1.00 43.23  ? 200 GLY A CA  1 
ATOM   239  C C   . GLY A 1 31  ? -9.162  -15.718 -2.582  1.00 46.18  ? 200 GLY A C   1 
ATOM   240  O O   . GLY A 1 31  ? -9.173  -15.551 -3.804  1.00 46.64  ? 200 GLY A O   1 
ATOM   241  N N   . ARG A 1 32  ? -10.236 -15.466 -1.785  1.00 41.06  ? 201 ARG A N   1 
ATOM   242  C CA  . ARG A 1 32  ? -11.542 -14.961 -2.233  1.00 40.14  ? 201 ARG A CA  1 
ATOM   243  C C   . ARG A 1 32  ? -11.375 -13.690 -3.081  1.00 42.64  ? 201 ARG A C   1 
ATOM   244  O O   . ARG A 1 32  ? -10.570 -12.820 -2.724  1.00 41.07  ? 201 ARG A O   1 
ATOM   245  C CB  . ARG A 1 32  ? -12.451 -14.680 -1.016  1.00 39.75  ? 201 ARG A CB  1 
ATOM   246  C CG  . ARG A 1 32  ? -13.891 -14.286 -1.357  1.00 48.62  ? 201 ARG A CG  1 
ATOM   247  C CD  . ARG A 1 32  ? -14.625 -13.751 -0.141  1.00 58.30  ? 201 ARG A CD  1 
ATOM   248  N NE  . ARG A 1 32  ? -15.708 -12.824 -0.490  1.00 65.77  ? 201 ARG A NE  1 
ATOM   249  C CZ  . ARG A 1 32  ? -15.543 -11.534 -0.786  1.00 76.84  ? 201 ARG A CZ  1 
ATOM   250  N NH1 . ARG A 1 32  ? -16.591 -10.775 -1.077  1.00 63.39  ? 201 ARG A NH1 1 
ATOM   251  N NH2 . ARG A 1 32  ? -14.326 -10.999 -0.811  1.00 57.58  ? 201 ARG A NH2 1 
ATOM   252  N N   . SER A 1 33  ? -12.135 -13.600 -4.202  1.00 38.72  ? 202 SER A N   1 
ATOM   253  C CA  . SER A 1 33  ? -12.124 -12.491 -5.178  1.00 38.16  ? 202 SER A CA  1 
ATOM   254  C C   . SER A 1 33  ? -10.715 -12.299 -5.771  1.00 41.07  ? 202 SER A C   1 
ATOM   255  O O   . SER A 1 33  ? -10.228 -11.168 -5.892  1.00 40.22  ? 202 SER A O   1 
ATOM   256  C CB  . SER A 1 33  ? -12.647 -11.198 -4.552  1.00 41.95  ? 202 SER A CB  1 
ATOM   257  O OG  . SER A 1 33  ? -13.855 -11.399 -3.838  1.00 48.69  ? 202 SER A OG  1 
ATOM   258  N N   . GLY A 1 34  ? -10.095 -13.424 -6.135  1.00 37.31  ? 203 GLY A N   1 
ATOM   259  C CA  . GLY A 1 34  ? -8.743  -13.505 -6.683  1.00 37.11  ? 203 GLY A CA  1 
ATOM   260  C C   . GLY A 1 34  ? -8.521  -12.783 -7.994  1.00 40.75  ? 203 GLY A C   1 
ATOM   261  O O   . GLY A 1 34  ? -7.456  -12.189 -8.180  1.00 40.11  ? 203 GLY A O   1 
ATOM   262  N N   . ALA A 1 35  ? -9.510  -12.847 -8.921  1.00 36.70  ? 204 ALA A N   1 
ATOM   263  C CA  . ALA A 1 35  ? -9.436  -12.219 -10.244 1.00 36.73  ? 204 ALA A CA  1 
ATOM   264  C C   . ALA A 1 35  ? -9.306  -10.691 -10.131 1.00 40.24  ? 204 ALA A C   1 
ATOM   265  O O   . ALA A 1 35  ? -8.483  -10.107 -10.835 1.00 40.57  ? 204 ALA A O   1 
ATOM   266  C CB  . ALA A 1 35  ? -10.650 -12.596 -11.082 1.00 37.66  ? 204 ALA A CB  1 
ATOM   267  N N   . THR A 1 36  ? -10.086 -10.059 -9.222  1.00 34.79  ? 205 THR A N   1 
ATOM   268  C CA  . THR A 1 36  ? -10.016 -8.619  -8.942  1.00 34.61  ? 205 THR A CA  1 
ATOM   269  C C   . THR A 1 36  ? -8.662  -8.303  -8.269  1.00 36.38  ? 205 THR A C   1 
ATOM   270  O O   . THR A 1 36  ? -7.995  -7.343  -8.669  1.00 35.98  ? 205 THR A O   1 
ATOM   271  C CB  . THR A 1 36  ? -11.192 -8.209  -8.044  1.00 42.95  ? 205 THR A CB  1 
ATOM   272  O OG1 . THR A 1 36  ? -12.418 -8.466  -8.739  1.00 42.00  ? 205 THR A OG1 1 
ATOM   273  C CG2 . THR A 1 36  ? -11.114 -6.741  -7.596  1.00 41.44  ? 205 THR A CG2 1 
ATOM   274  N N   . SER A 1 37  ? -8.263  -9.119  -7.258  1.00 30.93  ? 206 SER A N   1 
ATOM   275  C CA  . SER A 1 37  ? -6.992  -8.969  -6.522  1.00 29.67  ? 206 SER A CA  1 
ATOM   276  C C   . SER A 1 37  ? -5.780  -9.004  -7.447  1.00 32.19  ? 206 SER A C   1 
ATOM   277  O O   . SER A 1 37  ? -4.855  -8.190  -7.274  1.00 29.21  ? 206 SER A O   1 
ATOM   278  C CB  . SER A 1 37  ? -6.869  -10.028 -5.433  1.00 32.28  ? 206 SER A CB  1 
ATOM   279  O OG  . SER A 1 37  ? -7.861  -9.800  -4.448  1.00 39.35  ? 206 SER A OG  1 
ATOM   280  N N   . ARG A 1 38  ? -5.791  -9.929  -8.452  1.00 29.55  ? 207 ARG A N   1 
ATOM   281  C CA  . ARG A 1 38  ? -4.703  -10.032 -9.441  1.00 29.62  ? 207 ARG A CA  1 
ATOM   282  C C   . ARG A 1 38  ? -4.623  -8.784  -10.304 1.00 31.39  ? 207 ARG A C   1 
ATOM   283  O O   . ARG A 1 38  ? -3.530  -8.305  -10.547 1.00 31.23  ? 207 ARG A O   1 
ATOM   284  C CB  . ARG A 1 38  ? -4.839  -11.285 -10.333 1.00 30.17  ? 207 ARG A CB  1 
ATOM   285  C CG  . ARG A 1 38  ? -4.390  -12.565 -9.626  1.00 44.44  ? 207 ARG A CG  1 
ATOM   286  C CD  . ARG A 1 38  ? -4.460  -13.801 -10.519 1.00 53.22  ? 207 ARG A CD  1 
ATOM   287  N NE  . ARG A 1 38  ? -5.838  -14.216 -10.808 1.00 55.52  ? 207 ARG A NE  1 
ATOM   288  C CZ  . ARG A 1 38  ? -6.549  -15.050 -10.056 1.00 65.16  ? 207 ARG A CZ  1 
ATOM   289  N NH1 . ARG A 1 38  ? -6.028  -15.570 -8.952  1.00 50.99  ? 207 ARG A NH1 1 
ATOM   290  N NH2 . ARG A 1 38  ? -7.789  -15.369 -10.402 1.00 50.14  ? 207 ARG A NH2 1 
ATOM   291  N N   . LYS A 1 39  ? -5.767  -8.261  -10.759 1.00 29.50  ? 208 LYS A N   1 
ATOM   292  C CA  . LYS A 1 39  ? -5.833  -7.044  -11.587 1.00 29.87  ? 208 LYS A CA  1 
ATOM   293  C C   . LYS A 1 39  ? -5.381  -5.838  -10.758 1.00 32.93  ? 208 LYS A C   1 
ATOM   294  O O   . LYS A 1 39  ? -4.671  -4.976  -11.266 1.00 32.95  ? 208 LYS A O   1 
ATOM   295  C CB  . LYS A 1 39  ? -7.269  -6.803  -12.081 1.00 32.41  ? 208 LYS A CB  1 
ATOM   296  C CG  . LYS A 1 39  ? -7.723  -7.720  -13.204 1.00 41.00  ? 208 LYS A CG  1 
ATOM   297  C CD  . LYS A 1 39  ? -9.152  -7.363  -13.665 1.00 50.62  ? 208 LYS A CD  1 
ATOM   298  C CE  . LYS A 1 39  ? -10.244 -7.975  -12.810 1.00 59.53  ? 208 LYS A CE  1 
ATOM   299  N NZ  . LYS A 1 39  ? -11.574 -7.926  -13.475 1.00 64.67  ? 208 LYS A NZ  1 
ATOM   300  N N   . ALA A 1 40  ? -5.783  -5.791  -9.477  1.00 30.01  ? 209 ALA A N   1 
ATOM   301  C CA  . ALA A 1 40  ? -5.394  -4.724  -8.547  1.00 29.46  ? 209 ALA A CA  1 
ATOM   302  C C   . ALA A 1 40  ? -3.885  -4.748  -8.321  1.00 30.84  ? 209 ALA A C   1 
ATOM   303  O O   . ALA A 1 40  ? -3.252  -3.695  -8.417  1.00 28.98  ? 209 ALA A O   1 
ATOM   304  C CB  . ALA A 1 40  ? -6.145  -4.863  -7.230  1.00 30.25  ? 209 ALA A CB  1 
ATOM   305  N N   . LEU A 1 41  ? -3.291  -5.945  -8.089  1.00 26.69  ? 210 LEU A N   1 
ATOM   306  C CA  . LEU A 1 41  ? -1.837  -6.039  -7.903  1.00 26.38  ? 210 LEU A CA  1 
ATOM   307  C C   . LEU A 1 41  ? -1.089  -5.589  -9.170  1.00 29.42  ? 210 LEU A C   1 
ATOM   308  O O   . LEU A 1 41  ? -0.091  -4.893  -9.054  1.00 27.61  ? 210 LEU A O   1 
ATOM   309  C CB  . LEU A 1 41  ? -1.396  -7.446  -7.436  1.00 26.19  ? 210 LEU A CB  1 
ATOM   310  C CG  . LEU A 1 41  ? 0.109   -7.640  -7.130  1.00 30.20  ? 210 LEU A CG  1 
ATOM   311  C CD1 . LEU A 1 41  ? 0.619   -6.623  -6.093  1.00 30.33  ? 210 LEU A CD1 1 
ATOM   312  C CD2 . LEU A 1 41  ? 0.395   -9.071  -6.673  1.00 32.32  ? 210 LEU A CD2 1 
ATOM   313  N N   . GLU A 1 42  ? -1.593  -5.953  -10.371 1.00 28.57  ? 211 GLU A N   1 
ATOM   314  C CA  . GLU A 1 42  ? -0.996  -5.529  -11.647 1.00 28.88  ? 211 GLU A CA  1 
ATOM   315  C C   . GLU A 1 42  ? -1.049  -4.010  -11.798 1.00 30.69  ? 211 GLU A C   1 
ATOM   316  O O   . GLU A 1 42  ? -0.066  -3.415  -12.217 1.00 29.19  ? 211 GLU A O   1 
ATOM   317  C CB  . GLU A 1 42  ? -1.670  -6.218  -12.848 1.00 31.07  ? 211 GLU A CB  1 
ATOM   318  C CG  . GLU A 1 42  ? -1.263  -7.687  -12.960 1.00 46.85  ? 211 GLU A CG  1 
ATOM   319  C CD  . GLU A 1 42  ? -2.083  -8.619  -13.838 1.00 70.49  ? 211 GLU A CD  1 
ATOM   320  O OE1 . GLU A 1 42  ? -3.189  -8.232  -14.281 1.00 71.54  ? 211 GLU A OE1 1 
ATOM   321  O OE2 . GLU A 1 42  ? -1.615  -9.758  -14.069 1.00 63.35  ? 211 GLU A OE2 1 
ATOM   322  N N   . THR A 1 43  ? -2.187  -3.391  -11.454 1.00 28.12  ? 212 THR A N   1 
ATOM   323  C CA  . THR A 1 43  ? -2.364  -1.931  -11.508 1.00 28.02  ? 212 THR A CA  1 
ATOM   324  C C   . THR A 1 43  ? -1.402  -1.278  -10.498 1.00 31.00  ? 212 THR A C   1 
ATOM   325  O O   . THR A 1 43  ? -0.688  -0.351  -10.865 1.00 30.80  ? 212 THR A O   1 
ATOM   326  C CB  . THR A 1 43  ? -3.843  -1.569  -11.281 1.00 34.11  ? 212 THR A CB  1 
ATOM   327  O OG1 . THR A 1 43  ? -4.601  -2.131  -12.349 1.00 33.89  ? 212 THR A OG1 1 
ATOM   328  C CG2 . THR A 1 43  ? -4.086  -0.063  -11.248 1.00 32.29  ? 212 THR A CG2 1 
ATOM   329  N N   . LEU A 1 44  ? -1.351  -1.806  -9.251  1.00 26.44  ? 213 LEU A N   1 
ATOM   330  C CA  . LEU A 1 44  ? -0.465  -1.321  -8.183  1.00 26.27  ? 213 LEU A CA  1 
ATOM   331  C C   . LEU A 1 44  ? 0.978   -1.329  -8.613  1.00 30.88  ? 213 LEU A C   1 
ATOM   332  O O   . LEU A 1 44  ? 1.680   -0.378  -8.300  1.00 31.38  ? 213 LEU A O   1 
ATOM   333  C CB  . LEU A 1 44  ? -0.591  -2.186  -6.925  1.00 25.56  ? 213 LEU A CB  1 
ATOM   334  C CG  . LEU A 1 44  ? -0.912  -1.531  -5.600  1.00 28.30  ? 213 LEU A CG  1 
ATOM   335  C CD1 . LEU A 1 44  ? -0.597  -2.502  -4.459  1.00 26.28  ? 213 LEU A CD1 1 
ATOM   336  C CD2 . LEU A 1 44  ? -0.165  -0.172  -5.379  1.00 27.62  ? 213 LEU A CD2 1 
ATOM   337  N N   . ARG A 1 45  ? 1.439   -2.397  -9.310  1.00 27.71  ? 214 ARG A N   1 
ATOM   338  C CA  . ARG A 1 45  ? 2.821   -2.468  -9.800  1.00 28.04  ? 214 ARG A CA  1 
ATOM   339  C C   . ARG A 1 45  ? 3.068   -1.341  -10.788 1.00 31.26  ? 214 ARG A C   1 
ATOM   340  O O   . ARG A 1 45  ? 4.027   -0.603  -10.621 1.00 31.29  ? 214 ARG A O   1 
ATOM   341  C CB  . ARG A 1 45  ? 3.118   -3.803  -10.500 1.00 29.68  ? 214 ARG A CB  1 
ATOM   342  C CG  . ARG A 1 45  ? 3.173   -5.009  -9.589  1.00 33.14  ? 214 ARG A CG  1 
ATOM   343  C CD  . ARG A 1 45  ? 3.274   -6.253  -10.451 1.00 34.13  ? 214 ARG A CD  1 
ATOM   344  N NE  . ARG A 1 45  ? 3.422   -7.461  -9.644  1.00 41.12  ? 214 ARG A NE  1 
ATOM   345  C CZ  . ARG A 1 45  ? 2.705   -8.568  -9.797  1.00 52.46  ? 214 ARG A CZ  1 
ATOM   346  N NH1 . ARG A 1 45  ? 1.777   -8.641  -10.746 1.00 39.90  ? 214 ARG A NH1 1 
ATOM   347  N NH2 . ARG A 1 45  ? 2.911   -9.612  -9.007  1.00 36.21  ? 214 ARG A NH2 1 
ATOM   348  N N   . ARG A 1 46  ? 2.199   -1.200  -11.806 1.00 27.80  ? 215 ARG A N   1 
ATOM   349  C CA  . ARG A 1 46  ? 2.333   -0.150  -12.828 1.00 27.53  ? 215 ARG A CA  1 
ATOM   350  C C   . ARG A 1 46  ? 2.328   1.275   -12.206 1.00 30.47  ? 215 ARG A C   1 
ATOM   351  O O   . ARG A 1 46  ? 3.302   2.024   -12.356 1.00 30.68  ? 215 ARG A O   1 
ATOM   352  C CB  . ARG A 1 46  ? 1.216   -0.309  -13.886 1.00 29.57  ? 215 ARG A CB  1 
ATOM   353  C CG  . ARG A 1 46  ? 1.174   0.799   -14.961 1.00 33.29  ? 215 ARG A CG  1 
ATOM   354  C CD  . ARG A 1 46  ? 0.160   0.519   -16.077 1.00 36.90  ? 215 ARG A CD  1 
ATOM   355  N NE  . ARG A 1 46  ? -1.230  0.377   -15.604 1.00 34.84  ? 215 ARG A NE  1 
ATOM   356  C CZ  . ARG A 1 46  ? -2.062  1.388   -15.376 1.00 49.69  ? 215 ARG A CZ  1 
ATOM   357  N NH1 . ARG A 1 46  ? -1.653  2.643   -15.526 1.00 38.04  ? 215 ARG A NH1 1 
ATOM   358  N NH2 . ARG A 1 46  ? -3.304  1.155   -14.981 1.00 47.25  ? 215 ARG A NH2 1 
ATOM   359  N N   . VAL A 1 47  ? 1.250   1.629   -11.501 1.00 26.53  ? 216 VAL A N   1 
ATOM   360  C CA  . VAL A 1 47  ? 1.092   2.961   -10.893 1.00 26.07  ? 216 VAL A CA  1 
ATOM   361  C C   . VAL A 1 47  ? 2.109   3.210   -9.752  1.00 29.84  ? 216 VAL A C   1 
ATOM   362  O O   . VAL A 1 47  ? 2.785   4.247   -9.738  1.00 29.19  ? 216 VAL A O   1 
ATOM   363  C CB  . VAL A 1 47  ? -0.374  3.235   -10.458 1.00 29.43  ? 216 VAL A CB  1 
ATOM   364  C CG1 . VAL A 1 47  ? -0.548  4.681   -9.992  1.00 28.78  ? 216 VAL A CG1 1 
ATOM   365  C CG2 . VAL A 1 47  ? -1.358  2.919   -11.594 1.00 29.27  ? 216 VAL A CG2 1 
ATOM   366  N N   . GLY A 1 48  ? 2.200   2.260   -8.820  1.00 26.15  ? 217 GLY A N   1 
ATOM   367  C CA  . GLY A 1 48  ? 3.070   2.336   -7.650  1.00 25.91  ? 217 GLY A CA  1 
ATOM   368  C C   . GLY A 1 48  ? 4.544   2.481   -7.955  1.00 28.46  ? 217 GLY A C   1 
ATOM   369  O O   . GLY A 1 48  ? 5.232   3.238   -7.271  1.00 27.24  ? 217 GLY A O   1 
ATOM   370  N N   . ASP A 1 49  ? 5.048   1.752   -8.973  1.00 25.48  ? 218 ASP A N   1 
ATOM   371  C CA  . ASP A 1 49  ? 6.452   1.897   -9.365  1.00 25.61  ? 218 ASP A CA  1 
ATOM   372  C C   . ASP A 1 49  ? 6.699   3.302   -9.919  1.00 30.03  ? 218 ASP A C   1 
ATOM   373  O O   . ASP A 1 49  ? 7.756   3.862   -9.665  1.00 29.40  ? 218 ASP A O   1 
ATOM   374  C CB  . ASP A 1 49  ? 6.886   0.838   -10.389 1.00 28.25  ? 218 ASP A CB  1 
ATOM   375  C CG  . ASP A 1 49  ? 6.925   -0.611  -9.895  1.00 39.46  ? 218 ASP A CG  1 
ATOM   376  O OD1 . ASP A 1 49  ? 6.550   -0.864  -8.707  1.00 37.38  ? 218 ASP A OD1 1 
ATOM   377  O OD2 . ASP A 1 49  ? 7.287   -1.489  -10.694 1.00 47.02  ? 218 ASP A OD2 1 
ATOM   378  N N   . GLY A 1 50  ? 5.721   3.859   -10.649 1.00 27.80  ? 219 GLY A N   1 
ATOM   379  C CA  . GLY A 1 50  ? 5.806   5.217   -11.188 1.00 27.11  ? 219 GLY A CA  1 
ATOM   380  C C   . GLY A 1 50  ? 5.788   6.286   -10.108 1.00 29.88  ? 219 GLY A C   1 
ATOM   381  O O   . GLY A 1 50  ? 6.551   7.262   -10.183 1.00 29.31  ? 219 GLY A O   1 
ATOM   382  N N   . VAL A 1 51  ? 4.902   6.128   -9.093  1.00 25.43  ? 220 VAL A N   1 
ATOM   383  C CA  . VAL A 1 51  ? 4.812   7.041   -7.931  1.00 24.12  ? 220 VAL A CA  1 
ATOM   384  C C   . VAL A 1 51  ? 6.172   7.099   -7.200  1.00 26.96  ? 220 VAL A C   1 
ATOM   385  O O   . VAL A 1 51  ? 6.635   8.187   -6.853  1.00 26.26  ? 220 VAL A O   1 
ATOM   386  C CB  . VAL A 1 51  ? 3.661   6.650   -6.958  1.00 27.76  ? 220 VAL A CB  1 
ATOM   387  C CG1 . VAL A 1 51  ? 3.762   7.410   -5.634  1.00 27.77  ? 220 VAL A CG1 1 
ATOM   388  C CG2 . VAL A 1 51  ? 2.292   6.869   -7.596  1.00 27.59  ? 220 VAL A CG2 1 
ATOM   389  N N   . GLN A 1 52  ? 6.805   5.935   -6.966  1.00 22.78  ? 221 GLN A N   1 
ATOM   390  C CA  . GLN A 1 52  ? 8.105   5.892   -6.273  1.00 23.96  ? 221 GLN A CA  1 
ATOM   391  C C   . GLN A 1 52  ? 9.212   6.600   -7.059  1.00 29.83  ? 221 GLN A C   1 
ATOM   392  O O   . GLN A 1 52  ? 10.047  7.265   -6.452  1.00 30.84  ? 221 GLN A O   1 
ATOM   393  C CB  . GLN A 1 52  ? 8.510   4.454   -5.940  1.00 24.80  ? 221 GLN A CB  1 
ATOM   394  C CG  . GLN A 1 52  ? 7.584   3.797   -4.913  1.00 25.82  ? 221 GLN A CG  1 
ATOM   395  C CD  . GLN A 1 52  ? 8.033   2.395   -4.647  1.00 33.87  ? 221 GLN A CD  1 
ATOM   396  O OE1 . GLN A 1 52  ? 9.052   2.185   -4.006  1.00 29.17  ? 221 GLN A OE1 1 
ATOM   397  N NE2 . GLN A 1 52  ? 7.304   1.406   -5.165  1.00 28.10  ? 221 GLN A NE2 1 
ATOM   398  N N   . ARG A 1 53  ? 9.192   6.489   -8.398  1.00 28.95  ? 222 ARG A N   1 
ATOM   399  C CA  . ARG A 1 53  ? 10.147  7.172   -9.287  1.00 29.58  ? 222 ARG A CA  1 
ATOM   400  C C   . ARG A 1 53  ? 9.877   8.687   -9.289  1.00 34.35  ? 222 ARG A C   1 
ATOM   401  O O   . ARG A 1 53  ? 10.786  9.476   -9.021  1.00 34.27  ? 222 ARG A O   1 
ATOM   402  C CB  . ARG A 1 53  ? 10.048  6.639   -10.731 1.00 30.21  ? 222 ARG A CB  1 
ATOM   403  C CG  . ARG A 1 53  ? 10.594  5.216   -10.938 1.00 39.90  ? 222 ARG A CG  1 
ATOM   404  C CD  . ARG A 1 53  ? 10.740  4.855   -12.425 1.00 43.81  ? 222 ARG A CD  1 
ATOM   405  N NE  . ARG A 1 53  ? 9.455   4.749   -13.127 1.00 42.90  ? 222 ARG A NE  1 
ATOM   406  C CZ  . ARG A 1 53  ? 8.766   3.618   -13.275 1.00 59.93  ? 222 ARG A CZ  1 
ATOM   407  N NH1 . ARG A 1 53  ? 9.234   2.478   -12.787 1.00 53.60  ? 222 ARG A NH1 1 
ATOM   408  N NH2 . ARG A 1 53  ? 7.605   3.621   -13.916 1.00 43.56  ? 222 ARG A NH2 1 
ATOM   409  N N   . ASN A 1 54  ? 8.624   9.087   -9.559  1.00 32.28  ? 223 ASN A N   1 
ATOM   410  C CA  . ASN A 1 54  ? 8.247   10.503  -9.662  1.00 32.55  ? 223 ASN A CA  1 
ATOM   411  C C   . ASN A 1 54  ? 8.309   11.283  -8.354  1.00 35.86  ? 223 ASN A C   1 
ATOM   412  O O   . ASN A 1 54  ? 8.536   12.490  -8.399  1.00 35.84  ? 223 ASN A O   1 
ATOM   413  C CB  . ASN A 1 54  ? 6.863   10.663  -10.309 1.00 32.02  ? 223 ASN A CB  1 
ATOM   414  C CG  . ASN A 1 54  ? 6.735   10.131  -11.719 1.00 41.90  ? 223 ASN A CG  1 
ATOM   415  O OD1 . ASN A 1 54  ? 5.655   9.766   -12.158 1.00 40.90  ? 223 ASN A OD1 1 
ATOM   416  N ND2 . ASN A 1 54  ? 7.816   10.054  -12.465 1.00 31.56  ? 223 ASN A ND2 1 
ATOM   417  N N   . HIS A 1 55  ? 8.105   10.620  -7.205  1.00 31.66  ? 224 HIS A N   1 
ATOM   418  C CA  . HIS A 1 55  ? 8.093   11.291  -5.903  1.00 31.54  ? 224 HIS A CA  1 
ATOM   419  C C   . HIS A 1 55  ? 9.249   10.878  -5.002  1.00 32.24  ? 224 HIS A C   1 
ATOM   420  O O   . HIS A 1 55  ? 9.165   11.032  -3.781  1.00 30.85  ? 224 HIS A O   1 
ATOM   421  C CB  . HIS A 1 55  ? 6.727   11.106  -5.220  1.00 33.77  ? 224 HIS A CB  1 
ATOM   422  C CG  . HIS A 1 55  ? 5.620   11.641  -6.073  1.00 38.99  ? 224 HIS A CG  1 
ATOM   423  N ND1 . HIS A 1 55  ? 5.414   13.003  -6.212  1.00 41.84  ? 224 HIS A ND1 1 
ATOM   424  C CD2 . HIS A 1 55  ? 4.783   10.985  -6.912  1.00 42.32  ? 224 HIS A CD2 1 
ATOM   425  C CE1 . HIS A 1 55  ? 4.428   13.131  -7.086  1.00 42.25  ? 224 HIS A CE1 1 
ATOM   426  N NE2 . HIS A 1 55  ? 4.013   11.943  -7.533  1.00 42.61  ? 224 HIS A NE2 1 
ATOM   427  N N   . GLU A 1 56  ? 10.357  10.416  -5.622  1.00 28.21  ? 225 GLU A N   1 
ATOM   428  C CA  . GLU A 1 56  ? 11.579  9.949   -4.955  1.00 28.16  ? 225 GLU A CA  1 
ATOM   429  C C   . GLU A 1 56  ? 12.128  10.945  -3.935  1.00 32.57  ? 225 GLU A C   1 
ATOM   430  O O   . GLU A 1 56  ? 12.510  10.526  -2.846  1.00 31.30  ? 225 GLU A O   1 
ATOM   431  C CB  . GLU A 1 56  ? 12.664  9.606   -5.996  1.00 29.42  ? 225 GLU A CB  1 
ATOM   432  C CG  . GLU A 1 56  ? 13.931  9.007   -5.409  1.00 41.45  ? 225 GLU A CG  1 
ATOM   433  C CD  . GLU A 1 56  ? 15.035  8.688   -6.399  1.00 73.56  ? 225 GLU A CD  1 
ATOM   434  O OE1 . GLU A 1 56  ? 15.685  7.630   -6.234  1.00 78.40  ? 225 GLU A OE1 1 
ATOM   435  O OE2 . GLU A 1 56  ? 15.261  9.493   -7.333  1.00 72.31  ? 225 GLU A OE2 1 
ATOM   436  N N   . THR A 1 57  ? 12.215  12.243  -4.304  1.00 30.42  ? 226 THR A N   1 
ATOM   437  C CA  . THR A 1 57  ? 12.746  13.285  -3.406  1.00 30.82  ? 226 THR A CA  1 
ATOM   438  C C   . THR A 1 57  ? 11.871  13.411  -2.169  1.00 33.68  ? 226 THR A C   1 
ATOM   439  O O   . THR A 1 57  ? 12.400  13.373  -1.058  1.00 32.97  ? 226 THR A O   1 
ATOM   440  C CB  . THR A 1 57  ? 12.974  14.615  -4.163  1.00 39.11  ? 226 THR A CB  1 
ATOM   441  O OG1 . THR A 1 57  ? 13.962  14.380  -5.163  1.00 39.72  ? 226 THR A OG1 1 
ATOM   442  C CG2 . THR A 1 57  ? 13.460  15.742  -3.247  1.00 37.22  ? 226 THR A CG2 1 
ATOM   443  N N   . ALA A 1 58  ? 10.535  13.499  -2.355  1.00 30.05  ? 227 ALA A N   1 
ATOM   444  C CA  . ALA A 1 58  ? 9.593   13.583  -1.233  1.00 29.20  ? 227 ALA A CA  1 
ATOM   445  C C   . ALA A 1 58  ? 9.635   12.318  -0.355  1.00 30.23  ? 227 ALA A C   1 
ATOM   446  O O   . ALA A 1 58  ? 9.616   12.432  0.866   1.00 29.61  ? 227 ALA A O   1 
ATOM   447  C CB  . ALA A 1 58  ? 8.180   13.825  -1.742  1.00 30.10  ? 227 ALA A CB  1 
ATOM   448  N N   . PHE A 1 59  ? 9.708   11.125  -0.984  1.00 25.17  ? 228 PHE A N   1 
ATOM   449  C CA  . PHE A 1 59  ? 9.770   9.835   -0.275  1.00 23.44  ? 228 PHE A CA  1 
ATOM   450  C C   . PHE A 1 59  ? 11.065  9.737   0.539   1.00 28.14  ? 228 PHE A C   1 
ATOM   451  O O   . PHE A 1 59  ? 10.995  9.380   1.714   1.00 26.89  ? 228 PHE A O   1 
ATOM   452  C CB  . PHE A 1 59  ? 9.601   8.659   -1.256  1.00 23.70  ? 228 PHE A CB  1 
ATOM   453  C CG  . PHE A 1 59  ? 8.162   8.367   -1.652  1.00 25.14  ? 228 PHE A CG  1 
ATOM   454  C CD1 . PHE A 1 59  ? 7.126   9.234   -1.289  1.00 26.51  ? 228 PHE A CD1 1 
ATOM   455  C CD2 . PHE A 1 59  ? 7.836   7.202   -2.343  1.00 24.87  ? 228 PHE A CD2 1 
ATOM   456  C CE1 . PHE A 1 59  ? 5.804   8.952   -1.631  1.00 27.90  ? 228 PHE A CE1 1 
ATOM   457  C CE2 . PHE A 1 59  ? 6.512   6.923   -2.684  1.00 27.30  ? 228 PHE A CE2 1 
ATOM   458  C CZ  . PHE A 1 59  ? 5.504   7.796   -2.329  1.00 25.93  ? 228 PHE A CZ  1 
ATOM   459  N N   . GLN A 1 60  ? 12.225  10.130  -0.050  1.00 25.68  ? 229 GLN A N   1 
ATOM   460  C CA  . GLN A 1 60  ? 13.518  10.158  0.672   1.00 25.90  ? 229 GLN A CA  1 
ATOM   461  C C   . GLN A 1 60  ? 13.444  11.133  1.860   1.00 30.40  ? 229 GLN A C   1 
ATOM   462  O O   . GLN A 1 60  ? 13.921  10.818  2.951   1.00 30.75  ? 229 GLN A O   1 
ATOM   463  C CB  . GLN A 1 60  ? 14.694  10.552  -0.252  1.00 27.25  ? 229 GLN A CB  1 
ATOM   464  C CG  . GLN A 1 60  ? 15.046  9.523   -1.324  1.00 40.11  ? 229 GLN A CG  1 
ATOM   465  C CD  . GLN A 1 60  ? 16.038  10.009  -2.363  1.00 62.69  ? 229 GLN A CD  1 
ATOM   466  O OE1 . GLN A 1 60  ? 16.172  11.210  -2.647  1.00 58.92  ? 229 GLN A OE1 1 
ATOM   467  N NE2 . GLN A 1 60  ? 16.744  9.068   -2.981  1.00 49.02  ? 229 GLN A NE2 1 
ATOM   468  N N   . GLY A 1 61  ? 12.813  12.285  1.637   1.00 26.97  ? 230 GLY A N   1 
ATOM   469  C CA  . GLY A 1 61  ? 12.634  13.313  2.656   1.00 27.10  ? 230 GLY A CA  1 
ATOM   470  C C   . GLY A 1 61  ? 11.791  12.816  3.813   1.00 30.13  ? 230 GLY A C   1 
ATOM   471  O O   . GLY A 1 61  ? 12.186  12.941  4.972   1.00 29.81  ? 230 GLY A O   1 
ATOM   472  N N   . MET A 1 62  ? 10.644  12.201  3.498   1.00 25.86  ? 231 MET A N   1 
ATOM   473  C CA  . MET A 1 62  ? 9.733   11.648  4.509   1.00 23.94  ? 231 MET A CA  1 
ATOM   474  C C   . MET A 1 62  ? 10.396  10.507  5.316   1.00 29.61  ? 231 MET A C   1 
ATOM   475  O O   . MET A 1 62  ? 10.242  10.457  6.540   1.00 29.16  ? 231 MET A O   1 
ATOM   476  C CB  . MET A 1 62  ? 8.420   11.188  3.838   1.00 24.44  ? 231 MET A CB  1 
ATOM   477  C CG  . MET A 1 62  ? 7.356   10.799  4.833   1.00 25.96  ? 231 MET A CG  1 
ATOM   478  S SD  . MET A 1 62  ? 6.727   12.213  5.835   1.00 24.64  ? 231 MET A SD  1 
ATOM   479  C CE  . MET A 1 62  ? 5.882   11.369  6.851   1.00 22.82  ? 231 MET A CE  1 
ATOM   480  N N   . LEU A 1 63  ? 11.150  9.619   4.635   1.00 27.56  ? 232 LEU A N   1 
ATOM   481  C CA  . LEU A 1 63  ? 11.851  8.489   5.268   1.00 29.60  ? 232 LEU A CA  1 
ATOM   482  C C   . LEU A 1 63  ? 12.868  9.028   6.319   1.00 34.28  ? 232 LEU A C   1 
ATOM   483  O O   . LEU A 1 63  ? 12.984  8.479   7.415   1.00 34.13  ? 232 LEU A O   1 
ATOM   484  C CB  . LEU A 1 63  ? 12.601  7.691   4.180   1.00 30.50  ? 232 LEU A CB  1 
ATOM   485  C CG  . LEU A 1 63  ? 12.685  6.151   4.241   1.00 37.50  ? 232 LEU A CG  1 
ATOM   486  C CD1 . LEU A 1 63  ? 13.933  5.655   3.495   1.00 37.33  ? 232 LEU A CD1 1 
ATOM   487  C CD2 . LEU A 1 63  ? 12.637  5.590   5.645   1.00 39.88  ? 232 LEU A CD2 1 
ATOM   488  N N   . ARG A 1 64  ? 13.576  10.112  5.976   1.00 32.87  ? 233 ARG A N   1 
ATOM   489  C CA  . ARG A 1 64  ? 14.541  10.768  6.857   1.00 33.74  ? 233 ARG A CA  1 
ATOM   490  C C   . ARG A 1 64  ? 13.850  11.353  8.093   1.00 38.21  ? 233 ARG A C   1 
ATOM   491  O O   . ARG A 1 64  ? 14.363  11.188  9.197   1.00 38.59  ? 233 ARG A O   1 
ATOM   492  C CB  . ARG A 1 64  ? 15.323  11.854  6.104   1.00 34.77  ? 233 ARG A CB  1 
ATOM   493  C CG  . ARG A 1 64  ? 16.642  11.363  5.537   1.00 39.24  ? 233 ARG A CG  1 
ATOM   494  C CD  . ARG A 1 64  ? 17.406  12.402  4.722   1.00 38.04  ? 233 ARG A CD  1 
ATOM   495  N NE  . ARG A 1 64  ? 17.595  13.688  5.400   1.00 51.09  ? 233 ARG A NE  1 
ATOM   496  C CZ  . ARG A 1 64  ? 18.569  13.964  6.264   1.00 67.94  ? 233 ARG A CZ  1 
ATOM   497  N NH1 . ARG A 1 64  ? 19.442  13.030  6.612   1.00 54.06  ? 233 ARG A NH1 1 
ATOM   498  N NH2 . ARG A 1 64  ? 18.660  15.170  6.806   1.00 57.35  ? 233 ARG A NH2 1 
ATOM   499  N N   . LYS A 1 65  ? 12.685  12.010  7.916   1.00 34.51  ? 234 LYS A N   1 
ATOM   500  C CA  . LYS A 1 65  ? 11.919  12.603  9.032   1.00 33.94  ? 234 LYS A CA  1 
ATOM   501  C C   . LYS A 1 65  ? 11.449  11.523  10.004  1.00 37.13  ? 234 LYS A C   1 
ATOM   502  O O   . LYS A 1 65  ? 11.570  11.698  11.215  1.00 35.93  ? 234 LYS A O   1 
ATOM   503  C CB  . LYS A 1 65  ? 10.710  13.410  8.519   1.00 36.11  ? 234 LYS A CB  1 
ATOM   504  C CG  . LYS A 1 65  ? 11.114  14.646  7.736   1.00 49.32  ? 234 LYS A CG  1 
ATOM   505  C CD  . LYS A 1 65  ? 9.919   15.472  7.319   1.00 54.93  ? 234 LYS A CD  1 
ATOM   506  C CE  . LYS A 1 65  ? 9.834   16.748  8.104   1.00 57.38  ? 234 LYS A CE  1 
ATOM   507  N NZ  . LYS A 1 65  ? 10.831  17.759  7.661   1.00 54.96  ? 234 LYS A NZ  1 
ATOM   508  N N   . LEU A 1 66  ? 10.938  10.401  9.470   1.00 33.52  ? 235 LEU A N   1 
ATOM   509  C CA  . LEU A 1 66  ? 10.458  9.255   10.250  1.00 34.24  ? 235 LEU A CA  1 
ATOM   510  C C   . LEU A 1 66  ? 11.545  8.596   11.098  1.00 40.26  ? 235 LEU A C   1 
ATOM   511  O O   . LEU A 1 66  ? 11.240  8.070   12.170  1.00 39.24  ? 235 LEU A O   1 
ATOM   512  C CB  . LEU A 1 66  ? 9.783   8.213   9.345   1.00 34.68  ? 235 LEU A CB  1 
ATOM   513  C CG  . LEU A 1 66  ? 8.460   8.647   8.710   1.00 39.26  ? 235 LEU A CG  1 
ATOM   514  C CD1 . LEU A 1 66  ? 8.015   7.645   7.677   1.00 40.50  ? 235 LEU A CD1 1 
ATOM   515  C CD2 . LEU A 1 66  ? 7.377   8.840   9.761   1.00 39.02  ? 235 LEU A CD2 1 
ATOM   516  N N   . ASP A 1 67  ? 12.803  8.619   10.612  1.00 39.27  ? 236 ASP A N   1 
ATOM   517  C CA  . ASP A 1 67  ? 13.981  8.085   11.305  1.00 41.20  ? 236 ASP A CA  1 
ATOM   518  C C   . ASP A 1 67  ? 13.744  6.660   11.861  1.00 49.39  ? 236 ASP A C   1 
ATOM   519  O O   . ASP A 1 67  ? 13.908  6.413   13.060  1.00 49.05  ? 236 ASP A O   1 
ATOM   520  C CB  . ASP A 1 67  ? 14.453  9.091   12.389  1.00 42.45  ? 236 ASP A CB  1 
ATOM   521  C CG  . ASP A 1 67  ? 15.746  8.709   13.075  1.00 52.16  ? 236 ASP A CG  1 
ATOM   522  O OD1 . ASP A 1 67  ? 16.779  8.608   12.379  1.00 50.19  ? 236 ASP A OD1 1 
ATOM   523  O OD2 . ASP A 1 67  ? 15.719  8.492   14.305  1.00 61.16  ? 236 ASP A OD2 1 
ATOM   524  N N   . ILE A 1 68  ? 13.309  5.738   10.973  1.00 49.42  ? 237 ILE A N   1 
ATOM   525  C CA  . ILE A 1 68  ? 13.007  4.335   11.301  1.00 50.74  ? 237 ILE A CA  1 
ATOM   526  C C   . ILE A 1 68  ? 14.312  3.574   11.585  1.00 59.25  ? 237 ILE A C   1 
ATOM   527  O O   . ILE A 1 68  ? 15.171  3.448   10.700  1.00 59.67  ? 237 ILE A O   1 
ATOM   528  C CB  . ILE A 1 68  ? 12.119  3.655   10.212  1.00 53.62  ? 237 ILE A CB  1 
ATOM   529  C CG1 . ILE A 1 68  ? 10.803  4.436   9.987   1.00 53.33  ? 237 ILE A CG1 1 
ATOM   530  C CG2 . ILE A 1 68  ? 11.831  2.180   10.561  1.00 54.68  ? 237 ILE A CG2 1 
ATOM   531  C CD1 . ILE A 1 68  ? 10.309  4.455   8.536   1.00 58.49  ? 237 ILE A CD1 1 
ATOM   532  N N   . LYS A 1 69  ? 14.457  3.090   12.832  1.00 57.85  ? 238 LYS A N   1 
ATOM   533  C CA  . LYS A 1 69  ? 15.657  2.384   13.294  1.00 58.23  ? 238 LYS A CA  1 
ATOM   534  C C   . LYS A 1 69  ? 15.404  0.967   13.809  1.00 61.89  ? 238 LYS A C   1 
ATOM   535  O O   . LYS A 1 69  ? 16.320  0.148   13.759  1.00 62.44  ? 238 LYS A O   1 
ATOM   536  C CB  . LYS A 1 69  ? 16.401  3.212   14.355  1.00 60.94  ? 238 LYS A CB  1 
ATOM   537  C CG  . LYS A 1 69  ? 17.067  4.464   13.801  1.00 78.08  ? 238 LYS A CG  1 
ATOM   538  C CD  . LYS A 1 69  ? 17.774  5.261   14.890  1.00 89.06  ? 238 LYS A CD  1 
ATOM   539  C CE  . LYS A 1 69  ? 18.490  6.484   14.357  1.00 101.20 ? 238 LYS A CE  1 
ATOM   540  N NZ  . LYS A 1 69  ? 19.708  6.139   13.568  1.00 109.06 ? 238 LYS A NZ  1 
ATOM   541  N N   . ASN A 1 70  ? 14.182  0.670   14.303  1.00 57.73  ? 239 ASN A N   1 
ATOM   542  C CA  . ASN A 1 70  ? 13.844  -0.652  14.858  1.00 57.17  ? 239 ASN A CA  1 
ATOM   543  C C   . ASN A 1 70  ? 12.344  -0.977  14.798  1.00 61.89  ? 239 ASN A C   1 
ATOM   544  O O   . ASN A 1 70  ? 11.583  -0.232  14.183  1.00 61.75  ? 239 ASN A O   1 
ATOM   545  C CB  . ASN A 1 70  ? 14.386  -0.786  16.294  1.00 55.02  ? 239 ASN A CB  1 
ATOM   546  C CG  . ASN A 1 70  ? 14.249  0.473   17.115  1.00 66.31  ? 239 ASN A CG  1 
ATOM   547  O OD1 . ASN A 1 70  ? 15.222  1.210   17.328  1.00 56.70  ? 239 ASN A OD1 1 
ATOM   548  N ND2 . ASN A 1 70  ? 13.033  0.760   17.568  1.00 54.51  ? 239 ASN A ND2 1 
ATOM   549  N N   . GLU A 1 71  ? 11.928  -2.092  15.434  1.00 58.66  ? 240 GLU A N   1 
ATOM   550  C CA  . GLU A 1 71  ? 10.545  -2.577  15.456  1.00 58.70  ? 240 GLU A CA  1 
ATOM   551  C C   . GLU A 1 71  ? 9.578   -1.694  16.245  1.00 61.88  ? 240 GLU A C   1 
ATOM   552  O O   . GLU A 1 71  ? 8.382   -1.712  15.944  1.00 61.78  ? 240 GLU A O   1 
ATOM   553  C CB  . GLU A 1 71  ? 10.457  -4.043  15.926  1.00 60.56  ? 240 GLU A CB  1 
ATOM   554  C CG  . GLU A 1 71  ? 11.150  -4.374  17.238  1.00 74.76  ? 240 GLU A CG  1 
ATOM   555  C CD  . GLU A 1 71  ? 11.158  -5.861  17.532  1.00 103.36 ? 240 GLU A CD  1 
ATOM   556  O OE1 . GLU A 1 71  ? 12.063  -6.559  17.023  1.00 99.09  ? 240 GLU A OE1 1 
ATOM   557  O OE2 . GLU A 1 71  ? 10.252  -6.330  18.260  1.00 100.23 ? 240 GLU A OE2 1 
ATOM   558  N N   . ASP A 1 72  ? 10.071  -0.937  17.250  1.00 57.27  ? 241 ASP A N   1 
ATOM   559  C CA  . ASP A 1 72  ? 9.222   -0.029  18.026  1.00 56.46  ? 241 ASP A CA  1 
ATOM   560  C C   . ASP A 1 72  ? 8.831   1.183   17.178  1.00 58.70  ? 241 ASP A C   1 
ATOM   561  O O   . ASP A 1 72  ? 7.694   1.643   17.276  1.00 58.37  ? 241 ASP A O   1 
ATOM   562  C CB  . ASP A 1 72  ? 9.889   0.387   19.346  1.00 58.44  ? 241 ASP A CB  1 
ATOM   563  C CG  . ASP A 1 72  ? 10.004  -0.749  20.344  1.00 70.71  ? 241 ASP A CG  1 
ATOM   564  O OD1 . ASP A 1 72  ? 8.969   -1.396  20.635  1.00 70.17  ? 241 ASP A OD1 1 
ATOM   565  O OD2 . ASP A 1 72  ? 11.129  -0.997  20.834  1.00 79.15  ? 241 ASP A OD2 1 
ATOM   566  N N   . ASP A 1 73  ? 9.761   1.664   16.317  1.00 53.89  ? 242 ASP A N   1 
ATOM   567  C CA  . ASP A 1 73  ? 9.531   2.769   15.377  1.00 53.13  ? 242 ASP A CA  1 
ATOM   568  C C   . ASP A 1 73  ? 8.469   2.369   14.344  1.00 55.63  ? 242 ASP A C   1 
ATOM   569  O O   . ASP A 1 73  ? 7.633   3.197   13.990  1.00 54.90  ? 242 ASP A O   1 
ATOM   570  C CB  . ASP A 1 73  ? 10.839  3.187   14.665  1.00 54.78  ? 242 ASP A CB  1 
ATOM   571  C CG  . ASP A 1 73  ? 11.916  3.782   15.561  1.00 63.74  ? 242 ASP A CG  1 
ATOM   572  O OD1 . ASP A 1 73  ? 11.636  4.021   16.762  1.00 64.44  ? 242 ASP A OD1 1 
ATOM   573  O OD2 . ASP A 1 73  ? 13.034  4.020   15.061  1.00 67.34  ? 242 ASP A OD2 1 
ATOM   574  N N   . VAL A 1 74  ? 8.488   1.096   13.888  1.00 51.70  ? 243 VAL A N   1 
ATOM   575  C CA  . VAL A 1 74  ? 7.522   0.555   12.924  1.00 51.42  ? 243 VAL A CA  1 
ATOM   576  C C   . VAL A 1 74  ? 6.113   0.514   13.555  1.00 55.36  ? 243 VAL A C   1 
ATOM   577  O O   . VAL A 1 74  ? 5.142   0.833   12.870  1.00 53.73  ? 243 VAL A O   1 
ATOM   578  C CB  . VAL A 1 74  ? 7.973   -0.807  12.309  1.00 55.39  ? 243 VAL A CB  1 
ATOM   579  C CG1 . VAL A 1 74  ? 6.971   -1.327  11.276  1.00 55.35  ? 243 VAL A CG1 1 
ATOM   580  C CG2 . VAL A 1 74  ? 9.361   -0.701  11.681  1.00 54.87  ? 243 VAL A CG2 1 
ATOM   581  N N   . LYS A 1 75  ? 6.010   0.186   14.870  1.00 53.33  ? 244 LYS A N   1 
ATOM   582  C CA  . LYS A 1 75  ? 4.727   0.157   15.593  1.00 53.62  ? 244 LYS A CA  1 
ATOM   583  C C   . LYS A 1 75  ? 4.131   1.574   15.722  1.00 57.69  ? 244 LYS A C   1 
ATOM   584  O O   . LYS A 1 75  ? 2.912   1.731   15.644  1.00 57.90  ? 244 LYS A O   1 
ATOM   585  C CB  . LYS A 1 75  ? 4.874   -0.497  16.980  1.00 56.27  ? 244 LYS A CB  1 
ATOM   586  C CG  . LYS A 1 75  ? 3.536   -0.795  17.659  1.00 70.98  ? 244 LYS A CG  1 
ATOM   587  C CD  . LYS A 1 75  ? 3.691   -1.500  18.996  1.00 81.92  ? 244 LYS A CD  1 
ATOM   588  C CE  . LYS A 1 75  ? 2.350   -1.749  19.641  1.00 95.75  ? 244 LYS A CE  1 
ATOM   589  N NZ  . LYS A 1 75  ? 2.474   -2.583  20.866  1.00 106.98 ? 244 LYS A NZ  1 
ATOM   590  N N   . SER A 1 76  ? 4.989   2.592   15.901  1.00 53.72  ? 245 SER A N   1 
ATOM   591  C CA  . SER A 1 76  ? 4.563   3.990   16.034  1.00 53.60  ? 245 SER A CA  1 
ATOM   592  C C   . SER A 1 76  ? 4.169   4.642   14.691  1.00 55.32  ? 245 SER A C   1 
ATOM   593  O O   . SER A 1 76  ? 3.506   5.685   14.693  1.00 54.33  ? 245 SER A O   1 
ATOM   594  C CB  . SER A 1 76  ? 5.637   4.810   16.740  1.00 58.15  ? 245 SER A CB  1 
ATOM   595  O OG  . SER A 1 76  ? 6.872   4.765   16.045  1.00 69.29  ? 245 SER A OG  1 
ATOM   596  N N   . LEU A 1 77  ? 4.558   4.013   13.552  1.00 49.80  ? 246 LEU A N   1 
ATOM   597  C CA  . LEU A 1 77  ? 4.266   4.481   12.188  1.00 48.46  ? 246 LEU A CA  1 
ATOM   598  C C   . LEU A 1 77  ? 2.776   4.649   11.946  1.00 50.07  ? 246 LEU A C   1 
ATOM   599  O O   . LEU A 1 77  ? 2.380   5.554   11.214  1.00 49.81  ? 246 LEU A O   1 
ATOM   600  C CB  . LEU A 1 77  ? 4.858   3.500   11.164  1.00 48.51  ? 246 LEU A CB  1 
ATOM   601  C CG  . LEU A 1 77  ? 6.067   3.951   10.338  1.00 53.28  ? 246 LEU A CG  1 
ATOM   602  C CD1 . LEU A 1 77  ? 7.036   4.806   11.138  1.00 53.83  ? 246 LEU A CD1 1 
ATOM   603  C CD2 . LEU A 1 77  ? 6.787   2.755   9.734   1.00 54.56  ? 246 LEU A CD2 1 
ATOM   604  N N   . SER A 1 78  ? 1.956   3.789   12.585  1.00 44.16  ? 247 SER A N   1 
ATOM   605  C CA  . SER A 1 78  ? 0.503   3.782   12.507  1.00 43.35  ? 247 SER A CA  1 
ATOM   606  C C   . SER A 1 78  ? -0.112  5.158   12.819  1.00 45.84  ? 247 SER A C   1 
ATOM   607  O O   . SER A 1 78  ? -0.979  5.607   12.068  1.00 45.58  ? 247 SER A O   1 
ATOM   608  C CB  . SER A 1 78  ? -0.067  2.724   13.448  1.00 46.99  ? 247 SER A CB  1 
ATOM   609  O OG  . SER A 1 78  ? -1.484  2.727   13.419  1.00 57.96  ? 247 SER A OG  1 
ATOM   610  N N   . ARG A 1 79  ? 0.353   5.829   13.900  1.00 40.08  ? 248 ARG A N   1 
ATOM   611  C CA  . ARG A 1 79  ? -0.187  7.137   14.295  1.00 38.62  ? 248 ARG A CA  1 
ATOM   612  C C   . ARG A 1 79  ? 0.258   8.252   13.350  1.00 38.69  ? 248 ARG A C   1 
ATOM   613  O O   . ARG A 1 79  ? -0.530  9.161   13.097  1.00 36.35  ? 248 ARG A O   1 
ATOM   614  C CB  . ARG A 1 79  ? 0.103   7.451   15.774  1.00 39.77  ? 248 ARG A CB  1 
ATOM   615  C CG  . ARG A 1 79  ? -0.782  6.630   16.721  1.00 47.14  ? 248 ARG A CG  1 
ATOM   616  C CD  . ARG A 1 79  ? -0.442  6.830   18.186  1.00 58.52  ? 248 ARG A CD  1 
ATOM   617  N NE  . ARG A 1 79  ? -0.906  5.702   18.998  1.00 65.61  ? 248 ARG A NE  1 
ATOM   618  C CZ  . ARG A 1 79  ? -0.394  5.361   20.177  1.00 79.01  ? 248 ARG A CZ  1 
ATOM   619  N NH1 . ARG A 1 79  ? 0.598   6.068   20.708  1.00 68.66  ? 248 ARG A NH1 1 
ATOM   620  N NH2 . ARG A 1 79  ? -0.867  4.311   20.834  1.00 62.07  ? 248 ARG A NH2 1 
ATOM   621  N N   . VAL A 1 80  ? 1.483   8.160   12.778  1.00 35.47  ? 249 VAL A N   1 
ATOM   622  C CA  . VAL A 1 80  ? 1.978   9.141   11.786  1.00 34.51  ? 249 VAL A CA  1 
ATOM   623  C C   . VAL A 1 80  ? 1.132   8.972   10.509  1.00 36.10  ? 249 VAL A C   1 
ATOM   624  O O   . VAL A 1 80  ? 0.702   9.961   9.918   1.00 34.55  ? 249 VAL A O   1 
ATOM   625  C CB  . VAL A 1 80  ? 3.480   8.989   11.463  1.00 39.19  ? 249 VAL A CB  1 
ATOM   626  C CG1 . VAL A 1 80  ? 3.926   10.052  10.470  1.00 39.77  ? 249 VAL A CG1 1 
ATOM   627  C CG2 . VAL A 1 80  ? 4.340   9.044   12.722  1.00 39.27  ? 249 VAL A CG2 1 
ATOM   628  N N   . MET A 1 81  ? 0.878   7.709   10.108  1.00 31.69  ? 250 MET A N   1 
ATOM   629  C CA  . MET A 1 81  ? 0.054   7.382   8.946   1.00 30.77  ? 250 MET A CA  1 
ATOM   630  C C   . MET A 1 81  ? -1.316  8.065   9.033   1.00 39.23  ? 250 MET A C   1 
ATOM   631  O O   . MET A 1 81  ? -1.696  8.753   8.094   1.00 38.65  ? 250 MET A O   1 
ATOM   632  C CB  . MET A 1 81  ? -0.148  5.875   8.844   1.00 30.76  ? 250 MET A CB  1 
ATOM   633  C CG  . MET A 1 81  ? 0.812   5.184   7.956   1.00 30.19  ? 250 MET A CG  1 
ATOM   634  S SD  . MET A 1 81  ? 0.325   3.452   7.897   1.00 27.01  ? 250 MET A SD  1 
ATOM   635  C CE  . MET A 1 81  ? 1.782   2.697   8.570   1.00 25.89  ? 250 MET A CE  1 
ATOM   636  N N   . ILE A 1 82  ? -2.016  7.939   10.181  1.00 40.76  ? 251 ILE A N   1 
ATOM   637  C CA  . ILE A 1 82  ? -3.342  8.555   10.361  1.00 42.34  ? 251 ILE A CA  1 
ATOM   638  C C   . ILE A 1 82  ? -3.245  10.091  10.422  1.00 46.64  ? 251 ILE A C   1 
ATOM   639  O O   . ILE A 1 82  ? -4.121  10.761  9.879   1.00 46.62  ? 251 ILE A O   1 
ATOM   640  C CB  . ILE A 1 82  ? -4.179  7.956   11.530  1.00 46.69  ? 251 ILE A CB  1 
ATOM   641  C CG1 . ILE A 1 82  ? -3.739  8.486   12.897  1.00 48.32  ? 251 ILE A CG1 1 
ATOM   642  C CG2 . ILE A 1 82  ? -4.197  6.422   11.498  1.00 47.87  ? 251 ILE A CG2 1 
ATOM   643  C CD1 . ILE A 1 82  ? -4.794  8.421   13.941  1.00 64.70  ? 251 ILE A CD1 1 
ATOM   644  N N   . HIS A 1 83  ? -2.177  10.650  11.033  1.00 42.82  ? 252 HIS A N   1 
ATOM   645  C CA  . HIS A 1 83  ? -2.013  12.110  11.100  1.00 42.61  ? 252 HIS A CA  1 
ATOM   646  C C   . HIS A 1 83  ? -1.962  12.709  9.682   1.00 41.77  ? 252 HIS A C   1 
ATOM   647  O O   . HIS A 1 83  ? -2.639  13.704  9.400   1.00 40.11  ? 252 HIS A O   1 
ATOM   648  C CB  . HIS A 1 83  ? -0.770  12.508  11.919  1.00 44.10  ? 252 HIS A CB  1 
ATOM   649  C CG  . HIS A 1 83  ? -0.363  13.948  11.749  1.00 48.60  ? 252 HIS A CG  1 
ATOM   650  N ND1 . HIS A 1 83  ? 0.839   14.295  11.141  1.00 51.11  ? 252 HIS A ND1 1 
ATOM   651  C CD2 . HIS A 1 83  ? -1.032  15.082  12.070  1.00 51.02  ? 252 HIS A CD2 1 
ATOM   652  C CE1 . HIS A 1 83  ? 0.868   15.621  11.127  1.00 50.72  ? 252 HIS A CE1 1 
ATOM   653  N NE2 . HIS A 1 83  ? -0.239  16.139  11.670  1.00 51.14  ? 252 HIS A NE2 1 
ATOM   654  N N   . VAL A 1 84  ? -1.189  12.073  8.791   1.00 34.90  ? 253 VAL A N   1 
ATOM   655  C CA  . VAL A 1 84  ? -1.024  12.540  7.415   1.00 32.31  ? 253 VAL A CA  1 
ATOM   656  C C   . VAL A 1 84  ? -2.232  12.184  6.545   1.00 35.28  ? 253 VAL A C   1 
ATOM   657  O O   . VAL A 1 84  ? -2.796  13.069  5.904   1.00 35.39  ? 253 VAL A O   1 
ATOM   658  C CB  . VAL A 1 84  ? 0.315   12.042  6.813   1.00 34.45  ? 253 VAL A CB  1 
ATOM   659  C CG1 . VAL A 1 84  ? 0.478   12.513  5.367   1.00 33.92  ? 253 VAL A CG1 1 
ATOM   660  C CG2 . VAL A 1 84  ? 1.504   12.493  7.665   1.00 33.65  ? 253 VAL A CG2 1 
ATOM   661  N N   . PHE A 1 85  ? -2.596  10.888  6.505   1.00 31.20  ? 254 PHE A N   1 
ATOM   662  C CA  . PHE A 1 85  ? -3.665  10.323  5.679   1.00 30.53  ? 254 PHE A CA  1 
ATOM   663  C C   . PHE A 1 85  ? -5.075  10.798  6.025   1.00 38.54  ? 254 PHE A C   1 
ATOM   664  O O   . PHE A 1 85  ? -5.848  11.028  5.103   1.00 38.31  ? 254 PHE A O   1 
ATOM   665  C CB  . PHE A 1 85  ? -3.601  8.786   5.687   1.00 30.56  ? 254 PHE A CB  1 
ATOM   666  C CG  . PHE A 1 85  ? -4.373  8.075   4.604   1.00 30.11  ? 254 PHE A CG  1 
ATOM   667  C CD1 . PHE A 1 85  ? -4.065  8.272   3.261   1.00 31.99  ? 254 PHE A CD1 1 
ATOM   668  C CD2 . PHE A 1 85  ? -5.365  7.164   4.924   1.00 30.45  ? 254 PHE A CD2 1 
ATOM   669  C CE1 . PHE A 1 85  ? -4.753  7.582   2.260   1.00 32.08  ? 254 PHE A CE1 1 
ATOM   670  C CE2 . PHE A 1 85  ? -6.065  6.485   3.921   1.00 32.90  ? 254 PHE A CE2 1 
ATOM   671  C CZ  . PHE A 1 85  ? -5.762  6.708   2.595   1.00 30.98  ? 254 PHE A CZ  1 
ATOM   672  N N   . SER A 1 86  ? -5.424  10.917  7.326   1.00 38.15  ? 255 SER A N   1 
ATOM   673  C CA  . SER A 1 86  ? -6.771  11.342  7.759   1.00 39.26  ? 255 SER A CA  1 
ATOM   674  C C   . SER A 1 86  ? -7.036  12.850  7.608   1.00 45.01  ? 255 SER A C   1 
ATOM   675  O O   . SER A 1 86  ? -8.179  13.284  7.761   1.00 45.68  ? 255 SER A O   1 
ATOM   676  C CB  . SER A 1 86  ? -7.069  10.884  9.187   1.00 43.36  ? 255 SER A CB  1 
ATOM   677  O OG  . SER A 1 86  ? -6.927  9.479   9.331   1.00 53.33  ? 255 SER A OG  1 
ATOM   678  N N   . ASP A 1 87  ? -5.997  13.646  7.320   1.00 42.89  ? 256 ASP A N   1 
ATOM   679  C CA  . ASP A 1 87  ? -6.155  15.089  7.133   1.00 43.14  ? 256 ASP A CA  1 
ATOM   680  C C   . ASP A 1 87  ? -6.439  15.374  5.661   1.00 47.86  ? 256 ASP A C   1 
ATOM   681  O O   . ASP A 1 87  ? -5.604  15.052  4.814   1.00 47.37  ? 256 ASP A O   1 
ATOM   682  C CB  . ASP A 1 87  ? -4.887  15.841  7.599   1.00 45.24  ? 256 ASP A CB  1 
ATOM   683  C CG  . ASP A 1 87  ? -4.815  17.298  7.155   1.00 55.71  ? 256 ASP A CG  1 
ATOM   684  O OD1 . ASP A 1 87  ? -5.735  18.071  7.498   1.00 56.56  ? 256 ASP A OD1 1 
ATOM   685  O OD2 . ASP A 1 87  ? -3.839  17.661  6.471   1.00 61.48  ? 256 ASP A OD2 1 
ATOM   686  N N   . GLY A 1 88  ? -7.587  15.988  5.376   1.00 44.29  ? 257 GLY A N   1 
ATOM   687  C CA  . GLY A 1 88  ? -7.962  16.381  4.023   1.00 44.33  ? 257 GLY A CA  1 
ATOM   688  C C   . GLY A 1 88  ? -8.837  15.423  3.238   1.00 47.85  ? 257 GLY A C   1 
ATOM   689  O O   . GLY A 1 88  ? -9.520  14.574  3.811   1.00 48.03  ? 257 GLY A O   1 
ATOM   690  N N   . VAL A 1 89  ? -8.807  15.583  1.904   1.00 44.75  ? 258 VAL A N   1 
ATOM   691  C CA  . VAL A 1 89  ? -9.590  14.854  0.889   1.00 44.67  ? 258 VAL A CA  1 
ATOM   692  C C   . VAL A 1 89  ? -9.220  13.375  0.764   1.00 46.36  ? 258 VAL A C   1 
ATOM   693  O O   . VAL A 1 89  ? -8.072  13.001  0.981   1.00 46.33  ? 258 VAL A O   1 
ATOM   694  C CB  . VAL A 1 89  ? -9.534  15.550  -0.512  1.00 49.51  ? 258 VAL A CB  1 
ATOM   695  C CG1 . VAL A 1 89  ? -10.180 16.938  -0.483  1.00 49.44  ? 258 VAL A CG1 1 
ATOM   696  C CG2 . VAL A 1 89  ? -8.106  15.626  -1.063  1.00 49.36  ? 258 VAL A CG2 1 
ATOM   697  N N   . THR A 1 90  ? -10.190 12.548  0.377   1.00 40.57  ? 259 THR A N   1 
ATOM   698  C CA  . THR A 1 90  ? -9.950  11.132  0.146   1.00 39.25  ? 259 THR A CA  1 
ATOM   699  C C   . THR A 1 90  ? -10.143 10.830  -1.343  1.00 37.98  ? 259 THR A C   1 
ATOM   700  O O   . THR A 1 90  ? -11.186 11.170  -1.902  1.00 37.35  ? 259 THR A O   1 
ATOM   701  C CB  . THR A 1 90  ? -10.730 10.183  1.111   1.00 52.07  ? 259 THR A CB  1 
ATOM   702  O OG1 . THR A 1 90  ? -11.512 9.247   0.368   1.00 55.28  ? 259 THR A OG1 1 
ATOM   703  C CG2 . THR A 1 90  ? -11.586 10.908  2.151   1.00 51.09  ? 259 THR A CG2 1 
ATOM   704  N N   . ASN A 1 91  ? -9.130  10.199  -1.977  1.00 29.99  ? 260 ASN A N   1 
ATOM   705  C CA  . ASN A 1 91  ? -9.154  9.801   -3.387  1.00 27.49  ? 260 ASN A CA  1 
ATOM   706  C C   . ASN A 1 91  ? -8.195  8.629   -3.636  1.00 29.56  ? 260 ASN A C   1 
ATOM   707  O O   . ASN A 1 91  ? -7.394  8.314   -2.759  1.00 27.80  ? 260 ASN A O   1 
ATOM   708  C CB  . ASN A 1 91  ? -8.846  11.001  -4.319  1.00 25.21  ? 260 ASN A CB  1 
ATOM   709  C CG  . ASN A 1 91  ? -7.501  11.642  -4.122  1.00 38.41  ? 260 ASN A CG  1 
ATOM   710  O OD1 . ASN A 1 91  ? -6.444  11.028  -4.350  1.00 30.55  ? 260 ASN A OD1 1 
ATOM   711  N ND2 . ASN A 1 91  ? -7.508  12.910  -3.728  1.00 29.19  ? 260 ASN A ND2 1 
ATOM   712  N N   . TRP A 1 92  ? -8.263  8.003   -4.821  1.00 26.60  ? 261 TRP A N   1 
ATOM   713  C CA  . TRP A 1 92  ? -7.380  6.881   -5.177  1.00 26.96  ? 261 TRP A CA  1 
ATOM   714  C C   . TRP A 1 92  ? -5.886  7.247   -5.284  1.00 27.84  ? 261 TRP A C   1 
ATOM   715  O O   . TRP A 1 92  ? -5.027  6.398   -5.054  1.00 27.66  ? 261 TRP A O   1 
ATOM   716  C CB  . TRP A 1 92  ? -7.864  6.196   -6.458  1.00 26.66  ? 261 TRP A CB  1 
ATOM   717  C CG  . TRP A 1 92  ? -9.119  5.382   -6.299  1.00 27.98  ? 261 TRP A CG  1 
ATOM   718  C CD1 . TRP A 1 92  ? -10.292 5.553   -6.978  1.00 31.35  ? 261 TRP A CD1 1 
ATOM   719  C CD2 . TRP A 1 92  ? -9.291  4.215   -5.484  1.00 27.77  ? 261 TRP A CD2 1 
ATOM   720  N NE1 . TRP A 1 92  ? -11.186 4.565   -6.635  1.00 31.17  ? 261 TRP A NE1 1 
ATOM   721  C CE2 . TRP A 1 92  ? -10.615 3.757   -5.686  1.00 32.19  ? 261 TRP A CE2 1 
ATOM   722  C CE3 . TRP A 1 92  ? -8.477  3.541   -4.550  1.00 28.87  ? 261 TRP A CE3 1 
ATOM   723  C CZ2 . TRP A 1 92  ? -11.134 2.651   -5.009  1.00 31.32  ? 261 TRP A CZ2 1 
ATOM   724  C CZ3 . TRP A 1 92  ? -9.003  2.460   -3.860  1.00 30.15  ? 261 TRP A CZ3 1 
ATOM   725  C CH2 . TRP A 1 92  ? -10.307 2.013   -4.107  1.00 31.07  ? 261 TRP A CH2 1 
ATOM   726  N N   . GLY A 1 93  ? -5.591  8.495   -5.633  1.00 24.08  ? 262 GLY A N   1 
ATOM   727  C CA  . GLY A 1 93  ? -4.224  9.007   -5.725  1.00 23.06  ? 262 GLY A CA  1 
ATOM   728  C C   . GLY A 1 93  ? -3.519  8.959   -4.384  1.00 27.35  ? 262 GLY A C   1 
ATOM   729  O O   . GLY A 1 93  ? -2.371  8.501   -4.295  1.00 25.53  ? 262 GLY A O   1 
ATOM   730  N N   . ARG A 1 94  ? -4.220  9.400   -3.318  1.00 25.52  ? 263 ARG A N   1 
ATOM   731  C CA  . ARG A 1 94  ? -3.683  9.382   -1.947  1.00 25.14  ? 263 ARG A CA  1 
ATOM   732  C C   . ARG A 1 94  ? -3.510  7.945   -1.454  1.00 27.00  ? 263 ARG A C   1 
ATOM   733  O O   . ARG A 1 94  ? -2.560  7.666   -0.724  1.00 26.66  ? 263 ARG A O   1 
ATOM   734  C CB  . ARG A 1 94  ? -4.571  10.170  -0.973  1.00 24.96  ? 263 ARG A CB  1 
ATOM   735  C CG  . ARG A 1 94  ? -4.608  11.691  -1.223  1.00 31.19  ? 263 ARG A CG  1 
ATOM   736  C CD  . ARG A 1 94  ? -4.197  12.461  0.028   1.00 40.04  ? 263 ARG A CD  1 
ATOM   737  N NE  . ARG A 1 94  ? -5.281  12.632  0.975   1.00 50.72  ? 263 ARG A NE  1 
ATOM   738  C CZ  . ARG A 1 94  ? -5.128  12.981  2.247   1.00 59.94  ? 263 ARG A CZ  1 
ATOM   739  N NH1 . ARG A 1 94  ? -3.912  13.128  2.765   1.00 31.58  ? 263 ARG A NH1 1 
ATOM   740  N NH2 . ARG A 1 94  ? -6.185  13.119  3.030   1.00 58.58  ? 263 ARG A NH2 1 
ATOM   741  N N   . ILE A 1 95  ? -4.429  7.042   -1.856  1.00 23.62  ? 264 ILE A N   1 
ATOM   742  C CA  . ILE A 1 95  ? -4.403  5.616   -1.481  1.00 23.15  ? 264 ILE A CA  1 
ATOM   743  C C   . ILE A 1 95  ? -3.207  4.925   -2.128  1.00 26.46  ? 264 ILE A C   1 
ATOM   744  O O   . ILE A 1 95  ? -2.500  4.171   -1.461  1.00 26.28  ? 264 ILE A O   1 
ATOM   745  C CB  . ILE A 1 95  ? -5.751  4.916   -1.803  1.00 25.77  ? 264 ILE A CB  1 
ATOM   746  C CG1 . ILE A 1 95  ? -6.868  5.444   -0.875  1.00 25.87  ? 264 ILE A CG1 1 
ATOM   747  C CG2 . ILE A 1 95  ? -5.630  3.372   -1.724  1.00 26.30  ? 264 ILE A CG2 1 
ATOM   748  C CD1 . ILE A 1 95  ? -8.317  5.053   -1.275  1.00 30.90  ? 264 ILE A CD1 1 
ATOM   749  N N   . VAL A 1 96  ? -2.958  5.203   -3.412  1.00 23.79  ? 265 VAL A N   1 
ATOM   750  C CA  . VAL A 1 96  ? -1.801  4.635   -4.105  1.00 23.71  ? 265 VAL A CA  1 
ATOM   751  C C   . VAL A 1 96  ? -0.503  5.233   -3.509  1.00 25.74  ? 265 VAL A C   1 
ATOM   752  O O   . VAL A 1 96  ? 0.472   4.511   -3.358  1.00 23.34  ? 265 VAL A O   1 
ATOM   753  C CB  . VAL A 1 96  ? -1.908  4.708   -5.653  1.00 28.45  ? 265 VAL A CB  1 
ATOM   754  C CG1 . VAL A 1 96  ? -1.487  6.063   -6.197  1.00 28.08  ? 265 VAL A CG1 1 
ATOM   755  C CG2 . VAL A 1 96  ? -1.117  3.583   -6.318  1.00 29.27  ? 265 VAL A CG2 1 
ATOM   756  N N   . THR A 1 97  ? -0.527  6.516   -3.077  1.00 22.23  ? 266 THR A N   1 
ATOM   757  C CA  . THR A 1 97  ? 0.645   7.142   -2.436  1.00 21.02  ? 266 THR A CA  1 
ATOM   758  C C   . THR A 1 97  ? 0.980   6.434   -1.112  1.00 24.64  ? 266 THR A C   1 
ATOM   759  O O   . THR A 1 97  ? 2.140   6.134   -0.868  1.00 25.41  ? 266 THR A O   1 
ATOM   760  C CB  . THR A 1 97  ? 0.462   8.671   -2.312  1.00 28.79  ? 266 THR A CB  1 
ATOM   761  O OG1 . THR A 1 97  ? 0.178   9.200   -3.615  1.00 25.90  ? 266 THR A OG1 1 
ATOM   762  C CG2 . THR A 1 97  ? 1.713   9.373   -1.765  1.00 27.53  ? 266 THR A CG2 1 
ATOM   763  N N   . LEU A 1 98  ? -0.045  6.155   -0.280  1.00 20.97  ? 267 LEU A N   1 
ATOM   764  C CA  . LEU A 1 98  ? 0.067   5.443   1.008   1.00 21.06  ? 267 LEU A CA  1 
ATOM   765  C C   . LEU A 1 98  ? 0.752   4.096   0.811   1.00 22.12  ? 267 LEU A C   1 
ATOM   766  O O   . LEU A 1 98  ? 1.715   3.777   1.510   1.00 22.40  ? 267 LEU A O   1 
ATOM   767  C CB  . LEU A 1 98  ? -1.346  5.238   1.589   1.00 21.18  ? 267 LEU A CB  1 
ATOM   768  C CG  . LEU A 1 98  ? -1.469  4.449   2.933   1.00 25.01  ? 267 LEU A CG  1 
ATOM   769  C CD1 . LEU A 1 98  ? -1.076  5.318   4.139   1.00 24.20  ? 267 LEU A CD1 1 
ATOM   770  C CD2 . LEU A 1 98  ? -2.862  3.922   3.110   1.00 25.54  ? 267 LEU A CD2 1 
ATOM   771  N N   . ILE A 1 99  ? 0.273   3.324   -0.154  1.00 19.74  ? 268 ILE A N   1 
ATOM   772  C CA  . ILE A 1 99  ? 0.808   1.988   -0.446  1.00 19.34  ? 268 ILE A CA  1 
ATOM   773  C C   . ILE A 1 99  ? 2.198   2.066   -1.065  1.00 22.60  ? 268 ILE A C   1 
ATOM   774  O O   . ILE A 1 99  ? 3.062   1.282   -0.692  1.00 22.64  ? 268 ILE A O   1 
ATOM   775  C CB  . ILE A 1 99  ? -0.189  1.145   -1.285  1.00 22.74  ? 268 ILE A CB  1 
ATOM   776  C CG1 . ILE A 1 99  ? -1.579  1.061   -0.563  1.00 23.60  ? 268 ILE A CG1 1 
ATOM   777  C CG2 . ILE A 1 99  ? 0.377   -0.254  -1.570  1.00 23.39  ? 268 ILE A CG2 1 
ATOM   778  C CD1 . ILE A 1 99  ? -2.725  0.572   -1.433  1.00 25.38  ? 268 ILE A CD1 1 
ATOM   779  N N   . SER A 1 100 ? 2.410   2.983   -2.021  1.00 21.00  ? 269 SER A N   1 
ATOM   780  C CA  . SER A 1 100 ? 3.708   3.158   -2.692  1.00 20.84  ? 269 SER A CA  1 
ATOM   781  C C   . SER A 1 100 ? 4.777   3.575   -1.700  1.00 23.22  ? 269 SER A C   1 
ATOM   782  O O   . SER A 1 100 ? 5.895   3.075   -1.787  1.00 21.49  ? 269 SER A O   1 
ATOM   783  C CB  . SER A 1 100 ? 3.607   4.191   -3.815  1.00 22.04  ? 269 SER A CB  1 
ATOM   784  O OG  . SER A 1 100 ? 2.639   3.761   -4.760  1.00 29.57  ? 269 SER A OG  1 
ATOM   785  N N   . PHE A 1 101 ? 4.452   4.493   -0.751  1.00 20.32  ? 270 PHE A N   1 
ATOM   786  C CA  . PHE A 1 101 ? 5.429   4.878   0.268   1.00 18.93  ? 270 PHE A CA  1 
ATOM   787  C C   . PHE A 1 101 ? 5.668   3.675   1.184   1.00 24.38  ? 270 PHE A C   1 
ATOM   788  O O   . PHE A 1 101 ? 6.785   3.486   1.652   1.00 24.55  ? 270 PHE A O   1 
ATOM   789  C CB  . PHE A 1 101 ? 4.977   6.100   1.090   1.00 20.39  ? 270 PHE A CB  1 
ATOM   790  C CG  . PHE A 1 101 ? 6.049   6.584   2.042   1.00 21.35  ? 270 PHE A CG  1 
ATOM   791  C CD1 . PHE A 1 101 ? 7.312   6.929   1.577   1.00 24.75  ? 270 PHE A CD1 1 
ATOM   792  C CD2 . PHE A 1 101 ? 5.790   6.711   3.402   1.00 23.63  ? 270 PHE A CD2 1 
ATOM   793  C CE1 . PHE A 1 101 ? 8.311   7.343   2.458   1.00 26.37  ? 270 PHE A CE1 1 
ATOM   794  C CE2 . PHE A 1 101 ? 6.788   7.126   4.287   1.00 26.37  ? 270 PHE A CE2 1 
ATOM   795  C CZ  . PHE A 1 101 ? 8.043   7.446   3.809   1.00 24.91  ? 270 PHE A CZ  1 
ATOM   796  N N   . GLY A 1 102 ? 4.637   2.844   1.367   1.00 21.87  ? 271 GLY A N   1 
ATOM   797  C CA  . GLY A 1 102 ? 4.740   1.597   2.114   1.00 21.69  ? 271 GLY A CA  1 
ATOM   798  C C   . GLY A 1 102 ? 5.825   0.691   1.543   1.00 25.48  ? 271 GLY A C   1 
ATOM   799  O O   . GLY A 1 102 ? 6.667   0.191   2.281   1.00 24.64  ? 271 GLY A O   1 
ATOM   800  N N   . ALA A 1 103 ? 5.853   0.541   0.208   1.00 23.75  ? 272 ALA A N   1 
ATOM   801  C CA  . ALA A 1 103 ? 6.850   -0.268  -0.510  1.00 24.18  ? 272 ALA A CA  1 
ATOM   802  C C   . ALA A 1 103 ? 8.243   0.363   -0.404  1.00 26.59  ? 272 ALA A C   1 
ATOM   803  O O   . ALA A 1 103 ? 9.226   -0.352  -0.211  1.00 24.98  ? 272 ALA A O   1 
ATOM   804  C CB  . ALA A 1 103 ? 6.448   -0.418  -1.960  1.00 25.00  ? 272 ALA A CB  1 
ATOM   805  N N   . PHE A 1 104 ? 8.319   1.700   -0.505  1.00 24.35  ? 273 PHE A N   1 
ATOM   806  C CA  . PHE A 1 104 ? 9.570   2.468   -0.355  1.00 23.56  ? 273 PHE A CA  1 
ATOM   807  C C   . PHE A 1 104 ? 10.150  2.214   1.061   1.00 27.51  ? 273 PHE A C   1 
ATOM   808  O O   . PHE A 1 104 ? 11.354  1.945   1.202   1.00 26.10  ? 273 PHE A O   1 
ATOM   809  C CB  . PHE A 1 104 ? 9.297   3.960   -0.575  1.00 24.56  ? 273 PHE A CB  1 
ATOM   810  C CG  . PHE A 1 104 ? 10.536  4.809   -0.740  1.00 26.18  ? 273 PHE A CG  1 
ATOM   811  C CD1 . PHE A 1 104 ? 11.106  5.000   -1.994  1.00 28.57  ? 273 PHE A CD1 1 
ATOM   812  C CD2 . PHE A 1 104 ? 11.123  5.435   0.357   1.00 28.10  ? 273 PHE A CD2 1 
ATOM   813  C CE1 . PHE A 1 104 ? 12.233  5.809   -2.151  1.00 29.73  ? 273 PHE A CE1 1 
ATOM   814  C CE2 . PHE A 1 104 ? 12.262  6.235   0.200   1.00 30.39  ? 273 PHE A CE2 1 
ATOM   815  C CZ  . PHE A 1 104 ? 12.809  6.411   -1.053  1.00 29.13  ? 273 PHE A CZ  1 
ATOM   816  N N   . VAL A 1 105 ? 9.271   2.234   2.100   1.00 23.65  ? 274 VAL A N   1 
ATOM   817  C CA  . VAL A 1 105 ? 9.654   1.948   3.492   1.00 22.98  ? 274 VAL A CA  1 
ATOM   818  C C   . VAL A 1 105 ? 10.075  0.465   3.614   1.00 26.41  ? 274 VAL A C   1 
ATOM   819  O O   . VAL A 1 105 ? 11.112  0.192   4.212   1.00 25.80  ? 274 VAL A O   1 
ATOM   820  C CB  . VAL A 1 105 ? 8.559   2.359   4.522   1.00 25.96  ? 274 VAL A CB  1 
ATOM   821  C CG1 . VAL A 1 105 ? 8.931   1.923   5.945   1.00 24.87  ? 274 VAL A CG1 1 
ATOM   822  C CG2 . VAL A 1 105 ? 8.323   3.869   4.479   1.00 25.47  ? 274 VAL A CG2 1 
ATOM   823  N N   . ALA A 1 106 ? 9.300   -0.472  3.018   1.00 24.39  ? 275 ALA A N   1 
ATOM   824  C CA  . ALA A 1 106 ? 9.623   -1.911  3.021   1.00 24.33  ? 275 ALA A CA  1 
ATOM   825  C C   . ALA A 1 106 ? 11.060  -2.183  2.501   1.00 29.68  ? 275 ALA A C   1 
ATOM   826  O O   . ALA A 1 106 ? 11.807  -2.928  3.134   1.00 29.39  ? 275 ALA A O   1 
ATOM   827  C CB  . ALA A 1 106 ? 8.593   -2.696  2.211   1.00 24.38  ? 275 ALA A CB  1 
ATOM   828  N N   . LYS A 1 107 ? 11.459  -1.534  1.391   1.00 25.62  ? 276 LYS A N   1 
ATOM   829  C CA  . LYS A 1 107 ? 12.817  -1.653  0.844   1.00 25.94  ? 276 LYS A CA  1 
ATOM   830  C C   . LYS A 1 107 ? 13.886  -1.167  1.836   1.00 30.55  ? 276 LYS A C   1 
ATOM   831  O O   . LYS A 1 107 ? 14.891  -1.866  2.047   1.00 29.87  ? 276 LYS A O   1 
ATOM   832  C CB  . LYS A 1 107 ? 12.928  -0.913  -0.489  1.00 27.97  ? 276 LYS A CB  1 
ATOM   833  C CG  . LYS A 1 107 ? 12.263  -1.677  -1.617  1.00 29.98  ? 276 LYS A CG  1 
ATOM   834  C CD  . LYS A 1 107 ? 12.429  -0.975  -2.961  1.00 40.54  ? 276 LYS A CD  1 
ATOM   835  C CE  . LYS A 1 107 ? 11.246  -0.117  -3.315  1.00 44.86  ? 276 LYS A CE  1 
ATOM   836  N NZ  . LYS A 1 107 ? 11.269  0.262   -4.748  1.00 51.96  ? 276 LYS A NZ  1 
ATOM   837  N N   . HIS A 1 108 ? 13.640  -0.016  2.498   1.00 27.21  ? 277 HIS A N   1 
ATOM   838  C CA  . HIS A 1 108 ? 14.540  0.513   3.522   1.00 27.53  ? 277 HIS A CA  1 
ATOM   839  C C   . HIS A 1 108 ? 14.633  -0.465  4.709   1.00 31.91  ? 277 HIS A C   1 
ATOM   840  O O   . HIS A 1 108 ? 15.731  -0.684  5.228   1.00 32.69  ? 277 HIS A O   1 
ATOM   841  C CB  . HIS A 1 108 ? 14.096  1.908   3.992   1.00 28.86  ? 277 HIS A CB  1 
ATOM   842  C CG  . HIS A 1 108 ? 14.892  2.435   5.147   1.00 32.50  ? 277 HIS A CG  1 
ATOM   843  N ND1 . HIS A 1 108 ? 16.201  2.858   4.989   1.00 34.42  ? 277 HIS A ND1 1 
ATOM   844  C CD2 . HIS A 1 108 ? 14.545  2.563   6.449   1.00 34.57  ? 277 HIS A CD2 1 
ATOM   845  C CE1 . HIS A 1 108 ? 16.611  3.217   6.196   1.00 33.86  ? 277 HIS A CE1 1 
ATOM   846  N NE2 . HIS A 1 108 ? 15.648  3.071   7.104   1.00 34.31  ? 277 HIS A NE2 1 
ATOM   847  N N   . LEU A 1 109 ? 13.498  -1.063  5.118   1.00 27.98  ? 278 LEU A N   1 
ATOM   848  C CA  . LEU A 1 109 ? 13.456  -2.045  6.216   1.00 28.87  ? 278 LEU A CA  1 
ATOM   849  C C   . LEU A 1 109 ? 14.408  -3.224  5.952   1.00 34.65  ? 278 LEU A C   1 
ATOM   850  O O   . LEU A 1 109 ? 15.156  -3.590  6.854   1.00 34.25  ? 278 LEU A O   1 
ATOM   851  C CB  . LEU A 1 109 ? 12.025  -2.533  6.529   1.00 28.72  ? 278 LEU A CB  1 
ATOM   852  C CG  . LEU A 1 109 ? 11.082  -1.542  7.249   1.00 32.77  ? 278 LEU A CG  1 
ATOM   853  C CD1 . LEU A 1 109 ? 9.689   -2.146  7.435   1.00 32.75  ? 278 LEU A CD1 1 
ATOM   854  C CD2 . LEU A 1 109 ? 11.614  -1.131  8.598   1.00 34.73  ? 278 LEU A CD2 1 
ATOM   855  N N   . LYS A 1 110 ? 14.415  -3.777  4.713   1.00 32.69  ? 279 LYS A N   1 
ATOM   856  C CA  . LYS A 1 110 ? 15.343  -4.848  4.316   1.00 33.00  ? 279 LYS A CA  1 
ATOM   857  C C   . LYS A 1 110 ? 16.807  -4.406  4.524   1.00 36.82  ? 279 LYS A C   1 
ATOM   858  O O   . LYS A 1 110 ? 17.589  -5.142  5.115   1.00 36.88  ? 279 LYS A O   1 
ATOM   859  C CB  . LYS A 1 110 ? 15.132  -5.281  2.853   1.00 33.97  ? 279 LYS A CB  1 
ATOM   860  C CG  . LYS A 1 110 ? 15.960  -6.519  2.492   1.00 42.67  ? 279 LYS A CG  1 
ATOM   861  C CD  . LYS A 1 110 ? 15.665  -7.060  1.117   1.00 47.89  ? 279 LYS A CD  1 
ATOM   862  C CE  . LYS A 1 110 ? 16.466  -8.307  0.828   1.00 54.24  ? 279 LYS A CE  1 
ATOM   863  N NZ  . LYS A 1 110 ? 16.706  -8.486  -0.631  1.00 59.22  ? 279 LYS A NZ  1 
ATOM   864  N N   . THR A 1 111 ? 17.149  -3.201  4.052   1.00 33.53  ? 280 THR A N   1 
ATOM   865  C CA  . THR A 1 111 ? 18.467  -2.583  4.143   1.00 34.21  ? 280 THR A CA  1 
ATOM   866  C C   . THR A 1 111 ? 19.006  -2.530  5.590   1.00 39.58  ? 280 THR A C   1 
ATOM   867  O O   . THR A 1 111 ? 20.203  -2.748  5.798   1.00 39.72  ? 280 THR A O   1 
ATOM   868  C CB  . THR A 1 111 ? 18.431  -1.198  3.453   1.00 42.71  ? 280 THR A CB  1 
ATOM   869  O OG1 . THR A 1 111 ? 18.059  -1.372  2.084   1.00 42.59  ? 280 THR A OG1 1 
ATOM   870  C CG2 . THR A 1 111 ? 19.751  -0.478  3.494   1.00 44.65  ? 280 THR A CG2 1 
ATOM   871  N N   . ILE A 1 112 ? 18.135  -2.218  6.576   1.00 35.36  ? 281 ILE A N   1 
ATOM   872  C CA  . ILE A 1 112 ? 18.522  -2.101  7.986   1.00 33.89  ? 281 ILE A CA  1 
ATOM   873  C C   . ILE A 1 112 ? 18.271  -3.403  8.783   1.00 36.86  ? 281 ILE A C   1 
ATOM   874  O O   . ILE A 1 112 ? 18.263  -3.370  10.016  1.00 36.80  ? 281 ILE A O   1 
ATOM   875  C CB  . ILE A 1 112 ? 17.885  -0.855  8.668   1.00 36.54  ? 281 ILE A CB  1 
ATOM   876  C CG1 . ILE A 1 112 ? 16.318  -0.891  8.612   1.00 36.90  ? 281 ILE A CG1 1 
ATOM   877  C CG2 . ILE A 1 112 ? 18.474  0.448   8.108   1.00 35.99  ? 281 ILE A CG2 1 
ATOM   878  C CD1 . ILE A 1 112 ? 15.577  0.026   9.634   1.00 44.89  ? 281 ILE A CD1 1 
ATOM   879  N N   . ASN A 1 113 ? 18.081  -4.533  8.082   1.00 33.79  ? 282 ASN A N   1 
ATOM   880  C CA  . ASN A 1 113 ? 17.830  -5.873  8.657   1.00 34.58  ? 282 ASN A CA  1 
ATOM   881  C C   . ASN A 1 113 ? 16.580  -5.920  9.534   1.00 39.78  ? 282 ASN A C   1 
ATOM   882  O O   . ASN A 1 113 ? 16.584  -6.507  10.624  1.00 39.78  ? 282 ASN A O   1 
ATOM   883  C CB  . ASN A 1 113 ? 19.072  -6.432  9.397   1.00 32.80  ? 282 ASN A CB  1 
ATOM   884  C CG  . ASN A 1 113 ? 20.256  -6.572  8.489   1.00 44.02  ? 282 ASN A CG  1 
ATOM   885  O OD1 . ASN A 1 113 ? 21.230  -5.829  8.589   1.00 41.25  ? 282 ASN A OD1 1 
ATOM   886  N ND2 . ASN A 1 113 ? 20.169  -7.499  7.557   1.00 36.30  ? 282 ASN A ND2 1 
ATOM   887  N N   . GLN A 1 114 ? 15.500  -5.302  9.037   1.00 36.03  ? 283 GLN A N   1 
ATOM   888  C CA  . GLN A 1 114 ? 14.210  -5.275  9.713   1.00 35.36  ? 283 GLN A CA  1 
ATOM   889  C C   . GLN A 1 114 ? 13.123  -5.880  8.813   1.00 40.24  ? 283 GLN A C   1 
ATOM   890  O O   . GLN A 1 114 ? 11.967  -5.466  8.899   1.00 40.37  ? 283 GLN A O   1 
ATOM   891  C CB  . GLN A 1 114 ? 13.863  -3.839  10.168  1.00 35.88  ? 283 GLN A CB  1 
ATOM   892  C CG  . GLN A 1 114 ? 14.765  -3.278  11.280  1.00 41.22  ? 283 GLN A CG  1 
ATOM   893  C CD  . GLN A 1 114 ? 14.581  -3.928  12.633  1.00 54.51  ? 283 GLN A CD  1 
ATOM   894  O OE1 . GLN A 1 114 ? 13.528  -4.482  12.966  1.00 47.99  ? 283 GLN A OE1 1 
ATOM   895  N NE2 . GLN A 1 114 ? 15.611  -3.864  13.451  1.00 43.98  ? 283 GLN A NE2 1 
ATOM   896  N N   . GLU A 1 115 ? 13.484  -6.892  7.977   1.00 38.08  ? 284 GLU A N   1 
ATOM   897  C CA  . GLU A 1 115 ? 12.566  -7.585  7.052   1.00 38.79  ? 284 GLU A CA  1 
ATOM   898  C C   . GLU A 1 115 ? 11.354  -8.200  7.773   1.00 43.14  ? 284 GLU A C   1 
ATOM   899  O O   . GLU A 1 115 ? 10.291  -8.356  7.164   1.00 42.44  ? 284 GLU A O   1 
ATOM   900  C CB  . GLU A 1 115 ? 13.263  -8.687  6.227   1.00 40.83  ? 284 GLU A CB  1 
ATOM   901  C CG  . GLU A 1 115 ? 14.665  -8.385  5.738   1.00 55.16  ? 284 GLU A CG  1 
ATOM   902  C CD  . GLU A 1 115 ? 15.738  -9.068  6.563   1.00 75.72  ? 284 GLU A CD  1 
ATOM   903  O OE1 . GLU A 1 115 ? 16.284  -10.094 6.095   1.00 73.07  ? 284 GLU A OE1 1 
ATOM   904  O OE2 . GLU A 1 115 ? 16.038  -8.576  7.674   1.00 68.90  ? 284 GLU A OE2 1 
ATOM   905  N N   . SER A 1 116 ? 11.521  -8.559  9.063   1.00 40.08  ? 285 SER A N   1 
ATOM   906  C CA  . SER A 1 116 ? 10.456  -9.135  9.888   1.00 39.81  ? 285 SER A CA  1 
ATOM   907  C C   . SER A 1 116 ? 9.339   -8.103  10.192  1.00 40.29  ? 285 SER A C   1 
ATOM   908  O O   . SER A 1 116 ? 8.251   -8.502  10.600  1.00 38.07  ? 285 SER A O   1 
ATOM   909  C CB  . SER A 1 116 ? 11.026  -9.727  11.178  1.00 42.85  ? 285 SER A CB  1 
ATOM   910  O OG  . SER A 1 116 ? 11.587  -8.719  12.005  1.00 53.49  ? 285 SER A OG  1 
ATOM   911  N N   . CYS A 1 117 ? 9.621   -6.795  9.985   1.00 36.38  ? 286 CYS A N   1 
ATOM   912  C CA  . CYS A 1 117 ? 8.690   -5.682  10.175  1.00 35.62  ? 286 CYS A CA  1 
ATOM   913  C C   . CYS A 1 117 ? 7.866   -5.365  8.917   1.00 36.06  ? 286 CYS A C   1 
ATOM   914  O O   . CYS A 1 117 ? 6.989   -4.504  8.996   1.00 36.04  ? 286 CYS A O   1 
ATOM   915  C CB  . CYS A 1 117 ? 9.414   -4.438  10.684  1.00 36.59  ? 286 CYS A CB  1 
ATOM   916  S SG  . CYS A 1 117 ? 10.192  -4.633  12.304  1.00 41.13  ? 286 CYS A SG  1 
ATOM   917  N N   . ILE A 1 118 ? 8.113   -6.051  7.775   1.00 30.77  ? 287 ILE A N   1 
ATOM   918  C CA  . ILE A 1 118 ? 7.401   -5.773  6.514   1.00 29.80  ? 287 ILE A CA  1 
ATOM   919  C C   . ILE A 1 118 ? 5.926   -6.198  6.591   1.00 34.27  ? 287 ILE A C   1 
ATOM   920  O O   . ILE A 1 118 ? 5.051   -5.396  6.239   1.00 31.78  ? 287 ILE A O   1 
ATOM   921  C CB  . ILE A 1 118 ? 8.146   -6.342  5.267   1.00 32.34  ? 287 ILE A CB  1 
ATOM   922  C CG1 . ILE A 1 118 ? 9.473   -5.562  5.068   1.00 32.25  ? 287 ILE A CG1 1 
ATOM   923  C CG2 . ILE A 1 118 ? 7.266   -6.276  3.994   1.00 31.43  ? 287 ILE A CG2 1 
ATOM   924  C CD1 . ILE A 1 118 ? 10.563  -6.223  4.137   1.00 36.65  ? 287 ILE A CD1 1 
ATOM   925  N N   . GLU A 1 119 ? 5.653   -7.445  7.037   1.00 31.76  ? 288 GLU A N   1 
ATOM   926  C CA  . GLU A 1 119 ? 4.284   -7.935  7.206   1.00 32.72  ? 288 GLU A CA  1 
ATOM   927  C C   . GLU A 1 119 ? 3.528   -7.078  8.266   1.00 34.65  ? 288 GLU A C   1 
ATOM   928  O O   . GLU A 1 119 ? 2.463   -6.580  7.909   1.00 34.79  ? 288 GLU A O   1 
ATOM   929  C CB  . GLU A 1 119 ? 4.246   -9.459  7.469   1.00 35.08  ? 288 GLU A CB  1 
ATOM   930  C CG  . GLU A 1 119 ? 2.882   -10.099 7.264   1.00 49.22  ? 288 GLU A CG  1 
ATOM   931  C CD  . GLU A 1 119 ? 2.270   -9.993  5.878   1.00 70.93  ? 288 GLU A CD  1 
ATOM   932  O OE1 . GLU A 1 119 ? 2.978   -10.272 4.882   1.00 68.46  ? 288 GLU A OE1 1 
ATOM   933  O OE2 . GLU A 1 119 ? 1.070   -9.645  5.789   1.00 63.85  ? 288 GLU A OE2 1 
ATOM   934  N N   . PRO A 1 120 ? 4.062   -6.766  9.486   1.00 30.05  ? 289 PRO A N   1 
ATOM   935  C CA  . PRO A 1 120 ? 3.343   -5.840  10.387  1.00 29.99  ? 289 PRO A CA  1 
ATOM   936  C C   . PRO A 1 120 ? 3.135   -4.442  9.761   1.00 32.97  ? 289 PRO A C   1 
ATOM   937  O O   . PRO A 1 120 ? 2.145   -3.789  10.066  1.00 32.01  ? 289 PRO A O   1 
ATOM   938  C CB  . PRO A 1 120 ? 4.256   -5.772  11.618  1.00 31.78  ? 289 PRO A CB  1 
ATOM   939  C CG  . PRO A 1 120 ? 5.018   -7.063  11.580  1.00 35.70  ? 289 PRO A CG  1 
ATOM   940  C CD  . PRO A 1 120 ? 5.297   -7.256  10.138  1.00 31.08  ? 289 PRO A CD  1 
ATOM   941  N N   . LEU A 1 121 ? 4.048   -3.995  8.872   1.00 29.32  ? 290 LEU A N   1 
ATOM   942  C CA  . LEU A 1 121 ? 3.882   -2.714  8.160   1.00 27.78  ? 290 LEU A CA  1 
ATOM   943  C C   . LEU A 1 121 ? 2.675   -2.791  7.221   1.00 29.09  ? 290 LEU A C   1 
ATOM   944  O O   . LEU A 1 121 ? 1.829   -1.897  7.236   1.00 28.75  ? 290 LEU A O   1 
ATOM   945  C CB  . LEU A 1 121 ? 5.154   -2.338  7.371   1.00 27.64  ? 290 LEU A CB  1 
ATOM   946  C CG  . LEU A 1 121 ? 5.106   -1.023  6.565   1.00 31.50  ? 290 LEU A CG  1 
ATOM   947  C CD1 . LEU A 1 121 ? 4.959   0.196   7.487   1.00 31.90  ? 290 LEU A CD1 1 
ATOM   948  C CD2 . LEU A 1 121 ? 6.331   -0.884  5.691   1.00 30.90  ? 290 LEU A CD2 1 
ATOM   949  N N   . ALA A 1 122 ? 2.594   -3.863  6.422   1.00 25.33  ? 291 ALA A N   1 
ATOM   950  C CA  . ALA A 1 122 ? 1.510   -4.117  5.489   1.00 25.66  ? 291 ALA A CA  1 
ATOM   951  C C   . ALA A 1 122 ? 0.170   -4.180  6.226   1.00 28.99  ? 291 ALA A C   1 
ATOM   952  O O   . ALA A 1 122 ? -0.813  -3.622  5.738   1.00 27.66  ? 291 ALA A O   1 
ATOM   953  C CB  . ALA A 1 122 ? 1.761   -5.423  4.749   1.00 26.08  ? 291 ALA A CB  1 
ATOM   954  N N   . GLU A 1 123 ? 0.125   -4.856  7.398   1.00 26.38  ? 292 GLU A N   1 
ATOM   955  C CA  . GLU A 1 123 ? -1.089  -4.945  8.222   1.00 25.86  ? 292 GLU A CA  1 
ATOM   956  C C   . GLU A 1 123 ? -1.504  -3.568  8.732   1.00 29.19  ? 292 GLU A C   1 
ATOM   957  O O   . GLU A 1 123 ? -2.681  -3.250  8.663   1.00 29.82  ? 292 GLU A O   1 
ATOM   958  C CB  . GLU A 1 123 ? -0.910  -5.942  9.390   1.00 28.09  ? 292 GLU A CB  1 
ATOM   959  C CG  . GLU A 1 123 ? -1.083  -7.389  8.960   1.00 40.72  ? 292 GLU A CG  1 
ATOM   960  C CD  . GLU A 1 123 ? -0.960  -8.441  10.050  1.00 69.36  ? 292 GLU A CD  1 
ATOM   961  O OE1 . GLU A 1 123 ? -1.720  -8.368  11.045  1.00 66.93  ? 292 GLU A OE1 1 
ATOM   962  O OE2 . GLU A 1 123 ? -0.117  -9.354  9.894   1.00 57.84  ? 292 GLU A OE2 1 
ATOM   963  N N   . SER A 1 124 ? -0.544  -2.735  9.185   1.00 27.14  ? 293 SER A N   1 
ATOM   964  C CA  . SER A 1 124 ? -0.790  -1.369  9.673   1.00 27.89  ? 293 SER A CA  1 
ATOM   965  C C   . SER A 1 124 ? -1.379  -0.464  8.582   1.00 29.91  ? 293 SER A C   1 
ATOM   966  O O   . SER A 1 124 ? -2.281  0.328   8.858   1.00 27.65  ? 293 SER A O   1 
ATOM   967  C CB  . SER A 1 124 ? 0.492   -0.738  10.206  1.00 32.59  ? 293 SER A CB  1 
ATOM   968  O OG  . SER A 1 124 ? 1.073   -1.546  11.212  1.00 47.84  ? 293 SER A OG  1 
ATOM   969  N N   . ILE A 1 125 ? -0.860  -0.579  7.351   1.00 26.68  ? 294 ILE A N   1 
ATOM   970  C CA  . ILE A 1 125 ? -1.325  0.220   6.213   1.00 25.44  ? 294 ILE A CA  1 
ATOM   971  C C   . ILE A 1 125 ? -2.754  -0.201  5.875   1.00 28.89  ? 294 ILE A C   1 
ATOM   972  O O   . ILE A 1 125 ? -3.615  0.661   5.681   1.00 29.47  ? 294 ILE A O   1 
ATOM   973  C CB  . ILE A 1 125 ? -0.361  0.071   4.992   1.00 27.88  ? 294 ILE A CB  1 
ATOM   974  C CG1 . ILE A 1 125 ? 0.995   0.758   5.276   1.00 28.24  ? 294 ILE A CG1 1 
ATOM   975  C CG2 . ILE A 1 125 ? -1.000  0.624   3.694   1.00 27.03  ? 294 ILE A CG2 1 
ATOM   976  C CD1 . ILE A 1 125 ? 2.165   0.259   4.325   1.00 28.21  ? 294 ILE A CD1 1 
ATOM   977  N N   . THR A 1 126 ? -3.003  -1.525  5.802   1.00 24.11  ? 295 THR A N   1 
ATOM   978  C CA  . THR A 1 126 ? -4.323  -2.088  5.497   1.00 24.45  ? 295 THR A CA  1 
ATOM   979  C C   . THR A 1 126 ? -5.319  -1.649  6.575   1.00 30.81  ? 295 THR A C   1 
ATOM   980  O O   . THR A 1 126 ? -6.451  -1.276  6.249   1.00 31.46  ? 295 THR A O   1 
ATOM   981  C CB  . THR A 1 126 ? -4.237  -3.621  5.375   1.00 29.64  ? 295 THR A CB  1 
ATOM   982  O OG1 . THR A 1 126 ? -3.178  -3.977  4.476   1.00 25.68  ? 295 THR A OG1 1 
ATOM   983  C CG2 . THR A 1 126 ? -5.544  -4.245  4.908   1.00 27.83  ? 295 THR A CG2 1 
ATOM   984  N N   . ASP A 1 127 ? -4.877  -1.660  7.846   1.00 27.49  ? 296 ASP A N   1 
ATOM   985  C CA  . ASP A 1 127 ? -5.691  -1.256  8.987   1.00 28.65  ? 296 ASP A CA  1 
ATOM   986  C C   . ASP A 1 127 ? -6.126  0.215   8.846   1.00 33.71  ? 296 ASP A C   1 
ATOM   987  O O   . ASP A 1 127 ? -7.317  0.482   8.897   1.00 32.60  ? 296 ASP A O   1 
ATOM   988  C CB  . ASP A 1 127 ? -4.959  -1.488  10.308  1.00 30.21  ? 296 ASP A CB  1 
ATOM   989  C CG  . ASP A 1 127 ? -5.808  -1.057  11.485  1.00 41.36  ? 296 ASP A CG  1 
ATOM   990  O OD1 . ASP A 1 127 ? -6.745  -1.793  11.830  1.00 38.07  ? 296 ASP A OD1 1 
ATOM   991  O OD2 . ASP A 1 127 ? -5.557  0.045   12.028  1.00 46.05  ? 296 ASP A OD2 1 
ATOM   992  N N   . VAL A 1 128 ? -5.172  1.145   8.633   1.00 31.77  ? 297 VAL A N   1 
ATOM   993  C CA  . VAL A 1 128 ? -5.465  2.572   8.434   1.00 32.25  ? 297 VAL A CA  1 
ATOM   994  C C   . VAL A 1 128 ? -6.454  2.741   7.262   1.00 35.26  ? 297 VAL A C   1 
ATOM   995  O O   . VAL A 1 128 ? -7.453  3.432   7.426   1.00 35.20  ? 297 VAL A O   1 
ATOM   996  C CB  . VAL A 1 128 ? -4.179  3.436   8.261   1.00 37.86  ? 297 VAL A CB  1 
ATOM   997  C CG1 . VAL A 1 128 ? -4.518  4.897   7.955   1.00 38.27  ? 297 VAL A CG1 1 
ATOM   998  C CG2 . VAL A 1 128 ? -3.284  3.357   9.501   1.00 38.00  ? 297 VAL A CG2 1 
ATOM   999  N N   . LEU A 1 129 ? -6.217  2.052   6.123   1.00 30.88  ? 298 LEU A N   1 
ATOM   1000 C CA  . LEU A 1 129 ? -7.046  2.148   4.915   1.00 30.31  ? 298 LEU A CA  1 
ATOM   1001 C C   . LEU A 1 129 ? -8.502  1.708   5.115   1.00 35.19  ? 298 LEU A C   1 
ATOM   1002 O O   . LEU A 1 129 ? -9.416  2.485   4.833   1.00 34.21  ? 298 LEU A O   1 
ATOM   1003 C CB  . LEU A 1 129 ? -6.400  1.389   3.724   1.00 29.74  ? 298 LEU A CB  1 
ATOM   1004 C CG  . LEU A 1 129 ? -7.179  1.399   2.385   1.00 33.53  ? 298 LEU A CG  1 
ATOM   1005 C CD1 . LEU A 1 129 ? -7.296  2.822   1.819   1.00 32.18  ? 298 LEU A CD1 1 
ATOM   1006 C CD2 . LEU A 1 129 ? -6.512  0.485   1.330   1.00 33.89  ? 298 LEU A CD2 1 
ATOM   1007 N N   . VAL A 1 130 ? -8.708  0.467   5.571   1.00 32.33  ? 299 VAL A N   1 
ATOM   1008 C CA  . VAL A 1 130 ? -10.022 -0.152  5.737   1.00 32.63  ? 299 VAL A CA  1 
ATOM   1009 C C   . VAL A 1 130 ? -10.788 0.486   6.894   1.00 39.62  ? 299 VAL A C   1 
ATOM   1010 O O   . VAL A 1 130 ? -11.982 0.730   6.746   1.00 41.07  ? 299 VAL A O   1 
ATOM   1011 C CB  . VAL A 1 130 ? -9.940  -1.711  5.832   1.00 36.11  ? 299 VAL A CB  1 
ATOM   1012 C CG1 . VAL A 1 130 ? -11.314 -2.342  6.075   1.00 35.35  ? 299 VAL A CG1 1 
ATOM   1013 C CG2 . VAL A 1 130 ? -9.300  -2.307  4.574   1.00 35.75  ? 299 VAL A CG2 1 
ATOM   1014 N N   . ARG A 1 131 ? -10.112 0.785   8.010   1.00 36.89  ? 300 ARG A N   1 
ATOM   1015 C CA  . ARG A 1 131 ? -10.742 1.379   9.191   1.00 37.64  ? 300 ARG A CA  1 
ATOM   1016 C C   . ARG A 1 131 ? -11.197 2.824   8.969   1.00 44.31  ? 300 ARG A C   1 
ATOM   1017 O O   . ARG A 1 131 ? -12.331 3.146   9.318   1.00 45.41  ? 300 ARG A O   1 
ATOM   1018 C CB  . ARG A 1 131 ? -9.827  1.270   10.425  1.00 36.02  ? 300 ARG A CB  1 
ATOM   1019 C CG  . ARG A 1 131 ? -10.525 1.530   11.761  1.00 44.38  ? 300 ARG A CG  1 
ATOM   1020 C CD  . ARG A 1 131 ? -9.565  1.450   12.948  1.00 45.76  ? 300 ARG A CD  1 
ATOM   1021 N NE  . ARG A 1 131 ? -8.902  0.147   13.064  1.00 37.30  ? 300 ARG A NE  1 
ATOM   1022 C CZ  . ARG A 1 131 ? -9.474  -0.951  13.557  1.00 50.88  ? 300 ARG A CZ  1 
ATOM   1023 N NH1 . ARG A 1 131 ? -10.734 -0.919  13.978  1.00 36.81  ? 300 ARG A NH1 1 
ATOM   1024 N NH2 . ARG A 1 131 ? -8.791  -2.087  13.629  1.00 36.59  ? 300 ARG A NH2 1 
ATOM   1025 N N   . THR A 1 132 ? -10.334 3.684   8.385   1.00 39.82  ? 301 THR A N   1 
ATOM   1026 C CA  . THR A 1 132 ? -10.686 5.091   8.181   1.00 39.62  ? 301 THR A CA  1 
ATOM   1027 C C   . THR A 1 132 ? -11.484 5.366   6.904   1.00 43.09  ? 301 THR A C   1 
ATOM   1028 O O   . THR A 1 132 ? -12.291 6.297   6.905   1.00 43.46  ? 301 THR A O   1 
ATOM   1029 C CB  . THR A 1 132 ? -9.459  6.014   8.261   1.00 45.70  ? 301 THR A CB  1 
ATOM   1030 O OG1 . THR A 1 132 ? -8.633  5.832   7.110   1.00 45.30  ? 301 THR A OG1 1 
ATOM   1031 C CG2 . THR A 1 132 ? -8.656  5.828   9.544   1.00 45.98  ? 301 THR A CG2 1 
ATOM   1032 N N   . LYS A 1 133 ? -11.267 4.584   5.825   1.00 37.45  ? 302 LYS A N   1 
ATOM   1033 C CA  . LYS A 1 133 ? -11.932 4.840   4.543   1.00 36.13  ? 302 LYS A CA  1 
ATOM   1034 C C   . LYS A 1 133 ? -12.960 3.792   4.136   1.00 39.08  ? 302 LYS A C   1 
ATOM   1035 O O   . LYS A 1 133 ? -13.334 3.753   2.960   1.00 37.70  ? 302 LYS A O   1 
ATOM   1036 C CB  . LYS A 1 133 ? -10.893 5.049   3.404   1.00 37.43  ? 302 LYS A CB  1 
ATOM   1037 C CG  . LYS A 1 133 ? -9.802  6.083   3.688   1.00 40.84  ? 302 LYS A CG  1 
ATOM   1038 C CD  . LYS A 1 133 ? -10.344 7.504   3.868   1.00 46.19  ? 302 LYS A CD  1 
ATOM   1039 C CE  . LYS A 1 133 ? -9.262  8.472   4.264   1.00 50.90  ? 302 LYS A CE  1 
ATOM   1040 N NZ  . LYS A 1 133 ? -9.830  9.650   4.972   1.00 56.48  ? 302 LYS A NZ  1 
ATOM   1041 N N   . ARG A 1 134 ? -13.465 2.984   5.101   1.00 37.31  ? 303 ARG A N   1 
ATOM   1042 C CA  . ARG A 1 134 ? -14.467 1.925   4.887   1.00 38.29  ? 303 ARG A CA  1 
ATOM   1043 C C   . ARG A 1 134 ? -15.625 2.335   3.961   1.00 42.35  ? 303 ARG A C   1 
ATOM   1044 O O   . ARG A 1 134 ? -15.814 1.720   2.908   1.00 42.19  ? 303 ARG A O   1 
ATOM   1045 C CB  . ARG A 1 134 ? -15.034 1.450   6.249   1.00 41.88  ? 303 ARG A CB  1 
ATOM   1046 C CG  . ARG A 1 134 ? -15.902 0.186   6.179   1.00 55.51  ? 303 ARG A CG  1 
ATOM   1047 C CD  . ARG A 1 134 ? -17.281 0.394   6.798   1.00 68.89  ? 303 ARG A CD  1 
ATOM   1048 N NE  . ARG A 1 134 ? -17.216 0.981   8.139   1.00 79.69  ? 303 ARG A NE  1 
ATOM   1049 C CZ  . ARG A 1 134 ? -18.210 1.641   8.726   1.00 93.28  ? 303 ARG A CZ  1 
ATOM   1050 N NH1 . ARG A 1 134 ? -19.373 1.796   8.104   1.00 78.26  ? 303 ARG A NH1 1 
ATOM   1051 N NH2 . ARG A 1 134 ? -18.053 2.148   9.941   1.00 80.21  ? 303 ARG A NH2 1 
ATOM   1052 N N   . ASP A 1 135 ? -16.397 3.356   4.375   1.00 39.00  ? 304 ASP A N   1 
ATOM   1053 C CA  . ASP A 1 135 ? -17.563 3.883   3.649   1.00 38.61  ? 304 ASP A CA  1 
ATOM   1054 C C   . ASP A 1 135 ? -17.220 4.367   2.251   1.00 40.62  ? 304 ASP A C   1 
ATOM   1055 O O   . ASP A 1 135 ? -17.906 4.000   1.298   1.00 40.66  ? 304 ASP A O   1 
ATOM   1056 C CB  . ASP A 1 135 ? -18.241 4.998   4.464   1.00 40.39  ? 304 ASP A CB  1 
ATOM   1057 C CG  . ASP A 1 135 ? -18.847 4.511   5.764   1.00 53.63  ? 304 ASP A CG  1 
ATOM   1058 O OD1 . ASP A 1 135 ? -19.357 3.365   5.792   1.00 54.58  ? 304 ASP A OD1 1 
ATOM   1059 O OD2 . ASP A 1 135 ? -18.810 5.272   6.755   1.00 61.19  ? 304 ASP A OD2 1 
ATOM   1060 N N   . TRP A 1 136 ? -16.145 5.163   2.125   1.00 36.17  ? 305 TRP A N   1 
ATOM   1061 C CA  . TRP A 1 136 ? -15.669 5.671   0.837   1.00 35.26  ? 305 TRP A CA  1 
ATOM   1062 C C   . TRP A 1 136 ? -15.320 4.498   -0.092  1.00 38.35  ? 305 TRP A C   1 
ATOM   1063 O O   . TRP A 1 136 ? -15.844 4.439   -1.203  1.00 37.84  ? 305 TRP A O   1 
ATOM   1064 C CB  . TRP A 1 136 ? -14.481 6.629   1.031   1.00 33.76  ? 305 TRP A CB  1 
ATOM   1065 C CG  . TRP A 1 136 ? -14.098 7.382   -0.214  1.00 34.11  ? 305 TRP A CG  1 
ATOM   1066 C CD1 . TRP A 1 136 ? -14.546 8.610   -0.601  1.00 36.90  ? 305 TRP A CD1 1 
ATOM   1067 C CD2 . TRP A 1 136 ? -13.187 6.945   -1.233  1.00 33.62  ? 305 TRP A CD2 1 
ATOM   1068 N NE1 . TRP A 1 136 ? -13.991 8.958   -1.812  1.00 36.18  ? 305 TRP A NE1 1 
ATOM   1069 C CE2 . TRP A 1 136 ? -13.151 7.955   -2.223  1.00 37.25  ? 305 TRP A CE2 1 
ATOM   1070 C CE3 . TRP A 1 136 ? -12.388 5.799   -1.406  1.00 34.20  ? 305 TRP A CE3 1 
ATOM   1071 C CZ2 . TRP A 1 136 ? -12.338 7.860   -3.360  1.00 35.90  ? 305 TRP A CZ2 1 
ATOM   1072 C CZ3 . TRP A 1 136 ? -11.595 5.701   -2.540  1.00 35.14  ? 305 TRP A CZ3 1 
ATOM   1073 C CH2 . TRP A 1 136 ? -11.557 6.730   -3.489  1.00 35.52  ? 305 TRP A CH2 1 
ATOM   1074 N N   . LEU A 1 137 ? -14.516 3.524   0.394   1.00 35.12  ? 306 LEU A N   1 
ATOM   1075 C CA  . LEU A 1 137 ? -14.112 2.335   -0.372  1.00 34.31  ? 306 LEU A CA  1 
ATOM   1076 C C   . LEU A 1 137 ? -15.305 1.529   -0.894  1.00 38.71  ? 306 LEU A C   1 
ATOM   1077 O O   . LEU A 1 137 ? -15.290 1.113   -2.051  1.00 36.66  ? 306 LEU A O   1 
ATOM   1078 C CB  . LEU A 1 137 ? -13.163 1.431   0.441   1.00 34.12  ? 306 LEU A CB  1 
ATOM   1079 C CG  . LEU A 1 137 ? -11.768 1.986   0.759   1.00 37.90  ? 306 LEU A CG  1 
ATOM   1080 C CD1 . LEU A 1 137 ? -11.167 1.296   1.971   1.00 38.03  ? 306 LEU A CD1 1 
ATOM   1081 C CD2 . LEU A 1 137 ? -10.840 1.920   -0.455  1.00 39.75  ? 306 LEU A CD2 1 
ATOM   1082 N N   . VAL A 1 138 ? -16.346 1.334   -0.054  1.00 37.90  ? 307 VAL A N   1 
ATOM   1083 C CA  . VAL A 1 138 ? -17.567 0.609   -0.440  1.00 38.50  ? 307 VAL A CA  1 
ATOM   1084 C C   . VAL A 1 138 ? -18.308 1.362   -1.553  1.00 41.25  ? 307 VAL A C   1 
ATOM   1085 O O   . VAL A 1 138 ? -18.680 0.748   -2.550  1.00 40.20  ? 307 VAL A O   1 
ATOM   1086 C CB  . VAL A 1 138 ? -18.460 0.253   0.793   1.00 43.54  ? 307 VAL A CB  1 
ATOM   1087 C CG1 . VAL A 1 138 ? -19.931 0.047   0.405   1.00 43.72  ? 307 VAL A CG1 1 
ATOM   1088 C CG2 . VAL A 1 138 ? -17.921 -0.989  1.507   1.00 43.33  ? 307 VAL A CG2 1 
ATOM   1089 N N   . LYS A 1 139 ? -18.450 2.693   -1.419  1.00 39.28  ? 308 LYS A N   1 
ATOM   1090 C CA  . LYS A 1 139 ? -19.108 3.542   -2.427  1.00 40.21  ? 308 LYS A CA  1 
ATOM   1091 C C   . LYS A 1 139 ? -18.361 3.537   -3.780  1.00 44.41  ? 308 LYS A C   1 
ATOM   1092 O O   . LYS A 1 139 ? -18.992 3.651   -4.832  1.00 44.79  ? 308 LYS A O   1 
ATOM   1093 C CB  . LYS A 1 139 ? -19.267 4.982   -1.889  1.00 43.99  ? 308 LYS A CB  1 
ATOM   1094 C CG  . LYS A 1 139 ? -20.055 5.943   -2.790  1.00 64.39  ? 308 LYS A CG  1 
ATOM   1095 C CD  . LYS A 1 139 ? -21.573 5.800   -2.648  1.00 77.79  ? 308 LYS A CD  1 
ATOM   1096 C CE  . LYS A 1 139 ? -22.326 6.598   -3.694  1.00 88.50  ? 308 LYS A CE  1 
ATOM   1097 N NZ  . LYS A 1 139 ? -22.301 5.942   -5.033  1.00 93.55  ? 308 LYS A NZ  1 
ATOM   1098 N N   . GLN A 1 140 ? -17.032 3.370   -3.746  1.00 39.54  ? 309 GLN A N   1 
ATOM   1099 C CA  . GLN A 1 140 ? -16.189 3.362   -4.941  1.00 38.34  ? 309 GLN A CA  1 
ATOM   1100 C C   . GLN A 1 140 ? -15.974 1.978   -5.540  1.00 42.38  ? 309 GLN A C   1 
ATOM   1101 O O   . GLN A 1 140 ? -15.183 1.842   -6.471  1.00 42.65  ? 309 GLN A O   1 
ATOM   1102 C CB  . GLN A 1 140 ? -14.847 4.056   -4.660  1.00 39.22  ? 309 GLN A CB  1 
ATOM   1103 C CG  . GLN A 1 140 ? -14.983 5.511   -4.191  1.00 51.58  ? 309 GLN A CG  1 
ATOM   1104 C CD  . GLN A 1 140 ? -15.677 6.440   -5.160  1.00 65.13  ? 309 GLN A CD  1 
ATOM   1105 O OE1 . GLN A 1 140 ? -16.476 7.290   -4.763  1.00 64.31  ? 309 GLN A OE1 1 
ATOM   1106 N NE2 . GLN A 1 140 ? -15.386 6.318   -6.445  1.00 52.78  ? 309 GLN A NE2 1 
ATOM   1107 N N   . ARG A 1 141 ? -16.704 0.959   -5.034  1.00 38.06  ? 310 ARG A N   1 
ATOM   1108 C CA  . ARG A 1 141 ? -16.674 -0.447  -5.467  1.00 37.50  ? 310 ARG A CA  1 
ATOM   1109 C C   . ARG A 1 141 ? -15.317 -1.138  -5.173  1.00 39.79  ? 310 ARG A C   1 
ATOM   1110 O O   . ARG A 1 141 ? -14.877 -2.013  -5.929  1.00 39.86  ? 310 ARG A O   1 
ATOM   1111 C CB  . ARG A 1 141 ? -17.114 -0.634  -6.945  1.00 39.11  ? 310 ARG A CB  1 
ATOM   1112 C CG  . ARG A 1 141 ? -18.372 0.160   -7.363  1.00 50.40  ? 310 ARG A CG  1 
ATOM   1113 C CD  . ARG A 1 141 ? -18.674 0.110   -8.859  1.00 59.61  ? 310 ARG A CD  1 
ATOM   1114 N NE  . ARG A 1 141 ? -17.497 0.367   -9.695  1.00 67.30  ? 310 ARG A NE  1 
ATOM   1115 C CZ  . ARG A 1 141 ? -16.904 -0.547  -10.458 1.00 82.84  ? 310 ARG A CZ  1 
ATOM   1116 N NH1 . ARG A 1 141 ? -17.377 -1.788  -10.513 1.00 68.20  ? 310 ARG A NH1 1 
ATOM   1117 N NH2 . ARG A 1 141 ? -15.832 -0.230  -11.171 1.00 71.97  ? 310 ARG A NH2 1 
ATOM   1118 N N   . GLY A 1 142 ? -14.707 -0.769  -4.046  1.00 34.37  ? 311 GLY A N   1 
ATOM   1119 C CA  . GLY A 1 142 ? -13.470 -1.362  -3.555  1.00 32.96  ? 311 GLY A CA  1 
ATOM   1120 C C   . GLY A 1 142 ? -12.359 -1.437  -4.575  1.00 33.94  ? 311 GLY A C   1 
ATOM   1121 O O   . GLY A 1 142 ? -12.102 -0.459  -5.286  1.00 32.21  ? 311 GLY A O   1 
ATOM   1122 N N   . TRP A 1 143 ? -11.743 -2.620  -4.692  1.00 29.42  ? 312 TRP A N   1 
ATOM   1123 C CA  . TRP A 1 143 ? -10.616 -2.858  -5.583  1.00 29.53  ? 312 TRP A CA  1 
ATOM   1124 C C   . TRP A 1 143 ? -10.981 -2.885  -7.075  1.00 34.55  ? 312 TRP A C   1 
ATOM   1125 O O   . TRP A 1 143 ? -10.092 -2.659  -7.893  1.00 33.97  ? 312 TRP A O   1 
ATOM   1126 C CB  . TRP A 1 143 ? -9.831  -4.099  -5.151  1.00 28.57  ? 312 TRP A CB  1 
ATOM   1127 C CG  . TRP A 1 143 ? -9.105  -3.833  -3.868  1.00 30.04  ? 312 TRP A CG  1 
ATOM   1128 C CD1 . TRP A 1 143 ? -9.498  -4.209  -2.615  1.00 32.85  ? 312 TRP A CD1 1 
ATOM   1129 C CD2 . TRP A 1 143 ? -7.988  -2.949  -3.689  1.00 30.20  ? 312 TRP A CD2 1 
ATOM   1130 N NE1 . TRP A 1 143 ? -8.644  -3.682  -1.676  1.00 32.59  ? 312 TRP A NE1 1 
ATOM   1131 C CE2 . TRP A 1 143 ? -7.710  -2.900  -2.305  1.00 34.04  ? 312 TRP A CE2 1 
ATOM   1132 C CE3 . TRP A 1 143 ? -7.163  -2.219  -4.572  1.00 31.68  ? 312 TRP A CE3 1 
ATOM   1133 C CZ2 . TRP A 1 143 ? -6.629  -2.177  -1.782  1.00 34.05  ? 312 TRP A CZ2 1 
ATOM   1134 C CZ3 . TRP A 1 143 ? -6.101  -1.493  -4.051  1.00 33.16  ? 312 TRP A CZ3 1 
ATOM   1135 C CH2 . TRP A 1 143 ? -5.842  -1.475  -2.675  1.00 33.88  ? 312 TRP A CH2 1 
ATOM   1136 N N   . ASP A 1 144 ? -12.274 -3.106  -7.436  1.00 31.32  ? 313 ASP A N   1 
ATOM   1137 C CA  . ASP A 1 144 ? -12.731 -3.035  -8.828  1.00 30.50  ? 313 ASP A CA  1 
ATOM   1138 C C   . ASP A 1 144 ? -12.726 -1.570  -9.248  1.00 32.50  ? 313 ASP A C   1 
ATOM   1139 O O   . ASP A 1 144 ? -12.379 -1.260  -10.380 1.00 32.57  ? 313 ASP A O   1 
ATOM   1140 C CB  . ASP A 1 144 ? -14.146 -3.624  -8.987  1.00 32.76  ? 313 ASP A CB  1 
ATOM   1141 C CG  . ASP A 1 144 ? -14.193 -5.143  -8.977  1.00 42.92  ? 313 ASP A CG  1 
ATOM   1142 O OD1 . ASP A 1 144 ? -13.371 -5.771  -9.683  1.00 44.20  ? 313 ASP A OD1 1 
ATOM   1143 O OD2 . ASP A 1 144 ? -15.065 -5.701  -8.285  1.00 50.51  ? 313 ASP A OD2 1 
ATOM   1144 N N   . GLY A 1 145 ? -13.101 -0.696  -8.316  1.00 29.36  ? 314 GLY A N   1 
ATOM   1145 C CA  . GLY A 1 145 ? -13.090 0.749   -8.484  1.00 28.93  ? 314 GLY A CA  1 
ATOM   1146 C C   . GLY A 1 145 ? -11.681 1.268   -8.660  1.00 31.48  ? 314 GLY A C   1 
ATOM   1147 O O   . GLY A 1 145 ? -11.467 2.129   -9.504  1.00 30.06  ? 314 GLY A O   1 
ATOM   1148 N N   . PHE A 1 146 ? -10.693 0.717   -7.885  1.00 27.39  ? 315 PHE A N   1 
ATOM   1149 C CA  . PHE A 1 146 ? -9.268  1.072   -7.992  1.00 26.70  ? 315 PHE A CA  1 
ATOM   1150 C C   . PHE A 1 146 ? -8.766  0.752   -9.413  1.00 32.75  ? 315 PHE A C   1 
ATOM   1151 O O   . PHE A 1 146 ? -8.162  1.615   -10.069 1.00 31.55  ? 315 PHE A O   1 
ATOM   1152 C CB  . PHE A 1 146 ? -8.433  0.285   -6.950  1.00 27.26  ? 315 PHE A CB  1 
ATOM   1153 C CG  . PHE A 1 146 ? -6.922  0.409   -7.052  1.00 27.84  ? 315 PHE A CG  1 
ATOM   1154 C CD1 . PHE A 1 146 ? -6.256  1.502   -6.499  1.00 30.51  ? 315 PHE A CD1 1 
ATOM   1155 C CD2 . PHE A 1 146 ? -6.162  -0.591  -7.658  1.00 27.28  ? 315 PHE A CD2 1 
ATOM   1156 C CE1 . PHE A 1 146 ? -4.855  1.588   -6.544  1.00 30.84  ? 315 PHE A CE1 1 
ATOM   1157 C CE2 . PHE A 1 146 ? -4.768  -0.496  -7.722  1.00 30.03  ? 315 PHE A CE2 1 
ATOM   1158 C CZ  . PHE A 1 146 ? -4.121  0.596   -7.161  1.00 28.75  ? 315 PHE A CZ  1 
ATOM   1159 N N   . VAL A 1 147 ? -9.027  -0.490  -9.884  1.00 29.61  ? 316 VAL A N   1 
ATOM   1160 C CA  . VAL A 1 147 ? -8.613  -0.950  -11.220 1.00 29.75  ? 316 VAL A CA  1 
ATOM   1161 C C   . VAL A 1 147 ? -9.195  -0.056  -12.319 1.00 34.97  ? 316 VAL A C   1 
ATOM   1162 O O   . VAL A 1 147 ? -8.446  0.397   -13.187 1.00 35.72  ? 316 VAL A O   1 
ATOM   1163 C CB  . VAL A 1 147 ? -8.900  -2.461  -11.455 1.00 32.65  ? 316 VAL A CB  1 
ATOM   1164 C CG1 . VAL A 1 147 ? -8.580  -2.876  -12.899 1.00 32.48  ? 316 VAL A CG1 1 
ATOM   1165 C CG2 . VAL A 1 147 ? -8.110  -3.314  -10.469 1.00 32.04  ? 316 VAL A CG2 1 
ATOM   1166 N N   . GLU A 1 148 ? -10.513 0.213   -12.260 1.00 32.78  ? 317 GLU A N   1 
ATOM   1167 C CA  . GLU A 1 148 ? -11.223 1.078   -13.221 1.00 32.70  ? 317 GLU A CA  1 
ATOM   1168 C C   . GLU A 1 148 ? -10.662 2.512   -13.215 1.00 33.82  ? 317 GLU A C   1 
ATOM   1169 O O   . GLU A 1 148 ? -10.480 3.103   -14.287 1.00 32.73  ? 317 GLU A O   1 
ATOM   1170 C CB  . GLU A 1 148 ? -12.743 1.084   -12.942 1.00 34.37  ? 317 GLU A CB  1 
ATOM   1171 C CG  . GLU A 1 148 ? -13.548 1.847   -13.990 1.00 48.11  ? 317 GLU A CG  1 
ATOM   1172 C CD  . GLU A 1 148 ? -15.046 1.927   -13.770 1.00 74.10  ? 317 GLU A CD  1 
ATOM   1173 O OE1 . GLU A 1 148 ? -15.702 0.863   -13.720 1.00 80.36  ? 317 GLU A OE1 1 
ATOM   1174 O OE2 . GLU A 1 148 ? -15.569 3.060   -13.681 1.00 65.46  ? 317 GLU A OE2 1 
ATOM   1175 N N   . PHE A 1 149 ? -10.371 3.061   -12.025 1.00 29.06  ? 318 PHE A N   1 
ATOM   1176 C CA  . PHE A 1 149 ? -9.828  4.414   -11.918 1.00 29.02  ? 318 PHE A CA  1 
ATOM   1177 C C   . PHE A 1 149 ? -8.523  4.600   -12.680 1.00 32.09  ? 318 PHE A C   1 
ATOM   1178 O O   . PHE A 1 149 ? -8.366  5.589   -13.392 1.00 31.47  ? 318 PHE A O   1 
ATOM   1179 C CB  . PHE A 1 149 ? -9.684  4.865   -10.454 1.00 30.90  ? 318 PHE A CB  1 
ATOM   1180 C CG  . PHE A 1 149 ? -9.127  6.264   -10.313 1.00 32.08  ? 318 PHE A CG  1 
ATOM   1181 C CD1 . PHE A 1 149 ? -9.946  7.376   -10.469 1.00 35.45  ? 318 PHE A CD1 1 
ATOM   1182 C CD2 . PHE A 1 149 ? -7.778  6.469   -10.052 1.00 33.85  ? 318 PHE A CD2 1 
ATOM   1183 C CE1 . PHE A 1 149 ? -9.429  8.667   -10.339 1.00 36.71  ? 318 PHE A CE1 1 
ATOM   1184 C CE2 . PHE A 1 149 ? -7.264  7.762   -9.911  1.00 36.63  ? 318 PHE A CE2 1 
ATOM   1185 C CZ  . PHE A 1 149 ? -8.093  8.851   -10.052 1.00 34.73  ? 318 PHE A CZ  1 
ATOM   1186 N N   . PHE A 1 150 ? -7.600  3.657   -12.561 1.00 27.73  ? 319 PHE A N   1 
ATOM   1187 C CA  . PHE A 1 150 ? -6.322  3.781   -13.251 1.00 27.38  ? 319 PHE A CA  1 
ATOM   1188 C C   . PHE A 1 150 ? -6.306  3.201   -14.675 1.00 33.48  ? 319 PHE A C   1 
ATOM   1189 O O   . PHE A 1 150 ? -5.247  3.161   -15.311 1.00 34.68  ? 319 PHE A O   1 
ATOM   1190 C CB  . PHE A 1 150 ? -5.209  3.168   -12.392 1.00 28.75  ? 319 PHE A CB  1 
ATOM   1191 C CG  . PHE A 1 150 ? -4.946  3.988   -11.153 1.00 29.39  ? 319 PHE A CG  1 
ATOM   1192 C CD1 . PHE A 1 150 ? -4.347  5.242   -11.244 1.00 29.22  ? 319 PHE A CD1 1 
ATOM   1193 C CD2 . PHE A 1 150 ? -5.317  3.517   -9.895  1.00 30.86  ? 319 PHE A CD2 1 
ATOM   1194 C CE1 . PHE A 1 150 ? -4.115  6.007   -10.096 1.00 30.64  ? 319 PHE A CE1 1 
ATOM   1195 C CE2 . PHE A 1 150 ? -5.072  4.276   -8.748  1.00 32.50  ? 319 PHE A CE2 1 
ATOM   1196 C CZ  . PHE A 1 150 ? -4.474  5.518   -8.857  1.00 30.72  ? 319 PHE A CZ  1 
ATOM   1197 N N   . HIS A 1 151 ? -7.470  2.772   -15.171 1.00 28.51  ? 320 HIS A N   1 
ATOM   1198 C CA  . HIS A 1 151 ? -7.629  2.217   -16.505 1.00 28.39  ? 320 HIS A CA  1 
ATOM   1199 C C   . HIS A 1 151 ? -8.009  3.331   -17.503 1.00 31.52  ? 320 HIS A C   1 
ATOM   1200 O O   . HIS A 1 151 ? -9.159  3.759   -17.551 1.00 30.22  ? 320 HIS A O   1 
ATOM   1201 C CB  . HIS A 1 151 ? -8.648  1.070   -16.474 1.00 29.74  ? 320 HIS A CB  1 
ATOM   1202 C CG  . HIS A 1 151 ? -8.826  0.420   -17.804 1.00 33.97  ? 320 HIS A CG  1 
ATOM   1203 N ND1 . HIS A 1 151 ? -7.787  -0.253  -18.417 1.00 36.55  ? 320 HIS A ND1 1 
ATOM   1204 C CD2 . HIS A 1 151 ? -9.900  0.411   -18.622 1.00 36.08  ? 320 HIS A CD2 1 
ATOM   1205 C CE1 . HIS A 1 151 ? -8.264  -0.665  -19.580 1.00 36.19  ? 320 HIS A CE1 1 
ATOM   1206 N NE2 . HIS A 1 151 ? -9.527  -0.281  -19.752 1.00 36.32  ? 320 HIS A NE2 1 
ATOM   1207 N N   . VAL A 1 152 ? -7.029  3.816   -18.279 1.00 30.25  ? 321 VAL A N   1 
ATOM   1208 C CA  . VAL A 1 152 ? -7.245  4.942   -19.203 1.00 30.88  ? 321 VAL A CA  1 
ATOM   1209 C C   . VAL A 1 152 ? -7.079  4.590   -20.688 1.00 37.49  ? 321 VAL A C   1 
ATOM   1210 O O   . VAL A 1 152 ? -7.499  5.369   -21.555 1.00 37.46  ? 321 VAL A O   1 
ATOM   1211 C CB  . VAL A 1 152 ? -6.370  6.176   -18.826 1.00 33.99  ? 321 VAL A CB  1 
ATOM   1212 C CG1 . VAL A 1 152 ? -6.838  6.820   -17.515 1.00 33.50  ? 321 VAL A CG1 1 
ATOM   1213 C CG2 . VAL A 1 152 ? -4.886  5.814   -18.750 1.00 33.55  ? 321 VAL A CG2 1 
ATOM   1214 N N   . GLU A 1 153 ? -6.474  3.451   -20.991 1.00 37.09  ? 322 GLU A N   1 
ATOM   1215 C CA  . GLU A 1 153 ? -6.190  3.057   -22.378 1.00 38.34  ? 322 GLU A CA  1 
ATOM   1216 C C   . GLU A 1 153 ? -7.446  2.865   -23.275 1.00 43.07  ? 322 GLU A C   1 
ATOM   1217 O O   . GLU A 1 153 ? -7.288  2.793   -24.495 1.00 44.92  ? 322 GLU A O   1 
ATOM   1218 C CB  . GLU A 1 153 ? -5.273  1.814   -22.420 1.00 39.92  ? 322 GLU A CB  1 
ATOM   1219 C CG  . GLU A 1 153 ? -5.894  0.532   -21.897 1.00 50.85  ? 322 GLU A CG  1 
ATOM   1220 C CD  . GLU A 1 153 ? -4.970  -0.673  -21.882 1.00 75.56  ? 322 GLU A CD  1 
ATOM   1221 O OE1 . GLU A 1 153 ? -5.346  -1.709  -22.475 1.00 67.81  ? 322 GLU A OE1 1 
ATOM   1222 O OE2 . GLU A 1 153 ? -3.877  -0.590  -21.275 1.00 73.60  ? 322 GLU A OE2 1 
ATOM   1223 N N   . ASP A 1 154 ? -8.667  2.820   -22.697 1.00 38.68  ? 323 ASP A N   1 
ATOM   1224 C CA  . ASP A 1 154 ? -9.918  2.617   -23.460 1.00 37.83  ? 323 ASP A CA  1 
ATOM   1225 C C   . ASP A 1 154 ? -10.858 3.839   -23.507 1.00 41.30  ? 323 ASP A C   1 
ATOM   1226 O O   . ASP A 1 154 ? -12.029 3.693   -23.874 1.00 40.78  ? 323 ASP A O   1 
ATOM   1227 C CB  . ASP A 1 154 ? -10.680 1.379   -22.925 1.00 39.29  ? 323 ASP A CB  1 
ATOM   1228 C CG  . ASP A 1 154 ? -9.926  0.064   -23.024 1.00 47.26  ? 323 ASP A CG  1 
ATOM   1229 O OD1 . ASP A 1 154 ? -8.964  -0.012  -23.811 1.00 46.68  ? 323 ASP A OD1 1 
ATOM   1230 O OD2 . ASP A 1 154 ? -10.307 -0.892  -22.316 1.00 53.93  ? 323 ASP A OD2 1 
ATOM   1231 N N   . LEU A 1 155 ? -10.363 5.037   -23.149 1.00 37.71  ? 324 LEU A N   1 
ATOM   1232 C CA  . LEU A 1 155 ? -11.203 6.242   -23.137 1.00 37.28  ? 324 LEU A CA  1 
ATOM   1233 C C   . LEU A 1 155 ? -11.662 6.695   -24.531 1.00 40.55  ? 324 LEU A C   1 
ATOM   1234 O O   . LEU A 1 155 ? -12.697 7.354   -24.626 1.00 39.52  ? 324 LEU A O   1 
ATOM   1235 C CB  . LEU A 1 155 ? -10.542 7.400   -22.374 1.00 37.16  ? 324 LEU A CB  1 
ATOM   1236 C CG  . LEU A 1 155 ? -10.341 7.214   -20.862 1.00 41.94  ? 324 LEU A CG  1 
ATOM   1237 C CD1 . LEU A 1 155 ? -9.542  8.369   -20.283 1.00 42.27  ? 324 LEU A CD1 1 
ATOM   1238 C CD2 . LEU A 1 155 ? -11.666 7.087   -20.119 1.00 44.09  ? 324 LEU A CD2 1 
ATOM   1239 N N   . GLU A 1 156 ? -10.916 6.303   -25.593 1.00 38.10  ? 325 GLU A N   1 
ATOM   1240 C CA  . GLU A 1 156 ? -11.114 6.557   -27.042 1.00 61.83  ? 325 GLU A CA  1 
ATOM   1241 C C   . GLU A 1 156 ? -10.417 7.829   -27.515 1.00 102.17 ? 325 GLU A C   1 
ATOM   1242 O O   . GLU A 1 156 ? -9.396  7.756   -28.199 1.00 69.62  ? 325 GLU A O   1 
ATOM   1243 C CB  . GLU A 1 156 ? -12.592 6.531   -27.490 1.00 62.96  ? 325 GLU A CB  1 
ATOM   1244 C CG  . GLU A 1 156 ? -12.995 5.263   -28.225 1.00 71.70  ? 325 GLU A CG  1 
ATOM   1245 C CD  . GLU A 1 156 ? -13.523 4.108   -27.392 1.00 86.97  ? 325 GLU A CD  1 
ATOM   1246 O OE1 . GLU A 1 156 ? -13.677 2.998   -27.955 1.00 76.15  ? 325 GLU A OE1 1 
ATOM   1247 O OE2 . GLU A 1 156 ? -13.797 4.306   -26.187 1.00 77.51  ? 325 GLU A OE2 1 
HETATM 1248 C C4  . CN7 B 2 .   ? 5.224   15.896  -0.742  1.00 37.35  ? 401 CN7 A C4  1 
HETATM 1249 C C5  . CN7 B 2 .   ? 4.882   10.070  1.781   1.00 29.25  ? 401 CN7 A C5  1 
HETATM 1250 C C6  . CN7 B 2 .   ? 3.947   8.090   7.272   1.00 31.51  ? 401 CN7 A C6  1 
HETATM 1251 C C7  . CN7 B 2 .   ? 4.522   4.591   6.444   1.00 28.37  ? 401 CN7 A C7  1 
HETATM 1252 C C8  . CN7 B 2 .   ? 2.713   5.256   4.497   1.00 28.43  ? 401 CN7 A C8  1 
HETATM 1253 C C10 . CN7 B 2 .   ? 4.427   6.800   7.327   1.00 29.81  ? 401 CN7 A C10 1 
HETATM 1254 C C13 . CN7 B 2 .   ? 4.726   14.919  -1.575  1.00 37.29  ? 401 CN7 A C13 1 
HETATM 1255 C C15 . CN7 B 2 .   ? 4.008   5.870   6.400   1.00 29.27  ? 401 CN7 A C15 1 
HETATM 1256 C C17 . CN7 B 2 .   ? 2.544   10.443  1.570   1.00 31.67  ? 401 CN7 A C17 1 
HETATM 1257 C C20 . CN7 B 2 .   ? 4.359   13.691  -1.065  1.00 36.32  ? 401 CN7 A C20 1 
HETATM 1258 C C21 . CN7 B 2 .   ? 1.132   10.259  1.609   1.00 31.16  ? 401 CN7 A C21 1 
HETATM 1259 C C22 . CN7 B 2 .   ? 2.814   11.712  1.066   1.00 33.17  ? 401 CN7 A C22 1 
HETATM 1260 C C24 . CN7 B 2 .   ? 0.552   11.424  1.160   1.00 34.59  ? 401 CN7 A C24 1 
HETATM 1261 C C26 . CN7 B 2 .   ? 2.110   16.729  1.553   1.00 51.11  ? 401 CN7 A C26 1 
HETATM 1262 C C28 . CN7 B 2 .   ? 1.675   18.171  1.766   1.00 52.44  ? 401 CN7 A C28 1 
HETATM 1263 C C1  . CN7 B 2 .   ? 4.128   3.638   5.533   1.00 28.96  ? 401 CN7 A C1  1 
HETATM 1264 C C2  . CN7 B 2 .   ? 3.215   3.976   4.557   1.00 28.10  ? 401 CN7 A C2  1 
HETATM 1265 C C3  . CN7 B 2 .   ? 5.366   15.640  0.600   1.00 36.73  ? 401 CN7 A C3  1 
HETATM 1266 C C9  . CN7 B 2 .   ? 3.595   9.601   1.912   1.00 30.13  ? 401 CN7 A C9  1 
HETATM 1267 C C11 . CN7 B 2 .   ? 5.003   14.414  1.113   1.00 36.27  ? 401 CN7 A C11 1 
HETATM 1268 C C12 . CN7 B 2 .   ? 5.132   11.322  1.270   1.00 31.51  ? 401 CN7 A C12 1 
HETATM 1269 C C14 . CN7 B 2 .   ? 3.045   8.458   6.295   1.00 33.33  ? 401 CN7 A C14 1 
HETATM 1270 C C16 . CN7 B 2 .   ? 3.093   6.218   5.423   1.00 29.54  ? 401 CN7 A C16 1 
HETATM 1271 C C18 . CN7 B 2 .   ? 4.485   13.435  0.294   1.00 34.33  ? 401 CN7 A C18 1 
HETATM 1272 C C19 . CN7 B 2 .   ? 4.115   12.173  0.884   1.00 32.00  ? 401 CN7 A C19 1 
HETATM 1273 C C23 . CN7 B 2 .   ? 2.605   7.512   5.376   1.00 30.74  ? 401 CN7 A C23 1 
HETATM 1274 C C25 . CN7 B 2 .   ? -0.837  11.715  0.930   1.00 34.82  ? 401 CN7 A C25 1 
HETATM 1275 C C27 . CN7 B 2 .   ? 0.343   16.086  3.172   1.00 51.68  ? 401 CN7 A C27 1 
HETATM 1276 C C29 . CN7 B 2 .   ? 0.016   17.565  3.302   1.00 53.04  ? 401 CN7 A C29 1 
HETATM 1277 C C30 . CN7 B 2 .   ? 3.831   12.686  -2.042  1.00 35.84  ? 401 CN7 A C30 1 
HETATM 1278 C C31 . CN7 B 2 .   ? 0.422   9.023   2.011   1.00 28.43  ? 401 CN7 A C31 1 
HETATM 1279 C C32 . CN7 B 2 .   ? -0.113  9.012   3.430   1.00 29.28  ? 401 CN7 A C32 1 
HETATM 1280 C C33 . CN7 B 2 .   ? 1.319   13.679  0.512   1.00 39.83  ? 401 CN7 A C33 1 
HETATM 1281 C C34 . CN7 B 2 .   ? 1.398   14.414  1.845   1.00 44.52  ? 401 CN7 A C34 1 
HETATM 1282 C C35 . CN7 B 2 .   ? 0.976   8.996   4.485   1.00 30.26  ? 401 CN7 A C35 1 
HETATM 1283 N N36 . CN7 B 2 .   ? 1.577   12.279  0.830   1.00 35.58  ? 401 CN7 A N36 1 
HETATM 1284 N N37 . CN7 B 2 .   ? 0.945   15.831  1.828   1.00 48.41  ? 401 CN7 A N37 1 
HETATM 1285 O O38 . CN7 B 2 .   ? -1.267  12.113  -0.140  1.00 35.73  ? 401 CN7 A O38 1 
HETATM 1286 O O39 . CN7 B 2 .   ? 1.220   18.308  3.113   1.00 53.02  ? 401 CN7 A O39 1 
HETATM 1287 O O40 . CN7 B 2 .   ? -1.632  11.442  1.985   1.00 36.33  ? 401 CN7 A O40 1 
HETATM 1288 O O41 . CN7 B 2 .   ? 1.701   7.775   4.351   1.00 32.46  ? 401 CN7 A O41 1 
HETATM 1289 O O   . HOH C 3 .   ? 6.942   -4.077  -10.301 1.00 37.81  ? 501 HOH A O   1 
HETATM 1290 O O   . HOH C 3 .   ? 4.788   -10.765 -2.571  1.00 38.46  ? 502 HOH A O   1 
HETATM 1291 O O   . HOH C 3 .   ? -10.752 -3.511  -22.708 1.00 47.00  ? 503 HOH A O   1 
HETATM 1292 O O   . HOH C 3 .   ? 9.807   2.414   -8.693  1.00 33.44  ? 504 HOH A O   1 
HETATM 1293 O O   . HOH C 3 .   ? 7.266   -11.828 -2.541  1.00 38.10  ? 505 HOH A O   1 
HETATM 1294 O O   . HOH C 3 .   ? -8.815  0.632   -26.422 1.00 49.52  ? 506 HOH A O   1 
HETATM 1295 O O   . HOH C 3 .   ? 0.783   -4.138  12.366  1.00 44.31  ? 507 HOH A O   1 
HETATM 1296 O O   . HOH C 3 .   ? -7.568  -11.292 -13.082 1.00 42.20  ? 508 HOH A O   1 
HETATM 1297 O O   . HOH C 3 .   ? -5.999  -0.324  -14.077 1.00 31.03  ? 509 HOH A O   1 
HETATM 1298 O O   . HOH C 3 .   ? 22.348  -1.762  7.120   1.00 59.68  ? 510 HOH A O   1 
HETATM 1299 O O   . HOH C 3 .   ? 1.731   -4.377  -14.001 1.00 43.04  ? 511 HOH A O   1 
HETATM 1300 O O   . HOH C 3 .   ? -7.967  -12.133 -3.046  1.00 48.85  ? 512 HOH A O   1 
HETATM 1301 O O   . HOH C 3 .   ? -12.995 -4.946  -3.471  1.00 36.60  ? 513 HOH A O   1 
HETATM 1302 O O   . HOH C 3 .   ? -13.673 -7.840  -0.990  1.00 42.20  ? 514 HOH A O   1 
HETATM 1303 O O   . HOH C 3 .   ? -14.621 7.520   -22.711 1.00 58.25  ? 515 HOH A O   1 
HETATM 1304 O O   . HOH C 3 .   ? -13.422 11.398  -3.438  1.00 56.92  ? 516 HOH A O   1 
HETATM 1305 O O   . HOH C 3 .   ? -8.701  4.620   -25.936 1.00 48.68  ? 517 HOH A O   1 
HETATM 1306 O O   . HOH C 3 .   ? -15.196 -1.797  -13.418 1.00 61.54  ? 518 HOH A O   1 
HETATM 1307 O O   . HOH C 3 .   ? 13.454  9.083   -9.418  1.00 54.95  ? 519 HOH A O   1 
HETATM 1308 O O   . HOH C 3 .   ? -8.326  11.891  4.362   1.00 48.97  ? 520 HOH A O   1 
HETATM 1309 O O   . HOH C 3 .   ? -2.692  0.814   11.895  1.00 58.19  ? 521 HOH A O   1 
HETATM 1310 O O   . HOH C 3 .   ? 6.704   -5.125  -7.791  1.00 36.92  ? 522 HOH A O   1 
HETATM 1311 O O   . HOH C 3 .   ? -5.953  -1.209  -25.093 1.00 56.06  ? 523 HOH A O   1 
HETATM 1312 O O   . HOH C 3 .   ? -11.955 -11.169 0.763   1.00 36.47  ? 524 HOH A O   1 
HETATM 1313 O O   . HOH C 3 .   ? -9.560  -12.151 -0.273  1.00 52.87  ? 525 HOH A O   1 
HETATM 1314 O O   . HOH C 3 .   ? -12.624 -2.794  -12.636 1.00 44.57  ? 526 HOH A O   1 
HETATM 1315 O O   . HOH C 3 .   ? 9.732   0.015   -7.451  1.00 44.15  ? 527 HOH A O   1 
HETATM 1316 O O   . HOH C 3 .   ? 3.499   9.146   -10.550 1.00 47.62  ? 528 HOH A O   1 
HETATM 1317 O O   . HOH C 3 .   ? 3.910   -11.181 -5.056  1.00 42.61  ? 529 HOH A O   1 
HETATM 1318 O O   . HOH C 3 .   ? 21.958  -9.611  7.330   1.00 53.93  ? 530 HOH A O   1 
HETATM 1319 O O   . HOH C 3 .   ? -10.202 3.295   -20.084 1.00 32.63  ? 531 HOH A O   1 
HETATM 1320 O O   . HOH C 3 .   ? -0.457  16.337  -0.517  1.00 64.57  ? 532 HOH A O   1 
HETATM 1321 O O   . HOH C 3 .   ? 1.757   -12.459 -6.422  1.00 47.25  ? 533 HOH A O   1 
HETATM 1322 O O   . HOH C 3 .   ? 16.091  9.070   2.887   1.00 44.01  ? 534 HOH A O   1 
HETATM 1323 O O   . HOH C 3 .   ? 13.673  2.835   -0.075  1.00 28.85  ? 535 HOH A O   1 
HETATM 1324 O O   . HOH C 3 .   ? 13.618  15.317  5.374   1.00 32.37  ? 536 HOH A O   1 
HETATM 1325 O O   . HOH C 3 .   ? -5.348  -11.584 3.738   1.00 37.04  ? 537 HOH A O   1 
HETATM 1326 O O   . HOH C 3 .   ? -13.790 4.525   -7.898  1.00 43.18  ? 538 HOH A O   1 
HETATM 1327 O O   . HOH C 3 .   ? -1.748  15.670  5.761   1.00 55.53  ? 539 HOH A O   1 
HETATM 1328 O O   . HOH C 3 .   ? -12.253 -13.054 2.766   1.00 44.64  ? 540 HOH A O   1 
HETATM 1329 O O   . HOH C 3 .   ? -4.761  -4.335  -14.128 1.00 47.20  ? 541 HOH A O   1 
HETATM 1330 O O   . HOH C 3 .   ? 17.187  2.896   2.326   1.00 41.82  ? 542 HOH A O   1 
HETATM 1331 O O   . HOH C 3 .   ? 13.458  13.564  12.244  1.00 51.64  ? 543 HOH A O   1 
HETATM 1332 O O   . HOH C 3 .   ? -3.170  5.093   -15.658 1.00 40.46  ? 544 HOH A O   1 
HETATM 1333 O O   . HOH C 3 .   ? 7.686   -9.570  7.263   1.00 42.25  ? 545 HOH A O   1 
HETATM 1334 O O   . HOH C 3 .   ? -0.636  11.957  -3.288  1.00 50.40  ? 546 HOH A O   1 
HETATM 1335 O O   . HOH C 3 .   ? -4.540  2.369   -18.575 1.00 43.27  ? 547 HOH A O   1 
HETATM 1336 O O   . HOH C 3 .   ? 14.868  14.452  0.063   1.00 42.31  ? 548 HOH A O   1 
HETATM 1337 O O   . HOH C 3 .   ? -6.808  10.355  2.332   1.00 37.78  ? 549 HOH A O   1 
HETATM 1338 O O   . HOH C 3 .   ? 3.189   4.382   -14.077 1.00 44.71  ? 550 HOH A O   1 
HETATM 1339 O O   . HOH C 3 .   ? -13.379 -7.774  -5.338  1.00 47.57  ? 551 HOH A O   1 
HETATM 1340 O O   . HOH C 3 .   ? 6.344   -1.197  -13.454 1.00 57.55  ? 552 HOH A O   1 
HETATM 1341 O O   . HOH C 3 .   ? 5.661   1.398   -13.997 1.00 37.76  ? 553 HOH A O   1 
HETATM 1342 O O   . HOH C 3 .   ? 4.478   -16.489 0.872   1.00 76.18  ? 554 HOH A O   1 
HETATM 1343 O O   . HOH C 3 .   ? 7.288   15.124  -8.830  1.00 59.73  ? 555 HOH A O   1 
HETATM 1344 O O   . HOH C 3 .   ? -5.101  14.582  -3.336  1.00 43.03  ? 556 HOH A O   1 
HETATM 1345 O O   . HOH C 3 .   ? 0.940   4.026   -15.858 1.00 61.03  ? 557 HOH A O   1 
HETATM 1346 O O   . HOH C 3 .   ? 11.867  7.706   15.083  1.00 50.14  ? 558 HOH A O   1 
HETATM 1347 O O   . HOH C 3 .   ? 9.515   14.336  -5.097  1.00 36.79  ? 559 HOH A O   1 
HETATM 1348 O O   . HOH C 3 .   ? -10.247 -19.189 3.396   1.00 51.87  ? 560 HOH A O   1 
HETATM 1349 O O   . HOH C 3 .   ? -15.688 5.078   6.799   1.00 52.08  ? 561 HOH A O   1 
HETATM 1350 O O   . HOH C 3 .   ? -10.467 9.016   -6.691  1.00 27.84  ? 562 HOH A O   1 
HETATM 1351 O O   . HOH C 3 .   ? -7.777  8.781   0.382   1.00 42.18  ? 563 HOH A O   1 
HETATM 1352 O O   . HOH C 3 .   ? 15.123  -4.112  -2.375  1.00 52.75  ? 564 HOH A O   1 
HETATM 1353 O O   . HOH C 3 .   ? -6.260  1.398   -27.047 1.00 69.30  ? 565 HOH A O   1 
HETATM 1354 O O   . HOH C 3 .   ? -2.459  14.706  -1.332  1.00 51.67  ? 566 HOH A O   1 
HETATM 1355 O O   . HOH C 3 .   ? -14.986 6.833   4.459   1.00 53.41  ? 567 HOH A O   1 
HETATM 1356 O O   . HOH C 3 .   ? -1.342  16.334  8.388   1.00 38.65  ? 568 HOH A O   1 
HETATM 1357 O O   . HOH C 3 .   ? -14.631 -9.864  -7.000  1.00 60.22  ? 569 HOH A O   1 
HETATM 1358 O O   . HOH C 3 .   ? 11.400  13.278  -7.176  1.00 38.06  ? 570 HOH A O   1 
HETATM 1359 O O   . HOH C 3 .   ? -10.490 2.586   -27.562 1.00 56.75  ? 571 HOH A O   1 
HETATM 1360 O O   . HOH C 3 .   ? 2.161   -7.045  -13.537 1.00 44.64  ? 572 HOH A O   1 
HETATM 1361 O O   . HOH C 3 .   ? -4.566  -0.294  -18.022 1.00 69.98  ? 573 HOH A O   1 
HETATM 1362 O O   . HOH C 3 .   ? -4.966  -10.785 9.257   1.00 37.59  ? 574 HOH A O   1 
HETATM 1363 O O   . HOH C 3 .   ? -12.780 7.995   -7.725  1.00 40.69  ? 575 HOH A O   1 
HETATM 1364 O O   . HOH C 3 .   ? -2.194  -1.778  -18.575 1.00 67.90  ? 576 HOH A O   1 
HETATM 1365 O O   . HOH C 3 .   ? -20.773 7.154   4.653   1.00 76.17  ? 577 HOH A O   1 
HETATM 1366 O O   . HOH C 3 .   ? 16.204  1.157   0.499   1.00 55.73  ? 578 HOH A O   1 
HETATM 1367 O O   . HOH C 3 .   ? -6.072  -0.867  15.441  1.00 66.01  ? 579 HOH A O   1 
HETATM 1368 O O   . HOH C 3 .   ? 10.914  10.369  14.829  1.00 45.28  ? 580 HOH A O   1 
HETATM 1369 O O   . HOH C 3 .   ? -0.376  10.204  -7.010  1.00 58.47  ? 581 HOH A O   1 
HETATM 1370 O O   . HOH C 3 .   ? 18.688  -4.710  0.848   1.00 37.54  ? 582 HOH A O   1 
HETATM 1371 O O   . HOH C 3 .   ? -1.106  -12.709 0.709   1.00 65.24  ? 583 HOH A O   1 
HETATM 1372 O O   . HOH C 3 .   ? 15.177  15.891  7.508   1.00 41.17  ? 584 HOH A O   1 
HETATM 1373 O O   . HOH C 3 .   ? -2.104  -11.892 3.620   1.00 57.49  ? 585 HOH A O   1 
HETATM 1374 O O   . HOH C 3 .   ? 12.173  12.699  -10.121 1.00 60.02  ? 586 HOH A O   1 
HETATM 1375 O O   . HOH C 3 .   ? -11.576 -1.844  -15.124 1.00 62.18  ? 587 HOH A O   1 
HETATM 1376 O O   . HOH C 3 .   ? 15.832  5.270   -3.395  1.00 52.48  ? 588 HOH A O   1 
HETATM 1377 O O   . HOH C 3 .   ? 17.046  -0.567  -1.467  1.00 60.22  ? 589 HOH A O   1 
HETATM 1378 O O   . HOH C 3 .   ? -3.748  16.738  1.407   1.00 64.89  ? 590 HOH A O   1 
HETATM 1379 O O   . HOH C 3 .   ? -13.020 5.914   -12.193 1.00 30.06  ? 591 HOH A O   1 
HETATM 1380 O O   . HOH C 3 .   ? 4.697   13.796  10.901  1.00 42.50  ? 592 HOH A O   1 
HETATM 1381 O O   . HOH C 3 .   ? -17.110 -3.543  -2.732  1.00 79.03  ? 593 HOH A O   1 
HETATM 1382 O O   . HOH C 3 .   ? 7.306   -11.807 8.759   1.00 48.69  ? 594 HOH A O   1 
HETATM 1383 O O   . HOH C 3 .   ? -7.334  12.719  -7.782  1.00 52.54  ? 595 HOH A O   1 
HETATM 1384 O O   . HOH C 3 .   ? -9.628  -3.161  -16.488 1.00 51.51  ? 596 HOH A O   1 
HETATM 1385 O O   . HOH C 3 .   ? 2.684   -2.825  14.609  1.00 51.96  ? 597 HOH A O   1 
HETATM 1386 O O   . HOH C 3 .   ? 21.353  -1.241  -0.213  1.00 45.21  ? 598 HOH A O   1 
HETATM 1387 O O   . HOH C 3 .   ? 13.830  2.747   -2.807  1.00 37.80  ? 599 HOH A O   1 
HETATM 1388 O O   . HOH C 3 .   ? -0.025  -3.398  -16.516 1.00 52.93  ? 600 HOH A O   1 
HETATM 1389 O O   . HOH C 3 .   ? 14.489  -13.763 -2.444  1.00 56.05  ? 601 HOH A O   1 
HETATM 1390 O O   . HOH C 3 .   ? 1.892   12.853  15.171  1.00 68.08  ? 602 HOH A O   1 
HETATM 1391 O O   . HOH C 3 .   ? -18.618 -2.379  5.363   1.00 71.29  ? 603 HOH A O   1 
HETATM 1392 O O   . HOH C 3 .   ? 15.588  4.588   0.793   1.00 40.35  ? 604 HOH A O   1 
HETATM 1393 O O   . HOH C 3 .   ? -15.562 -5.129  -0.853  1.00 68.08  ? 605 HOH A O   1 
HETATM 1394 O O   . HOH C 3 .   ? 12.445  -10.132 3.292   1.00 69.35  ? 606 HOH A O   1 
HETATM 1395 O O   . HOH C 3 .   ? 15.974  0.914   -3.799  1.00 63.27  ? 607 HOH A O   1 
HETATM 1396 O O   . HOH C 3 .   ? 6.483   11.791  11.292  1.00 32.91  ? 608 HOH A O   1 
# 
